data_1MXI
# 
_entry.id   1MXI 
# 
_audit_conform.dict_name       mmcif_pdbx.dic 
_audit_conform.dict_version    5.386 
_audit_conform.dict_location   http://mmcif.pdb.org/dictionaries/ascii/mmcif_pdbx.dic 
# 
loop_
_database_2.database_id 
_database_2.database_code 
_database_2.pdbx_database_accession 
_database_2.pdbx_DOI 
PDB   1MXI         pdb_00001mxi 10.2210/pdb1mxi/pdb 
RCSB  RCSB017280   ?            ?                   
WWPDB D_1000017280 ?            ?                   
# 
loop_
_pdbx_audit_revision_history.ordinal 
_pdbx_audit_revision_history.data_content_type 
_pdbx_audit_revision_history.major_revision 
_pdbx_audit_revision_history.minor_revision 
_pdbx_audit_revision_history.revision_date 
1 'Structure model' 1 0 2003-02-25 
2 'Structure model' 1 1 2008-04-28 
3 'Structure model' 1 2 2011-07-13 
4 'Structure model' 1 3 2024-02-14 
# 
_pdbx_audit_revision_details.ordinal             1 
_pdbx_audit_revision_details.revision_ordinal    1 
_pdbx_audit_revision_details.data_content_type   'Structure model' 
_pdbx_audit_revision_details.provider            repository 
_pdbx_audit_revision_details.type                'Initial release' 
_pdbx_audit_revision_details.description         ? 
_pdbx_audit_revision_details.details             ? 
# 
loop_
_pdbx_audit_revision_group.ordinal 
_pdbx_audit_revision_group.revision_ordinal 
_pdbx_audit_revision_group.data_content_type 
_pdbx_audit_revision_group.group 
1 2 'Structure model' 'Version format compliance' 
2 3 'Structure model' 'Version format compliance' 
3 4 'Structure model' 'Data collection'           
4 4 'Structure model' 'Database references'       
5 4 'Structure model' 'Derived calculations'      
6 4 'Structure model' 'Refinement description'    
# 
loop_
_pdbx_audit_revision_category.ordinal 
_pdbx_audit_revision_category.revision_ordinal 
_pdbx_audit_revision_category.data_content_type 
_pdbx_audit_revision_category.category 
1 4 'Structure model' chem_comp_atom                
2 4 'Structure model' chem_comp_bond                
3 4 'Structure model' database_2                    
4 4 'Structure model' pdbx_initial_refinement_model 
5 4 'Structure model' struct_site                   
# 
loop_
_pdbx_audit_revision_item.ordinal 
_pdbx_audit_revision_item.revision_ordinal 
_pdbx_audit_revision_item.data_content_type 
_pdbx_audit_revision_item.item 
1 4 'Structure model' '_database_2.pdbx_DOI'                
2 4 'Structure model' '_database_2.pdbx_database_accession' 
3 4 'Structure model' '_struct_site.pdbx_auth_asym_id'      
4 4 'Structure model' '_struct_site.pdbx_auth_comp_id'      
5 4 'Structure model' '_struct_site.pdbx_auth_seq_id'       
# 
_pdbx_database_status.status_code                     REL 
_pdbx_database_status.entry_id                        1MXI 
_pdbx_database_status.recvd_initial_deposition_date   2002-10-02 
_pdbx_database_status.deposit_site                    RCSB 
_pdbx_database_status.process_site                    RCSB 
_pdbx_database_status.status_code_sf                  REL 
_pdbx_database_status.SG_entry                        Y 
_pdbx_database_status.pdb_format_compatible           Y 
_pdbx_database_status.status_code_mr                  ? 
_pdbx_database_status.status_code_cs                  ? 
_pdbx_database_status.status_code_nmr_data            ? 
_pdbx_database_status.methods_development_category    ? 
# 
loop_
_pdbx_database_related.db_name 
_pdbx_database_related.db_id 
_pdbx_database_related.details 
_pdbx_database_related.content_type 
PDB      1j85   
'1J85 IS YibK methyltransferase from Haemophilius influenzae (HI0766), apo-methyltransferase with a knot-containing fold' 
unspecified 
TargetDB HI0766 . unspecified 
# 
loop_
_audit_author.name 
_audit_author.pdbx_ordinal 
'Lim, K.'                            1 
'Zhang, H.'                          2 
'Tempczyk, A.'                       3 
'Bonander, N.'                       4 
'Toedt, J.'                          5 
'Howard, A.'                         6 
'Eisenstein, E.'                     7 
'Herzberg, O.'                       8 
'Structure 2 Function Project (S2F)' 9 
# 
_citation.id                        primary 
_citation.title                     
'Structure of the YibK methyltransferase from Haemophilus influenzae (HI0766): a Cofactor Bound at a Site Formed by a Knot' 
_citation.journal_abbrev            Proteins 
_citation.journal_volume            51 
_citation.page_first                56 
_citation.page_last                 67 
_citation.year                      2003 
_citation.journal_id_ASTM           PSFGEY 
_citation.country                   US 
_citation.journal_id_ISSN           0887-3585 
_citation.journal_id_CSD            0867 
_citation.book_publisher            ? 
_citation.pdbx_database_id_PubMed   12596263 
_citation.pdbx_database_id_DOI      10.1002/prot.10323 
# 
loop_
_citation_author.citation_id 
_citation_author.name 
_citation_author.ordinal 
_citation_author.identifier_ORCID 
primary 'Lim, K.'        1 ? 
primary 'Zhang, H.'      2 ? 
primary 'Tempczyk, A.'   3 ? 
primary 'Krajewski, W.'  4 ? 
primary 'Bonander, N.'   5 ? 
primary 'Toedt, J.'      6 ? 
primary 'Howard, A.'     7 ? 
primary 'Eisenstein, E.' 8 ? 
primary 'Herzberg, O.'   9 ? 
# 
loop_
_entity.id 
_entity.type 
_entity.src_method 
_entity.pdbx_description 
_entity.formula_weight 
_entity.pdbx_number_of_molecules 
_entity.pdbx_ec 
_entity.pdbx_mutation 
_entity.pdbx_fragment 
_entity.details 
1 polymer     man 'Hypothetical tRNA/rRNA methyltransferase HI0766' 18427.414 1   2.1.1.- ? ? ? 
2 non-polymer syn 'IODIDE ION'                                      126.904   1   ?       ? ? ? 
3 non-polymer syn S-ADENOSYL-L-HOMOCYSTEINE                         384.411   1   ?       ? ? ? 
4 water       nat water                                             18.015    153 ?       ? ? ? 
# 
_entity_name_com.entity_id   1 
_entity_name_com.name        yibK 
# 
_entity_poly.entity_id                      1 
_entity_poly.type                           'polypeptide(L)' 
_entity_poly.nstd_linkage                   no 
_entity_poly.nstd_monomer                   no 
_entity_poly.pdbx_seq_one_letter_code       
;MLDIVLYEPEIPQNTGNIIRLCANTGFRLHLIEPLGFTWDDKRLRRSGLDYHEFAEIKRHKTFEAFLESEKPKRLFALTT
KGCPAHSQVKFKLGDYLMFGPETRGIPMSILNEMPMEQKIRIPMTANSRSMNLSNSVAVTVYEAWRQLGYKGAVNLPEVK
;
_entity_poly.pdbx_seq_one_letter_code_can   
;MLDIVLYEPEIPQNTGNIIRLCANTGFRLHLIEPLGFTWDDKRLRRSGLDYHEFAEIKRHKTFEAFLESEKPKRLFALTT
KGCPAHSQVKFKLGDYLMFGPETRGIPMSILNEMPMEQKIRIPMTANSRSMNLSNSVAVTVYEAWRQLGYKGAVNLPEVK
;
_entity_poly.pdbx_strand_id                 A 
_entity_poly.pdbx_target_identifier         HI0766 
# 
loop_
_pdbx_entity_nonpoly.entity_id 
_pdbx_entity_nonpoly.name 
_pdbx_entity_nonpoly.comp_id 
2 'IODIDE ION'              IOD 
3 S-ADENOSYL-L-HOMOCYSTEINE SAH 
4 water                     HOH 
# 
loop_
_entity_poly_seq.entity_id 
_entity_poly_seq.num 
_entity_poly_seq.mon_id 
_entity_poly_seq.hetero 
1 1   MET n 
1 2   LEU n 
1 3   ASP n 
1 4   ILE n 
1 5   VAL n 
1 6   LEU n 
1 7   TYR n 
1 8   GLU n 
1 9   PRO n 
1 10  GLU n 
1 11  ILE n 
1 12  PRO n 
1 13  GLN n 
1 14  ASN n 
1 15  THR n 
1 16  GLY n 
1 17  ASN n 
1 18  ILE n 
1 19  ILE n 
1 20  ARG n 
1 21  LEU n 
1 22  CYS n 
1 23  ALA n 
1 24  ASN n 
1 25  THR n 
1 26  GLY n 
1 27  PHE n 
1 28  ARG n 
1 29  LEU n 
1 30  HIS n 
1 31  LEU n 
1 32  ILE n 
1 33  GLU n 
1 34  PRO n 
1 35  LEU n 
1 36  GLY n 
1 37  PHE n 
1 38  THR n 
1 39  TRP n 
1 40  ASP n 
1 41  ASP n 
1 42  LYS n 
1 43  ARG n 
1 44  LEU n 
1 45  ARG n 
1 46  ARG n 
1 47  SER n 
1 48  GLY n 
1 49  LEU n 
1 50  ASP n 
1 51  TYR n 
1 52  HIS n 
1 53  GLU n 
1 54  PHE n 
1 55  ALA n 
1 56  GLU n 
1 57  ILE n 
1 58  LYS n 
1 59  ARG n 
1 60  HIS n 
1 61  LYS n 
1 62  THR n 
1 63  PHE n 
1 64  GLU n 
1 65  ALA n 
1 66  PHE n 
1 67  LEU n 
1 68  GLU n 
1 69  SER n 
1 70  GLU n 
1 71  LYS n 
1 72  PRO n 
1 73  LYS n 
1 74  ARG n 
1 75  LEU n 
1 76  PHE n 
1 77  ALA n 
1 78  LEU n 
1 79  THR n 
1 80  THR n 
1 81  LYS n 
1 82  GLY n 
1 83  CYS n 
1 84  PRO n 
1 85  ALA n 
1 86  HIS n 
1 87  SER n 
1 88  GLN n 
1 89  VAL n 
1 90  LYS n 
1 91  PHE n 
1 92  LYS n 
1 93  LEU n 
1 94  GLY n 
1 95  ASP n 
1 96  TYR n 
1 97  LEU n 
1 98  MET n 
1 99  PHE n 
1 100 GLY n 
1 101 PRO n 
1 102 GLU n 
1 103 THR n 
1 104 ARG n 
1 105 GLY n 
1 106 ILE n 
1 107 PRO n 
1 108 MET n 
1 109 SER n 
1 110 ILE n 
1 111 LEU n 
1 112 ASN n 
1 113 GLU n 
1 114 MET n 
1 115 PRO n 
1 116 MET n 
1 117 GLU n 
1 118 GLN n 
1 119 LYS n 
1 120 ILE n 
1 121 ARG n 
1 122 ILE n 
1 123 PRO n 
1 124 MET n 
1 125 THR n 
1 126 ALA n 
1 127 ASN n 
1 128 SER n 
1 129 ARG n 
1 130 SER n 
1 131 MET n 
1 132 ASN n 
1 133 LEU n 
1 134 SER n 
1 135 ASN n 
1 136 SER n 
1 137 VAL n 
1 138 ALA n 
1 139 VAL n 
1 140 THR n 
1 141 VAL n 
1 142 TYR n 
1 143 GLU n 
1 144 ALA n 
1 145 TRP n 
1 146 ARG n 
1 147 GLN n 
1 148 LEU n 
1 149 GLY n 
1 150 TYR n 
1 151 LYS n 
1 152 GLY n 
1 153 ALA n 
1 154 VAL n 
1 155 ASN n 
1 156 LEU n 
1 157 PRO n 
1 158 GLU n 
1 159 VAL n 
1 160 LYS n 
# 
_entity_src_gen.entity_id                          1 
_entity_src_gen.pdbx_src_id                        1 
_entity_src_gen.pdbx_alt_source_flag               sample 
_entity_src_gen.pdbx_seq_type                      ? 
_entity_src_gen.pdbx_beg_seq_num                   ? 
_entity_src_gen.pdbx_end_seq_num                   ? 
_entity_src_gen.gene_src_common_name               ? 
_entity_src_gen.gene_src_genus                     Haemophilus 
_entity_src_gen.pdbx_gene_src_gene                 HI0766 
_entity_src_gen.gene_src_species                   ? 
_entity_src_gen.gene_src_strain                    ? 
_entity_src_gen.gene_src_tissue                    ? 
_entity_src_gen.gene_src_tissue_fraction           ? 
_entity_src_gen.gene_src_details                   ? 
_entity_src_gen.pdbx_gene_src_fragment             ? 
_entity_src_gen.pdbx_gene_src_scientific_name      'Haemophilus influenzae' 
_entity_src_gen.pdbx_gene_src_ncbi_taxonomy_id     727 
_entity_src_gen.pdbx_gene_src_variant              ? 
_entity_src_gen.pdbx_gene_src_cell_line            ? 
_entity_src_gen.pdbx_gene_src_atcc                 ? 
_entity_src_gen.pdbx_gene_src_organ                ? 
_entity_src_gen.pdbx_gene_src_organelle            ? 
_entity_src_gen.pdbx_gene_src_cell                 ? 
_entity_src_gen.pdbx_gene_src_cellular_location    ? 
_entity_src_gen.host_org_common_name               ? 
_entity_src_gen.pdbx_host_org_scientific_name      'Escherichia coli BL21(DE3)' 
_entity_src_gen.pdbx_host_org_ncbi_taxonomy_id     469008 
_entity_src_gen.host_org_genus                     Escherichia 
_entity_src_gen.pdbx_host_org_gene                 ? 
_entity_src_gen.pdbx_host_org_organ                ? 
_entity_src_gen.host_org_species                   'Escherichia coli' 
_entity_src_gen.pdbx_host_org_tissue               ? 
_entity_src_gen.pdbx_host_org_tissue_fraction      ? 
_entity_src_gen.pdbx_host_org_strain               'BL21(DE3)' 
_entity_src_gen.pdbx_host_org_variant              ? 
_entity_src_gen.pdbx_host_org_cell_line            ? 
_entity_src_gen.pdbx_host_org_atcc                 ? 
_entity_src_gen.pdbx_host_org_culture_collection   ? 
_entity_src_gen.pdbx_host_org_cell                 ? 
_entity_src_gen.pdbx_host_org_organelle            ? 
_entity_src_gen.pdbx_host_org_cellular_location    ? 
_entity_src_gen.pdbx_host_org_vector_type          PLASMID 
_entity_src_gen.pdbx_host_org_vector               ? 
_entity_src_gen.host_org_details                   ? 
_entity_src_gen.expression_system_id               ? 
_entity_src_gen.plasmid_name                       PET17B 
_entity_src_gen.plasmid_details                    ? 
_entity_src_gen.pdbx_description                   ? 
# 
loop_
_chem_comp.id 
_chem_comp.type 
_chem_comp.mon_nstd_flag 
_chem_comp.name 
_chem_comp.pdbx_synonyms 
_chem_comp.formula 
_chem_comp.formula_weight 
ALA 'L-peptide linking' y ALANINE                   ? 'C3 H7 N O2'      89.093  
ARG 'L-peptide linking' y ARGININE                  ? 'C6 H15 N4 O2 1'  175.209 
ASN 'L-peptide linking' y ASPARAGINE                ? 'C4 H8 N2 O3'     132.118 
ASP 'L-peptide linking' y 'ASPARTIC ACID'           ? 'C4 H7 N O4'      133.103 
CYS 'L-peptide linking' y CYSTEINE                  ? 'C3 H7 N O2 S'    121.158 
GLN 'L-peptide linking' y GLUTAMINE                 ? 'C5 H10 N2 O3'    146.144 
GLU 'L-peptide linking' y 'GLUTAMIC ACID'           ? 'C5 H9 N O4'      147.129 
GLY 'peptide linking'   y GLYCINE                   ? 'C2 H5 N O2'      75.067  
HIS 'L-peptide linking' y HISTIDINE                 ? 'C6 H10 N3 O2 1'  156.162 
HOH non-polymer         . WATER                     ? 'H2 O'            18.015  
ILE 'L-peptide linking' y ISOLEUCINE                ? 'C6 H13 N O2'     131.173 
IOD non-polymer         . 'IODIDE ION'              ? 'I -1'            126.904 
LEU 'L-peptide linking' y LEUCINE                   ? 'C6 H13 N O2'     131.173 
LYS 'L-peptide linking' y LYSINE                    ? 'C6 H15 N2 O2 1'  147.195 
MET 'L-peptide linking' y METHIONINE                ? 'C5 H11 N O2 S'   149.211 
PHE 'L-peptide linking' y PHENYLALANINE             ? 'C9 H11 N O2'     165.189 
PRO 'L-peptide linking' y PROLINE                   ? 'C5 H9 N O2'      115.130 
SAH 'L-peptide linking' n S-ADENOSYL-L-HOMOCYSTEINE ? 'C14 H20 N6 O5 S' 384.411 
SER 'L-peptide linking' y SERINE                    ? 'C3 H7 N O3'      105.093 
THR 'L-peptide linking' y THREONINE                 ? 'C4 H9 N O3'      119.119 
TRP 'L-peptide linking' y TRYPTOPHAN                ? 'C11 H12 N2 O2'   204.225 
TYR 'L-peptide linking' y TYROSINE                  ? 'C9 H11 N O3'     181.189 
VAL 'L-peptide linking' y VALINE                    ? 'C5 H11 N O2'     117.146 
# 
loop_
_pdbx_poly_seq_scheme.asym_id 
_pdbx_poly_seq_scheme.entity_id 
_pdbx_poly_seq_scheme.seq_id 
_pdbx_poly_seq_scheme.mon_id 
_pdbx_poly_seq_scheme.ndb_seq_num 
_pdbx_poly_seq_scheme.pdb_seq_num 
_pdbx_poly_seq_scheme.auth_seq_num 
_pdbx_poly_seq_scheme.pdb_mon_id 
_pdbx_poly_seq_scheme.auth_mon_id 
_pdbx_poly_seq_scheme.pdb_strand_id 
_pdbx_poly_seq_scheme.pdb_ins_code 
_pdbx_poly_seq_scheme.hetero 
A 1 1   MET 1   1   1   MET MET A . n 
A 1 2   LEU 2   2   2   LEU LEU A . n 
A 1 3   ASP 3   3   3   ASP ASP A . n 
A 1 4   ILE 4   4   4   ILE ILE A . n 
A 1 5   VAL 5   5   5   VAL VAL A . n 
A 1 6   LEU 6   6   6   LEU LEU A . n 
A 1 7   TYR 7   7   7   TYR TYR A . n 
A 1 8   GLU 8   8   8   GLU GLU A . n 
A 1 9   PRO 9   9   9   PRO PRO A . n 
A 1 10  GLU 10  10  10  GLU GLU A . n 
A 1 11  ILE 11  11  11  ILE ILE A . n 
A 1 12  PRO 12  12  12  PRO PRO A . n 
A 1 13  GLN 13  13  13  GLN GLN A . n 
A 1 14  ASN 14  14  14  ASN ASN A . n 
A 1 15  THR 15  15  15  THR THR A . n 
A 1 16  GLY 16  16  16  GLY GLY A . n 
A 1 17  ASN 17  17  17  ASN ASN A . n 
A 1 18  ILE 18  18  18  ILE ILE A . n 
A 1 19  ILE 19  19  19  ILE ILE A . n 
A 1 20  ARG 20  20  20  ARG ARG A . n 
A 1 21  LEU 21  21  21  LEU LEU A . n 
A 1 22  CYS 22  22  22  CYS CYS A . n 
A 1 23  ALA 23  23  23  ALA ALA A . n 
A 1 24  ASN 24  24  24  ASN ASN A . n 
A 1 25  THR 25  25  25  THR THR A . n 
A 1 26  GLY 26  26  26  GLY GLY A . n 
A 1 27  PHE 27  27  27  PHE PHE A . n 
A 1 28  ARG 28  28  28  ARG ARG A . n 
A 1 29  LEU 29  29  29  LEU LEU A . n 
A 1 30  HIS 30  30  30  HIS HIS A . n 
A 1 31  LEU 31  31  31  LEU LEU A . n 
A 1 32  ILE 32  32  32  ILE ILE A . n 
A 1 33  GLU 33  33  33  GLU GLU A . n 
A 1 34  PRO 34  34  34  PRO PRO A . n 
A 1 35  LEU 35  35  35  LEU LEU A . n 
A 1 36  GLY 36  36  36  GLY GLY A . n 
A 1 37  PHE 37  37  37  PHE PHE A . n 
A 1 38  THR 38  38  38  THR THR A . n 
A 1 39  TRP 39  39  39  TRP TRP A . n 
A 1 40  ASP 40  40  40  ASP ASP A . n 
A 1 41  ASP 41  41  41  ASP ASP A . n 
A 1 42  LYS 42  42  42  LYS LYS A . n 
A 1 43  ARG 43  43  43  ARG ARG A . n 
A 1 44  LEU 44  44  44  LEU LEU A . n 
A 1 45  ARG 45  45  45  ARG ARG A . n 
A 1 46  ARG 46  46  46  ARG ARG A . n 
A 1 47  SER 47  47  47  SER SER A . n 
A 1 48  GLY 48  48  48  GLY GLY A . n 
A 1 49  LEU 49  49  49  LEU LEU A . n 
A 1 50  ASP 50  50  50  ASP ASP A . n 
A 1 51  TYR 51  51  51  TYR TYR A . n 
A 1 52  HIS 52  52  52  HIS HIS A . n 
A 1 53  GLU 53  53  53  GLU GLU A . n 
A 1 54  PHE 54  54  54  PHE PHE A . n 
A 1 55  ALA 55  55  55  ALA ALA A . n 
A 1 56  GLU 56  56  56  GLU GLU A . n 
A 1 57  ILE 57  57  57  ILE ILE A . n 
A 1 58  LYS 58  58  58  LYS LYS A . n 
A 1 59  ARG 59  59  59  ARG ARG A . n 
A 1 60  HIS 60  60  60  HIS HIS A . n 
A 1 61  LYS 61  61  61  LYS LYS A . n 
A 1 62  THR 62  62  62  THR THR A . n 
A 1 63  PHE 63  63  63  PHE PHE A . n 
A 1 64  GLU 64  64  64  GLU GLU A . n 
A 1 65  ALA 65  65  65  ALA ALA A . n 
A 1 66  PHE 66  66  66  PHE PHE A . n 
A 1 67  LEU 67  67  67  LEU LEU A . n 
A 1 68  GLU 68  68  68  GLU GLU A . n 
A 1 69  SER 69  69  69  SER SER A . n 
A 1 70  GLU 70  70  70  GLU GLU A . n 
A 1 71  LYS 71  71  71  LYS LYS A . n 
A 1 72  PRO 72  72  72  PRO PRO A . n 
A 1 73  LYS 73  73  73  LYS LYS A . n 
A 1 74  ARG 74  74  74  ARG ARG A . n 
A 1 75  LEU 75  75  75  LEU LEU A . n 
A 1 76  PHE 76  76  76  PHE PHE A . n 
A 1 77  ALA 77  77  77  ALA ALA A . n 
A 1 78  LEU 78  78  78  LEU LEU A . n 
A 1 79  THR 79  79  79  THR THR A . n 
A 1 80  THR 80  80  80  THR THR A . n 
A 1 81  LYS 81  81  81  LYS LYS A . n 
A 1 82  GLY 82  82  82  GLY GLY A . n 
A 1 83  CYS 83  83  83  CYS CYS A . n 
A 1 84  PRO 84  84  84  PRO PRO A . n 
A 1 85  ALA 85  85  85  ALA ALA A . n 
A 1 86  HIS 86  86  86  HIS HIS A . n 
A 1 87  SER 87  87  87  SER SER A . n 
A 1 88  GLN 88  88  88  GLN GLN A . n 
A 1 89  VAL 89  89  89  VAL VAL A . n 
A 1 90  LYS 90  90  90  LYS LYS A . n 
A 1 91  PHE 91  91  91  PHE PHE A . n 
A 1 92  LYS 92  92  92  LYS LYS A . n 
A 1 93  LEU 93  93  93  LEU LEU A . n 
A 1 94  GLY 94  94  94  GLY GLY A . n 
A 1 95  ASP 95  95  95  ASP ASP A . n 
A 1 96  TYR 96  96  96  TYR TYR A . n 
A 1 97  LEU 97  97  97  LEU LEU A . n 
A 1 98  MET 98  98  98  MET MET A . n 
A 1 99  PHE 99  99  99  PHE PHE A . n 
A 1 100 GLY 100 100 100 GLY GLY A . n 
A 1 101 PRO 101 101 101 PRO PRO A . n 
A 1 102 GLU 102 102 102 GLU GLU A . n 
A 1 103 THR 103 103 103 THR THR A . n 
A 1 104 ARG 104 104 104 ARG ARG A . n 
A 1 105 GLY 105 105 105 GLY GLY A . n 
A 1 106 ILE 106 106 106 ILE ILE A . n 
A 1 107 PRO 107 107 107 PRO PRO A . n 
A 1 108 MET 108 108 108 MET MET A . n 
A 1 109 SER 109 109 109 SER SER A . n 
A 1 110 ILE 110 110 110 ILE ILE A . n 
A 1 111 LEU 111 111 111 LEU LEU A . n 
A 1 112 ASN 112 112 112 ASN ASN A . n 
A 1 113 GLU 113 113 113 GLU GLU A . n 
A 1 114 MET 114 114 114 MET MET A . n 
A 1 115 PRO 115 115 115 PRO PRO A . n 
A 1 116 MET 116 116 116 MET MET A . n 
A 1 117 GLU 117 117 117 GLU GLU A . n 
A 1 118 GLN 118 118 118 GLN GLN A . n 
A 1 119 LYS 119 119 119 LYS LYS A . n 
A 1 120 ILE 120 120 120 ILE ILE A . n 
A 1 121 ARG 121 121 121 ARG ARG A . n 
A 1 122 ILE 122 122 122 ILE ILE A . n 
A 1 123 PRO 123 123 123 PRO PRO A . n 
A 1 124 MET 124 124 124 MET MET A . n 
A 1 125 THR 125 125 125 THR THR A . n 
A 1 126 ALA 126 126 126 ALA ALA A . n 
A 1 127 ASN 127 127 127 ASN ASN A . n 
A 1 128 SER 128 128 128 SER SER A . n 
A 1 129 ARG 129 129 129 ARG ARG A . n 
A 1 130 SER 130 130 130 SER SER A . n 
A 1 131 MET 131 131 131 MET MET A . n 
A 1 132 ASN 132 132 132 ASN ASN A . n 
A 1 133 LEU 133 133 133 LEU LEU A . n 
A 1 134 SER 134 134 134 SER SER A . n 
A 1 135 ASN 135 135 135 ASN ASN A . n 
A 1 136 SER 136 136 136 SER SER A . n 
A 1 137 VAL 137 137 137 VAL VAL A . n 
A 1 138 ALA 138 138 138 ALA ALA A . n 
A 1 139 VAL 139 139 139 VAL VAL A . n 
A 1 140 THR 140 140 140 THR THR A . n 
A 1 141 VAL 141 141 141 VAL VAL A . n 
A 1 142 TYR 142 142 142 TYR TYR A . n 
A 1 143 GLU 143 143 143 GLU GLU A . n 
A 1 144 ALA 144 144 144 ALA ALA A . n 
A 1 145 TRP 145 145 145 TRP TRP A . n 
A 1 146 ARG 146 146 146 ARG ARG A . n 
A 1 147 GLN 147 147 147 GLN GLN A . n 
A 1 148 LEU 148 148 148 LEU LEU A . n 
A 1 149 GLY 149 149 149 GLY GLY A . n 
A 1 150 TYR 150 150 150 TYR TYR A . n 
A 1 151 LYS 151 151 151 LYS LYS A . n 
A 1 152 GLY 152 152 152 GLY GLY A . n 
A 1 153 ALA 153 153 153 ALA ALA A . n 
A 1 154 VAL 154 154 154 VAL VAL A . n 
A 1 155 ASN 155 155 155 ASN ASN A . n 
A 1 156 LEU 156 156 156 LEU LEU A . n 
A 1 157 PRO 157 157 ?   ?   ?   A . n 
A 1 158 GLU 158 158 ?   ?   ?   A . n 
A 1 159 VAL 159 159 ?   ?   ?   A . n 
A 1 160 LYS 160 160 ?   ?   ?   A . n 
# 
loop_
_pdbx_nonpoly_scheme.asym_id 
_pdbx_nonpoly_scheme.entity_id 
_pdbx_nonpoly_scheme.mon_id 
_pdbx_nonpoly_scheme.ndb_seq_num 
_pdbx_nonpoly_scheme.pdb_seq_num 
_pdbx_nonpoly_scheme.auth_seq_num 
_pdbx_nonpoly_scheme.pdb_mon_id 
_pdbx_nonpoly_scheme.auth_mon_id 
_pdbx_nonpoly_scheme.pdb_strand_id 
_pdbx_nonpoly_scheme.pdb_ins_code 
B 2 IOD 1   2001 2001 IOD I1  A . 
C 3 SAH 1   302  302  SAH SAH A . 
D 4 HOH 1   1001 1001 HOH WAT A . 
D 4 HOH 2   1002 1002 HOH WAT A . 
D 4 HOH 3   1003 1003 HOH WAT A . 
D 4 HOH 4   1004 1004 HOH WAT A . 
D 4 HOH 5   1005 1005 HOH WAT A . 
D 4 HOH 6   1006 1006 HOH WAT A . 
D 4 HOH 7   1007 1007 HOH WAT A . 
D 4 HOH 8   1008 1008 HOH WAT A . 
D 4 HOH 9   1009 1009 HOH WAT A . 
D 4 HOH 10  1010 1010 HOH WAT A . 
D 4 HOH 11  1011 1011 HOH WAT A . 
D 4 HOH 12  1012 1012 HOH WAT A . 
D 4 HOH 13  1013 1013 HOH WAT A . 
D 4 HOH 14  1014 1014 HOH WAT A . 
D 4 HOH 15  1015 1015 HOH WAT A . 
D 4 HOH 16  1016 1016 HOH WAT A . 
D 4 HOH 17  1017 1017 HOH WAT A . 
D 4 HOH 18  1018 1018 HOH WAT A . 
D 4 HOH 19  1019 1019 HOH WAT A . 
D 4 HOH 20  1020 1020 HOH WAT A . 
D 4 HOH 21  1021 1021 HOH WAT A . 
D 4 HOH 22  1022 1022 HOH WAT A . 
D 4 HOH 23  1023 1023 HOH WAT A . 
D 4 HOH 24  1024 1024 HOH WAT A . 
D 4 HOH 25  1025 1025 HOH WAT A . 
D 4 HOH 26  1026 1026 HOH WAT A . 
D 4 HOH 27  1027 1027 HOH WAT A . 
D 4 HOH 28  1028 1028 HOH WAT A . 
D 4 HOH 29  1029 1029 HOH WAT A . 
D 4 HOH 30  1030 1030 HOH WAT A . 
D 4 HOH 31  1031 1031 HOH WAT A . 
D 4 HOH 32  1032 1032 HOH WAT A . 
D 4 HOH 33  1033 1033 HOH WAT A . 
D 4 HOH 34  1034 1034 HOH WAT A . 
D 4 HOH 35  1035 1035 HOH WAT A . 
D 4 HOH 36  1036 1036 HOH WAT A . 
D 4 HOH 37  1037 1037 HOH WAT A . 
D 4 HOH 38  1038 1038 HOH WAT A . 
D 4 HOH 39  1039 1039 HOH WAT A . 
D 4 HOH 40  1040 1040 HOH WAT A . 
D 4 HOH 41  1041 1041 HOH WAT A . 
D 4 HOH 42  1042 1042 HOH WAT A . 
D 4 HOH 43  1043 1043 HOH WAT A . 
D 4 HOH 44  1044 1044 HOH WAT A . 
D 4 HOH 45  1045 1045 HOH WAT A . 
D 4 HOH 46  1046 1046 HOH WAT A . 
D 4 HOH 47  1047 1047 HOH WAT A . 
D 4 HOH 48  1048 1048 HOH WAT A . 
D 4 HOH 49  1049 1049 HOH WAT A . 
D 4 HOH 50  1050 1050 HOH WAT A . 
D 4 HOH 51  1051 1051 HOH WAT A . 
D 4 HOH 52  1052 1052 HOH WAT A . 
D 4 HOH 53  1053 1053 HOH WAT A . 
D 4 HOH 54  1054 1054 HOH WAT A . 
D 4 HOH 55  1055 1055 HOH WAT A . 
D 4 HOH 56  1056 1056 HOH WAT A . 
D 4 HOH 57  1057 1057 HOH WAT A . 
D 4 HOH 58  1058 1058 HOH WAT A . 
D 4 HOH 59  1059 1059 HOH WAT A . 
D 4 HOH 60  1060 1060 HOH WAT A . 
D 4 HOH 61  1061 1061 HOH WAT A . 
D 4 HOH 62  1062 1062 HOH WAT A . 
D 4 HOH 63  1063 1063 HOH WAT A . 
D 4 HOH 64  1064 1064 HOH WAT A . 
D 4 HOH 65  1065 1065 HOH WAT A . 
D 4 HOH 66  1066 1066 HOH WAT A . 
D 4 HOH 67  1067 1067 HOH WAT A . 
D 4 HOH 68  1068 1068 HOH WAT A . 
D 4 HOH 69  1069 1069 HOH WAT A . 
D 4 HOH 70  1070 1070 HOH WAT A . 
D 4 HOH 71  1071 1071 HOH WAT A . 
D 4 HOH 72  1072 1072 HOH WAT A . 
D 4 HOH 73  1073 1073 HOH WAT A . 
D 4 HOH 74  1074 1074 HOH WAT A . 
D 4 HOH 75  1075 1075 HOH WAT A . 
D 4 HOH 76  1076 1076 HOH WAT A . 
D 4 HOH 77  1077 1077 HOH WAT A . 
D 4 HOH 78  1078 1078 HOH WAT A . 
D 4 HOH 79  1079 1079 HOH WAT A . 
D 4 HOH 80  1080 1080 HOH WAT A . 
D 4 HOH 81  1081 1081 HOH WAT A . 
D 4 HOH 82  1082 1082 HOH WAT A . 
D 4 HOH 83  1083 1083 HOH WAT A . 
D 4 HOH 84  1084 1084 HOH WAT A . 
D 4 HOH 85  1085 1085 HOH WAT A . 
D 4 HOH 86  1086 1086 HOH WAT A . 
D 4 HOH 87  1087 1087 HOH WAT A . 
D 4 HOH 88  1088 1088 HOH WAT A . 
D 4 HOH 89  1089 1089 HOH WAT A . 
D 4 HOH 90  1090 1090 HOH WAT A . 
D 4 HOH 91  1091 1091 HOH WAT A . 
D 4 HOH 92  1092 1092 HOH WAT A . 
D 4 HOH 93  1093 1093 HOH WAT A . 
D 4 HOH 94  1094 1094 HOH WAT A . 
D 4 HOH 95  1095 1095 HOH WAT A . 
D 4 HOH 96  1096 1096 HOH WAT A . 
D 4 HOH 97  1097 1097 HOH WAT A . 
D 4 HOH 98  1098 1098 HOH WAT A . 
D 4 HOH 99  1099 1099 HOH WAT A . 
D 4 HOH 100 1100 1100 HOH WAT A . 
D 4 HOH 101 1101 1101 HOH WAT A . 
D 4 HOH 102 1102 1102 HOH WAT A . 
D 4 HOH 103 1103 1103 HOH WAT A . 
D 4 HOH 104 1104 1104 HOH WAT A . 
D 4 HOH 105 1105 1105 HOH WAT A . 
D 4 HOH 106 1106 1106 HOH WAT A . 
D 4 HOH 107 1107 1107 HOH WAT A . 
D 4 HOH 108 1108 1108 HOH WAT A . 
D 4 HOH 109 1109 1109 HOH WAT A . 
D 4 HOH 110 1110 1110 HOH WAT A . 
D 4 HOH 111 1111 1111 HOH WAT A . 
D 4 HOH 112 1112 1112 HOH WAT A . 
D 4 HOH 113 1113 1113 HOH WAT A . 
D 4 HOH 114 1114 1114 HOH WAT A . 
D 4 HOH 115 1115 1115 HOH WAT A . 
D 4 HOH 116 1116 1116 HOH WAT A . 
D 4 HOH 117 1117 1117 HOH WAT A . 
D 4 HOH 118 1118 1118 HOH WAT A . 
D 4 HOH 119 1119 1119 HOH WAT A . 
D 4 HOH 120 1120 1120 HOH WAT A . 
D 4 HOH 121 1121 1121 HOH WAT A . 
D 4 HOH 122 1122 1122 HOH WAT A . 
D 4 HOH 123 1123 1123 HOH WAT A . 
D 4 HOH 124 1124 1124 HOH WAT A . 
D 4 HOH 125 1125 1125 HOH WAT A . 
D 4 HOH 126 1126 1126 HOH WAT A . 
D 4 HOH 127 1127 1127 HOH WAT A . 
D 4 HOH 128 1128 1128 HOH WAT A . 
D 4 HOH 129 1129 1129 HOH WAT A . 
D 4 HOH 130 1130 1130 HOH WAT A . 
D 4 HOH 131 1131 1131 HOH WAT A . 
D 4 HOH 132 1132 1132 HOH WAT A . 
D 4 HOH 133 1133 1133 HOH WAT A . 
D 4 HOH 134 1134 1134 HOH WAT A . 
D 4 HOH 135 1135 1135 HOH WAT A . 
D 4 HOH 136 1136 1136 HOH WAT A . 
D 4 HOH 137 1137 1137 HOH WAT A . 
D 4 HOH 138 1138 1138 HOH WAT A . 
D 4 HOH 139 1139 1139 HOH WAT A . 
D 4 HOH 140 1140 1140 HOH WAT A . 
D 4 HOH 141 1141 1141 HOH WAT A . 
D 4 HOH 142 1142 1142 HOH WAT A . 
D 4 HOH 143 1143 1143 HOH WAT A . 
D 4 HOH 144 1144 1144 HOH WAT A . 
D 4 HOH 145 1145 1145 HOH WAT A . 
D 4 HOH 146 1146 1146 HOH WAT A . 
D 4 HOH 147 1147 1147 HOH WAT A . 
D 4 HOH 148 1148 1148 HOH WAT A . 
D 4 HOH 149 1149 1149 HOH WAT A . 
D 4 HOH 150 1150 1150 HOH WAT A . 
D 4 HOH 151 1151 1151 HOH WAT A . 
D 4 HOH 152 1152 1152 HOH WAT A . 
D 4 HOH 153 1153 1153 HOH WAT A . 
# 
loop_
_software.name 
_software.classification 
_software.version 
_software.citation_id 
_software.pdbx_ordinal 
DENZO     'data reduction' . ? 1 
SCALEPACK 'data scaling'   . ? 2 
CNS       refinement       . ? 3 
CNS       phasing          . ? 4 
# 
_cell.entry_id           1MXI 
_cell.length_a           40.8 
_cell.length_b           40.8 
_cell.length_c           165.8 
_cell.angle_alpha        90 
_cell.angle_beta         90 
_cell.angle_gamma        90 
_cell.pdbx_unique_axis   ? 
_cell.Z_PDB              8 
# 
_symmetry.entry_id                         1MXI 
_symmetry.space_group_name_H-M             'P 41 21 2' 
_symmetry.pdbx_full_space_group_name_H-M   ? 
_symmetry.Int_Tables_number                92 
_symmetry.cell_setting                     ? 
# 
_exptl.entry_id          1MXI 
_exptl.method            'X-RAY DIFFRACTION' 
_exptl.crystals_number   1 
# 
_exptl_crystal.id                    1 
_exptl_crystal.density_meas          ? 
_exptl_crystal.density_Matthews      1.87 
_exptl_crystal.density_percent_sol   34.27 
_exptl_crystal.description           ? 
# 
_exptl_crystal_grow.crystal_id      1 
_exptl_crystal_grow.method          'Vapor diffusion, hanging drop, soaking of crystal with cofactor SAH' 
_exptl_crystal_grow.temp            298 
_exptl_crystal_grow.temp_details    ? 
_exptl_crystal_grow.pH              4.6 
_exptl_crystal_grow.pdbx_details    
;20% PMME 2000, 0.1 M sodium acetate, 0.2 M ammonium acetate, 3 % ethylene glycol, pH 4.6, Vapor diffusion, hanging drop, soaking of crystal with cofactor SAH, temperature 298K
;
_exptl_crystal_grow.pdbx_pH_range   . 
# 
_diffrn.id                     1 
_diffrn.ambient_temp           100 
_diffrn.ambient_temp_details   ? 
_diffrn.crystal_id             1 
# 
_diffrn_detector.diffrn_id              1 
_diffrn_detector.detector               CCD 
_diffrn_detector.type                   MARRESEARCH 
_diffrn_detector.pdbx_collection_date   2001-10-01 
_diffrn_detector.details                ? 
# 
_diffrn_radiation.diffrn_id                        1 
_diffrn_radiation.wavelength_id                    1 
_diffrn_radiation.pdbx_monochromatic_or_laue_m_l   M 
_diffrn_radiation.monochromator                    ? 
_diffrn_radiation.pdbx_diffrn_protocol             'SINGLE WAVELENGTH' 
_diffrn_radiation.pdbx_scattering_type             x-ray 
# 
_diffrn_radiation_wavelength.id           1 
_diffrn_radiation_wavelength.wavelength   1.00 
_diffrn_radiation_wavelength.wt           1.0 
# 
_diffrn_source.diffrn_id                   1 
_diffrn_source.source                      SYNCHROTRON 
_diffrn_source.type                        'APS BEAMLINE 17-ID' 
_diffrn_source.pdbx_synchrotron_site       APS 
_diffrn_source.pdbx_synchrotron_beamline   17-ID 
_diffrn_source.pdbx_wavelength             ? 
_diffrn_source.pdbx_wavelength_list        1.00 
# 
_reflns.entry_id                     1MXI 
_reflns.observed_criterion_sigma_F   0 
_reflns.observed_criterion_sigma_I   0 
_reflns.d_resolution_high            1.7 
_reflns.d_resolution_low             50 
_reflns.number_all                   15394 
_reflns.number_obs                   15394 
_reflns.percent_possible_obs         93.7 
_reflns.pdbx_Rmerge_I_obs            0.04 
_reflns.pdbx_Rsym_value              ? 
_reflns.pdbx_netI_over_sigmaI        18.5 
_reflns.B_iso_Wilson_estimate        ? 
_reflns.pdbx_redundancy              ? 
_reflns.R_free_details               ? 
_reflns.limit_h_max                  ? 
_reflns.limit_h_min                  ? 
_reflns.limit_k_max                  ? 
_reflns.limit_k_min                  ? 
_reflns.limit_l_max                  ? 
_reflns.limit_l_min                  ? 
_reflns.observed_criterion_F_max     ? 
_reflns.observed_criterion_F_min     ? 
_reflns.pdbx_diffrn_id               1 
_reflns.pdbx_ordinal                 1 
# 
_reflns_shell.d_res_high             1.7 
_reflns_shell.d_res_low              1.78 
_reflns_shell.percent_possible_all   69.2 
_reflns_shell.Rmerge_I_obs           0.223 
_reflns_shell.pdbx_Rsym_value        ? 
_reflns_shell.meanI_over_sigI_obs    ? 
_reflns_shell.pdbx_redundancy        ? 
_reflns_shell.percent_possible_obs   ? 
_reflns_shell.number_unique_all      ? 
_reflns_shell.pdbx_diffrn_id         ? 
_reflns_shell.pdbx_ordinal           1 
# 
_refine.entry_id                                 1MXI 
_refine.ls_d_res_high                            1.7 
_refine.ls_d_res_low                             20.0 
_refine.pdbx_ls_sigma_F                          2 
_refine.pdbx_ls_sigma_I                          ? 
_refine.ls_number_reflns_all                     ? 
_refine.ls_number_reflns_obs                     14742 
_refine.ls_number_reflns_R_free                  1593 
_refine.ls_percent_reflns_obs                    ? 
_refine.ls_R_factor_all                          ? 
_refine.ls_R_factor_obs                          ? 
_refine.ls_R_factor_R_work                       0.196 
_refine.ls_R_factor_R_free                       0.254 
_refine.ls_redundancy_reflns_obs                 ? 
_refine.pdbx_data_cutoff_high_absF               ? 
_refine.pdbx_data_cutoff_low_absF                ? 
_refine.ls_number_parameters                     ? 
_refine.ls_number_restraints                     ? 
_refine.ls_percent_reflns_R_free                 ? 
_refine.ls_R_factor_R_free_error                 ? 
_refine.ls_R_factor_R_free_error_details         ? 
_refine.pdbx_method_to_determine_struct          'MOLECULAR REPLACEMENT' 
_refine.pdbx_starting_model                      'PDB 1j85' 
_refine.pdbx_ls_cross_valid_method               THROUGHOUT 
_refine.pdbx_R_Free_selection_details            random 
_refine.pdbx_stereochem_target_val_spec_case     ? 
_refine.pdbx_stereochemistry_target_values       'Engh & Huber' 
_refine.solvent_model_details                    ? 
_refine.solvent_model_param_bsol                 ? 
_refine.solvent_model_param_ksol                 ? 
_refine.occupancy_max                            ? 
_refine.occupancy_min                            ? 
_refine.pdbx_isotropic_thermal_model             isotropic 
_refine.B_iso_mean                               29 
_refine.aniso_B[1][1]                            ? 
_refine.aniso_B[1][2]                            ? 
_refine.aniso_B[1][3]                            ? 
_refine.aniso_B[2][2]                            ? 
_refine.aniso_B[2][3]                            ? 
_refine.aniso_B[3][3]                            ? 
_refine.details                                  ? 
_refine.B_iso_min                                ? 
_refine.B_iso_max                                ? 
_refine.correlation_coeff_Fo_to_Fc               ? 
_refine.correlation_coeff_Fo_to_Fc_free          ? 
_refine.pdbx_solvent_vdw_probe_radii             ? 
_refine.pdbx_solvent_ion_probe_radii             ? 
_refine.pdbx_solvent_shrinkage_radii             ? 
_refine.overall_SU_R_Cruickshank_DPI             ? 
_refine.overall_SU_R_free                        ? 
_refine.overall_SU_B                             ? 
_refine.overall_SU_ML                            ? 
_refine.pdbx_overall_ESU_R                       ? 
_refine.pdbx_overall_ESU_R_Free                  ? 
_refine.pdbx_data_cutoff_high_rms_absF           ? 
_refine.pdbx_refine_id                           'X-RAY DIFFRACTION' 
_refine.pdbx_diffrn_id                           1 
_refine.pdbx_TLS_residual_ADP_flag               ? 
_refine.pdbx_overall_phase_error                 ? 
_refine.pdbx_overall_SU_R_free_Cruickshank_DPI   ? 
_refine.pdbx_overall_SU_R_Blow_DPI               ? 
_refine.pdbx_overall_SU_R_free_Blow_DPI          ? 
# 
_refine_hist.pdbx_refine_id                   'X-RAY DIFFRACTION' 
_refine_hist.cycle_id                         LAST 
_refine_hist.pdbx_number_atoms_protein        1299 
_refine_hist.pdbx_number_atoms_nucleic_acid   0 
_refine_hist.pdbx_number_atoms_ligand         27 
_refine_hist.number_atoms_solvent             153 
_refine_hist.number_atoms_total               1479 
_refine_hist.d_res_high                       1.7 
_refine_hist.d_res_low                        20.0 
# 
loop_
_refine_ls_restr.type 
_refine_ls_restr.dev_ideal 
_refine_ls_restr.dev_ideal_target 
_refine_ls_restr.weight 
_refine_ls_restr.number 
_refine_ls_restr.pdbx_refine_id 
_refine_ls_restr.pdbx_restraint_function 
c_bond_d    0.017 ? ? ? 'X-RAY DIFFRACTION' ? 
c_angle_deg 1.8   ? ? ? 'X-RAY DIFFRACTION' ? 
# 
_refine_ls_shell.pdbx_total_number_of_bins_used   ? 
_refine_ls_shell.d_res_high                       1.7 
_refine_ls_shell.d_res_low                        1.78 
_refine_ls_shell.number_reflns_R_work             ? 
_refine_ls_shell.R_factor_R_work                  0.215 
_refine_ls_shell.percent_reflns_obs               ? 
_refine_ls_shell.R_factor_R_free                  0.273 
_refine_ls_shell.R_factor_R_free_error            ? 
_refine_ls_shell.percent_reflns_R_free            ? 
_refine_ls_shell.number_reflns_R_free             ? 
_refine_ls_shell.number_reflns_obs                ? 
_refine_ls_shell.redundancy_reflns_obs            ? 
_refine_ls_shell.number_reflns_all                ? 
_refine_ls_shell.pdbx_refine_id                   'X-RAY DIFFRACTION' 
_refine_ls_shell.R_factor_all                     ? 
# 
_struct.entry_id                  1MXI 
_struct.title                     
'Structure of YibK from Haemophilus influenzae (HI0766): a Methyltransferase with a Cofactor Bound at a Site Formed by a Knot' 
_struct.pdbx_model_details        ? 
_struct.pdbx_CASP_flag            ? 
_struct.pdbx_model_type_details   ? 
# 
_struct_keywords.entry_id        1MXI 
_struct_keywords.pdbx_keywords   TRANSFERASE 
_struct_keywords.text            
'methyltransferase, S-adenosylhomocysteine, spoU family, Structure 2 Function Project, S2F, Structural Genomics, TRANSFERASE' 
# 
loop_
_struct_asym.id 
_struct_asym.pdbx_blank_PDB_chainid_flag 
_struct_asym.pdbx_modified 
_struct_asym.entity_id 
_struct_asym.details 
A N N 1 ? 
B N N 2 ? 
C N N 3 ? 
D N N 4 ? 
# 
_struct_ref.id                         1 
_struct_ref.db_name                    UNP 
_struct_ref.db_code                    Y766_HAEIN 
_struct_ref.entity_id                  1 
_struct_ref.pdbx_seq_one_letter_code   
;MLDIVLYEPEIPQNTGNIIRLCANTGFRLHLIEPLGFTWDDKRLRRSGLDYHEFAEIKRHKTFEAFLESEKPKRLFALTT
KGCPAHSQVKFKLGDYLMFGPETRGIPMSILNEMPMEQKIRIPMTANSRSMNLSNSVAVTVYEAWRQLGYKGAVNLPEVK

;
_struct_ref.pdbx_align_begin           1 
_struct_ref.pdbx_db_accession          P44868 
_struct_ref.pdbx_db_isoform            ? 
# 
_struct_ref_seq.align_id                      1 
_struct_ref_seq.ref_id                        1 
_struct_ref_seq.pdbx_PDB_id_code              1MXI 
_struct_ref_seq.pdbx_strand_id                A 
_struct_ref_seq.seq_align_beg                 1 
_struct_ref_seq.pdbx_seq_align_beg_ins_code   ? 
_struct_ref_seq.seq_align_end                 160 
_struct_ref_seq.pdbx_seq_align_end_ins_code   ? 
_struct_ref_seq.pdbx_db_accession             P44868 
_struct_ref_seq.db_align_beg                  1 
_struct_ref_seq.pdbx_db_align_beg_ins_code    ? 
_struct_ref_seq.db_align_end                  160 
_struct_ref_seq.pdbx_db_align_end_ins_code    ? 
_struct_ref_seq.pdbx_auth_seq_align_beg       1 
_struct_ref_seq.pdbx_auth_seq_align_end       160 
# 
_pdbx_struct_assembly.id                   1 
_pdbx_struct_assembly.details              author_defined_assembly 
_pdbx_struct_assembly.method_details       ? 
_pdbx_struct_assembly.oligomeric_details   dimeric 
_pdbx_struct_assembly.oligomeric_count     2 
# 
_pdbx_struct_assembly_gen.assembly_id       1 
_pdbx_struct_assembly_gen.oper_expression   1,2 
_pdbx_struct_assembly_gen.asym_id_list      A,B,C,D 
# 
loop_
_pdbx_struct_oper_list.id 
_pdbx_struct_oper_list.type 
_pdbx_struct_oper_list.name 
_pdbx_struct_oper_list.symmetry_operation 
_pdbx_struct_oper_list.matrix[1][1] 
_pdbx_struct_oper_list.matrix[1][2] 
_pdbx_struct_oper_list.matrix[1][3] 
_pdbx_struct_oper_list.vector[1] 
_pdbx_struct_oper_list.matrix[2][1] 
_pdbx_struct_oper_list.matrix[2][2] 
_pdbx_struct_oper_list.matrix[2][3] 
_pdbx_struct_oper_list.vector[2] 
_pdbx_struct_oper_list.matrix[3][1] 
_pdbx_struct_oper_list.matrix[3][2] 
_pdbx_struct_oper_list.matrix[3][3] 
_pdbx_struct_oper_list.vector[3] 
1 'identity operation'         1_555 x,y,z  1.0000000000 0.0000000000 0.0000000000 0.0000000000 0.0000000000 1.0000000000  0.0000000000 0.0000000000   0.0000000000 0.0000000000 1.0000000000  0.0000000000 
2 'crystal symmetry operation' 7_555 y,x,-z 0.5325862807 0.5083983171 0.6766705290 3.5078457267 0.5083983171 -0.8313511924 0.2244690315 -20.9472368315 0.6766705290 0.2244690315 -0.7012350883 7.7932516501 
# 
loop_
_struct_conf.conf_type_id 
_struct_conf.id 
_struct_conf.pdbx_PDB_helix_id 
_struct_conf.beg_label_comp_id 
_struct_conf.beg_label_asym_id 
_struct_conf.beg_label_seq_id 
_struct_conf.pdbx_beg_PDB_ins_code 
_struct_conf.end_label_comp_id 
_struct_conf.end_label_asym_id 
_struct_conf.end_label_seq_id 
_struct_conf.pdbx_end_PDB_ins_code 
_struct_conf.beg_auth_comp_id 
_struct_conf.beg_auth_asym_id 
_struct_conf.beg_auth_seq_id 
_struct_conf.end_auth_comp_id 
_struct_conf.end_auth_asym_id 
_struct_conf.end_auth_seq_id 
_struct_conf.pdbx_PDB_helix_class 
_struct_conf.details 
_struct_conf.pdbx_PDB_helix_length 
HELX_P HELX_P1 1 ILE A 11  ? GLY A 26  ? ILE A 11  GLY A 26  1 ? 16 
HELX_P HELX_P2 2 ASP A 41  ? ARG A 46  ? ASP A 41  ARG A 46  1 ? 6  
HELX_P HELX_P3 3 ASP A 50  ? PHE A 54  ? ASP A 50  PHE A 54  5 ? 5  
HELX_P HELX_P4 4 THR A 62  ? LYS A 71  ? THR A 62  LYS A 71  1 ? 10 
HELX_P HELX_P5 5 ALA A 85  ? VAL A 89  ? ALA A 85  VAL A 89  5 ? 5  
HELX_P HELX_P6 6 PRO A 107 ? ASN A 112 ? PRO A 107 ASN A 112 1 ? 6  
HELX_P HELX_P7 7 GLU A 113 ? MET A 114 ? GLU A 113 MET A 114 5 ? 2  
HELX_P HELX_P8 8 PRO A 115 ? GLU A 117 ? PRO A 115 GLU A 117 5 ? 3  
HELX_P HELX_P9 9 ASN A 132 ? LEU A 148 ? ASN A 132 LEU A 148 1 ? 17 
# 
_struct_conf_type.id          HELX_P 
_struct_conf_type.criteria    ? 
_struct_conf_type.reference   ? 
# 
_struct_mon_prot_cis.pdbx_id                1 
_struct_mon_prot_cis.label_comp_id          GLU 
_struct_mon_prot_cis.label_seq_id           33 
_struct_mon_prot_cis.label_asym_id          A 
_struct_mon_prot_cis.label_alt_id           . 
_struct_mon_prot_cis.pdbx_PDB_ins_code      ? 
_struct_mon_prot_cis.auth_comp_id           GLU 
_struct_mon_prot_cis.auth_seq_id            33 
_struct_mon_prot_cis.auth_asym_id           A 
_struct_mon_prot_cis.pdbx_label_comp_id_2   PRO 
_struct_mon_prot_cis.pdbx_label_seq_id_2    34 
_struct_mon_prot_cis.pdbx_label_asym_id_2   A 
_struct_mon_prot_cis.pdbx_PDB_ins_code_2    ? 
_struct_mon_prot_cis.pdbx_auth_comp_id_2    PRO 
_struct_mon_prot_cis.pdbx_auth_seq_id_2     34 
_struct_mon_prot_cis.pdbx_auth_asym_id_2    A 
_struct_mon_prot_cis.pdbx_PDB_model_num     1 
_struct_mon_prot_cis.pdbx_omega_angle       0.35 
# 
_struct_sheet.id               A 
_struct_sheet.type             ? 
_struct_sheet.number_strands   6 
_struct_sheet.details          ? 
# 
loop_
_struct_sheet_order.sheet_id 
_struct_sheet_order.range_id_1 
_struct_sheet_order.range_id_2 
_struct_sheet_order.offset 
_struct_sheet_order.sense 
A 1 2 ? parallel 
A 2 3 ? parallel 
A 3 4 ? parallel 
A 4 5 ? parallel 
A 5 6 ? parallel 
# 
loop_
_struct_sheet_range.sheet_id 
_struct_sheet_range.id 
_struct_sheet_range.beg_label_comp_id 
_struct_sheet_range.beg_label_asym_id 
_struct_sheet_range.beg_label_seq_id 
_struct_sheet_range.pdbx_beg_PDB_ins_code 
_struct_sheet_range.end_label_comp_id 
_struct_sheet_range.end_label_asym_id 
_struct_sheet_range.end_label_seq_id 
_struct_sheet_range.pdbx_end_PDB_ins_code 
_struct_sheet_range.beg_auth_comp_id 
_struct_sheet_range.beg_auth_asym_id 
_struct_sheet_range.beg_auth_seq_id 
_struct_sheet_range.end_auth_comp_id 
_struct_sheet_range.end_auth_asym_id 
_struct_sheet_range.end_auth_seq_id 
A 1 LYS A 58  ? HIS A 60  ? LYS A 58  HIS A 60  
A 2 ARG A 28  ? ILE A 32  ? ARG A 28  ILE A 32  
A 3 ASP A 3   ? TYR A 7   ? ASP A 3   TYR A 7   
A 4 ASP A 95  ? PHE A 99  ? ASP A 95  PHE A 99  
A 5 ARG A 74  ? LEU A 78  ? ARG A 74  LEU A 78  
A 6 LYS A 119 ? ILE A 120 ? LYS A 119 ILE A 120 
# 
loop_
_pdbx_struct_sheet_hbond.sheet_id 
_pdbx_struct_sheet_hbond.range_id_1 
_pdbx_struct_sheet_hbond.range_id_2 
_pdbx_struct_sheet_hbond.range_1_label_atom_id 
_pdbx_struct_sheet_hbond.range_1_label_comp_id 
_pdbx_struct_sheet_hbond.range_1_label_asym_id 
_pdbx_struct_sheet_hbond.range_1_label_seq_id 
_pdbx_struct_sheet_hbond.range_1_PDB_ins_code 
_pdbx_struct_sheet_hbond.range_1_auth_atom_id 
_pdbx_struct_sheet_hbond.range_1_auth_comp_id 
_pdbx_struct_sheet_hbond.range_1_auth_asym_id 
_pdbx_struct_sheet_hbond.range_1_auth_seq_id 
_pdbx_struct_sheet_hbond.range_2_label_atom_id 
_pdbx_struct_sheet_hbond.range_2_label_comp_id 
_pdbx_struct_sheet_hbond.range_2_label_asym_id 
_pdbx_struct_sheet_hbond.range_2_label_seq_id 
_pdbx_struct_sheet_hbond.range_2_PDB_ins_code 
_pdbx_struct_sheet_hbond.range_2_auth_atom_id 
_pdbx_struct_sheet_hbond.range_2_auth_comp_id 
_pdbx_struct_sheet_hbond.range_2_auth_asym_id 
_pdbx_struct_sheet_hbond.range_2_auth_seq_id 
A 1 2 O HIS A 60 ? O HIS A 60 N LEU A 31  ? N LEU A 31  
A 2 3 O ARG A 28 ? O ARG A 28 N ILE A 4   ? N ILE A 4   
A 3 4 N VAL A 5  ? N VAL A 5  O LEU A 97  ? O LEU A 97  
A 4 5 O TYR A 96 ? O TYR A 96 N PHE A 76  ? N PHE A 76  
A 5 6 N ALA A 77 ? N ALA A 77 O ILE A 120 ? O ILE A 120 
# 
loop_
_struct_site.id 
_struct_site.pdbx_evidence_code 
_struct_site.pdbx_auth_asym_id 
_struct_site.pdbx_auth_comp_id 
_struct_site.pdbx_auth_seq_id 
_struct_site.pdbx_auth_ins_code 
_struct_site.pdbx_num_residues 
_struct_site.details 
AC1 Software A IOD 2001 ? 1  'BINDING SITE FOR RESIDUE IOD A 2001' 
AC2 Software A SAH 302  ? 16 'BINDING SITE FOR RESIDUE SAH A 302'  
# 
loop_
_struct_site_gen.id 
_struct_site_gen.site_id 
_struct_site_gen.pdbx_num_res 
_struct_site_gen.label_comp_id 
_struct_site_gen.label_asym_id 
_struct_site_gen.label_seq_id 
_struct_site_gen.pdbx_auth_ins_code 
_struct_site_gen.auth_comp_id 
_struct_site_gen.auth_asym_id 
_struct_site_gen.auth_seq_id 
_struct_site_gen.label_atom_id 
_struct_site_gen.label_alt_id 
_struct_site_gen.symmetry 
_struct_site_gen.details 
1  AC1 1  MET A 131 ? MET A 131  . ? 1_555 ? 
2  AC2 16 LEU A 78  ? LEU A 78   . ? 1_555 ? 
3  AC2 16 THR A 79  ? THR A 79   . ? 1_555 ? 
4  AC2 16 THR A 80  ? THR A 80   . ? 1_555 ? 
5  AC2 16 PHE A 99  ? PHE A 99   . ? 1_555 ? 
6  AC2 16 GLY A 100 ? GLY A 100  . ? 1_555 ? 
7  AC2 16 PRO A 101 ? PRO A 101  . ? 1_555 ? 
8  AC2 16 GLU A 102 ? GLU A 102  . ? 1_555 ? 
9  AC2 16 ARG A 104 ? ARG A 104  . ? 1_555 ? 
10 AC2 16 GLY A 105 ? GLY A 105  . ? 1_555 ? 
11 AC2 16 ARG A 121 ? ARG A 121  . ? 1_555 ? 
12 AC2 16 ILE A 122 ? ILE A 122  . ? 1_555 ? 
13 AC2 16 MET A 124 ? MET A 124  . ? 1_555 ? 
14 AC2 16 SER A 130 ? SER A 130  . ? 1_555 ? 
15 AC2 16 MET A 131 ? MET A 131  . ? 1_555 ? 
16 AC2 16 SER A 136 ? SER A 136  . ? 1_555 ? 
17 AC2 16 HOH D .   ? HOH A 1002 . ? 1_555 ? 
# 
loop_
_pdbx_validate_torsion.id 
_pdbx_validate_torsion.PDB_model_num 
_pdbx_validate_torsion.auth_comp_id 
_pdbx_validate_torsion.auth_asym_id 
_pdbx_validate_torsion.auth_seq_id 
_pdbx_validate_torsion.PDB_ins_code 
_pdbx_validate_torsion.label_alt_id 
_pdbx_validate_torsion.phi 
_pdbx_validate_torsion.psi 
1 1 ARG A 43  ? ? -59.09  12.82   
2 1 PHE A 54  ? ? -104.51 -162.81 
3 1 ALA A 55  ? ? 63.34   -16.30  
4 1 ARG A 104 ? ? -152.98 -12.25  
5 1 SER A 130 ? B 176.58  173.08  
# 
_pdbx_SG_project.id                    1 
_pdbx_SG_project.project_name          ? 
_pdbx_SG_project.full_name_of_center   'Structure 2 Function Project' 
_pdbx_SG_project.initial_of_center     S2F 
# 
loop_
_pdbx_unobs_or_zero_occ_residues.id 
_pdbx_unobs_or_zero_occ_residues.PDB_model_num 
_pdbx_unobs_or_zero_occ_residues.polymer_flag 
_pdbx_unobs_or_zero_occ_residues.occupancy_flag 
_pdbx_unobs_or_zero_occ_residues.auth_asym_id 
_pdbx_unobs_or_zero_occ_residues.auth_comp_id 
_pdbx_unobs_or_zero_occ_residues.auth_seq_id 
_pdbx_unobs_or_zero_occ_residues.PDB_ins_code 
_pdbx_unobs_or_zero_occ_residues.label_asym_id 
_pdbx_unobs_or_zero_occ_residues.label_comp_id 
_pdbx_unobs_or_zero_occ_residues.label_seq_id 
1 1 Y 1 A PRO 157 ? A PRO 157 
2 1 Y 1 A GLU 158 ? A GLU 158 
3 1 Y 1 A VAL 159 ? A VAL 159 
4 1 Y 1 A LYS 160 ? A LYS 160 
# 
loop_
_chem_comp_atom.comp_id 
_chem_comp_atom.atom_id 
_chem_comp_atom.type_symbol 
_chem_comp_atom.pdbx_aromatic_flag 
_chem_comp_atom.pdbx_stereo_config 
_chem_comp_atom.pdbx_ordinal 
ALA N      N N N 1   
ALA CA     C N S 2   
ALA C      C N N 3   
ALA O      O N N 4   
ALA CB     C N N 5   
ALA OXT    O N N 6   
ALA H      H N N 7   
ALA H2     H N N 8   
ALA HA     H N N 9   
ALA HB1    H N N 10  
ALA HB2    H N N 11  
ALA HB3    H N N 12  
ALA HXT    H N N 13  
ARG N      N N N 14  
ARG CA     C N S 15  
ARG C      C N N 16  
ARG O      O N N 17  
ARG CB     C N N 18  
ARG CG     C N N 19  
ARG CD     C N N 20  
ARG NE     N N N 21  
ARG CZ     C N N 22  
ARG NH1    N N N 23  
ARG NH2    N N N 24  
ARG OXT    O N N 25  
ARG H      H N N 26  
ARG H2     H N N 27  
ARG HA     H N N 28  
ARG HB2    H N N 29  
ARG HB3    H N N 30  
ARG HG2    H N N 31  
ARG HG3    H N N 32  
ARG HD2    H N N 33  
ARG HD3    H N N 34  
ARG HE     H N N 35  
ARG HH11   H N N 36  
ARG HH12   H N N 37  
ARG HH21   H N N 38  
ARG HH22   H N N 39  
ARG HXT    H N N 40  
ASN N      N N N 41  
ASN CA     C N S 42  
ASN C      C N N 43  
ASN O      O N N 44  
ASN CB     C N N 45  
ASN CG     C N N 46  
ASN OD1    O N N 47  
ASN ND2    N N N 48  
ASN OXT    O N N 49  
ASN H      H N N 50  
ASN H2     H N N 51  
ASN HA     H N N 52  
ASN HB2    H N N 53  
ASN HB3    H N N 54  
ASN HD21   H N N 55  
ASN HD22   H N N 56  
ASN HXT    H N N 57  
ASP N      N N N 58  
ASP CA     C N S 59  
ASP C      C N N 60  
ASP O      O N N 61  
ASP CB     C N N 62  
ASP CG     C N N 63  
ASP OD1    O N N 64  
ASP OD2    O N N 65  
ASP OXT    O N N 66  
ASP H      H N N 67  
ASP H2     H N N 68  
ASP HA     H N N 69  
ASP HB2    H N N 70  
ASP HB3    H N N 71  
ASP HD2    H N N 72  
ASP HXT    H N N 73  
CYS N      N N N 74  
CYS CA     C N R 75  
CYS C      C N N 76  
CYS O      O N N 77  
CYS CB     C N N 78  
CYS SG     S N N 79  
CYS OXT    O N N 80  
CYS H      H N N 81  
CYS H2     H N N 82  
CYS HA     H N N 83  
CYS HB2    H N N 84  
CYS HB3    H N N 85  
CYS HG     H N N 86  
CYS HXT    H N N 87  
GLN N      N N N 88  
GLN CA     C N S 89  
GLN C      C N N 90  
GLN O      O N N 91  
GLN CB     C N N 92  
GLN CG     C N N 93  
GLN CD     C N N 94  
GLN OE1    O N N 95  
GLN NE2    N N N 96  
GLN OXT    O N N 97  
GLN H      H N N 98  
GLN H2     H N N 99  
GLN HA     H N N 100 
GLN HB2    H N N 101 
GLN HB3    H N N 102 
GLN HG2    H N N 103 
GLN HG3    H N N 104 
GLN HE21   H N N 105 
GLN HE22   H N N 106 
GLN HXT    H N N 107 
GLU N      N N N 108 
GLU CA     C N S 109 
GLU C      C N N 110 
GLU O      O N N 111 
GLU CB     C N N 112 
GLU CG     C N N 113 
GLU CD     C N N 114 
GLU OE1    O N N 115 
GLU OE2    O N N 116 
GLU OXT    O N N 117 
GLU H      H N N 118 
GLU H2     H N N 119 
GLU HA     H N N 120 
GLU HB2    H N N 121 
GLU HB3    H N N 122 
GLU HG2    H N N 123 
GLU HG3    H N N 124 
GLU HE2    H N N 125 
GLU HXT    H N N 126 
GLY N      N N N 127 
GLY CA     C N N 128 
GLY C      C N N 129 
GLY O      O N N 130 
GLY OXT    O N N 131 
GLY H      H N N 132 
GLY H2     H N N 133 
GLY HA2    H N N 134 
GLY HA3    H N N 135 
GLY HXT    H N N 136 
HIS N      N N N 137 
HIS CA     C N S 138 
HIS C      C N N 139 
HIS O      O N N 140 
HIS CB     C N N 141 
HIS CG     C Y N 142 
HIS ND1    N Y N 143 
HIS CD2    C Y N 144 
HIS CE1    C Y N 145 
HIS NE2    N Y N 146 
HIS OXT    O N N 147 
HIS H      H N N 148 
HIS H2     H N N 149 
HIS HA     H N N 150 
HIS HB2    H N N 151 
HIS HB3    H N N 152 
HIS HD1    H N N 153 
HIS HD2    H N N 154 
HIS HE1    H N N 155 
HIS HE2    H N N 156 
HIS HXT    H N N 157 
HOH O      O N N 158 
HOH H1     H N N 159 
HOH H2     H N N 160 
ILE N      N N N 161 
ILE CA     C N S 162 
ILE C      C N N 163 
ILE O      O N N 164 
ILE CB     C N S 165 
ILE CG1    C N N 166 
ILE CG2    C N N 167 
ILE CD1    C N N 168 
ILE OXT    O N N 169 
ILE H      H N N 170 
ILE H2     H N N 171 
ILE HA     H N N 172 
ILE HB     H N N 173 
ILE HG12   H N N 174 
ILE HG13   H N N 175 
ILE HG21   H N N 176 
ILE HG22   H N N 177 
ILE HG23   H N N 178 
ILE HD11   H N N 179 
ILE HD12   H N N 180 
ILE HD13   H N N 181 
ILE HXT    H N N 182 
IOD I      I N N 183 
LEU N      N N N 184 
LEU CA     C N S 185 
LEU C      C N N 186 
LEU O      O N N 187 
LEU CB     C N N 188 
LEU CG     C N N 189 
LEU CD1    C N N 190 
LEU CD2    C N N 191 
LEU OXT    O N N 192 
LEU H      H N N 193 
LEU H2     H N N 194 
LEU HA     H N N 195 
LEU HB2    H N N 196 
LEU HB3    H N N 197 
LEU HG     H N N 198 
LEU HD11   H N N 199 
LEU HD12   H N N 200 
LEU HD13   H N N 201 
LEU HD21   H N N 202 
LEU HD22   H N N 203 
LEU HD23   H N N 204 
LEU HXT    H N N 205 
LYS N      N N N 206 
LYS CA     C N S 207 
LYS C      C N N 208 
LYS O      O N N 209 
LYS CB     C N N 210 
LYS CG     C N N 211 
LYS CD     C N N 212 
LYS CE     C N N 213 
LYS NZ     N N N 214 
LYS OXT    O N N 215 
LYS H      H N N 216 
LYS H2     H N N 217 
LYS HA     H N N 218 
LYS HB2    H N N 219 
LYS HB3    H N N 220 
LYS HG2    H N N 221 
LYS HG3    H N N 222 
LYS HD2    H N N 223 
LYS HD3    H N N 224 
LYS HE2    H N N 225 
LYS HE3    H N N 226 
LYS HZ1    H N N 227 
LYS HZ2    H N N 228 
LYS HZ3    H N N 229 
LYS HXT    H N N 230 
MET N      N N N 231 
MET CA     C N S 232 
MET C      C N N 233 
MET O      O N N 234 
MET CB     C N N 235 
MET CG     C N N 236 
MET SD     S N N 237 
MET CE     C N N 238 
MET OXT    O N N 239 
MET H      H N N 240 
MET H2     H N N 241 
MET HA     H N N 242 
MET HB2    H N N 243 
MET HB3    H N N 244 
MET HG2    H N N 245 
MET HG3    H N N 246 
MET HE1    H N N 247 
MET HE2    H N N 248 
MET HE3    H N N 249 
MET HXT    H N N 250 
PHE N      N N N 251 
PHE CA     C N S 252 
PHE C      C N N 253 
PHE O      O N N 254 
PHE CB     C N N 255 
PHE CG     C Y N 256 
PHE CD1    C Y N 257 
PHE CD2    C Y N 258 
PHE CE1    C Y N 259 
PHE CE2    C Y N 260 
PHE CZ     C Y N 261 
PHE OXT    O N N 262 
PHE H      H N N 263 
PHE H2     H N N 264 
PHE HA     H N N 265 
PHE HB2    H N N 266 
PHE HB3    H N N 267 
PHE HD1    H N N 268 
PHE HD2    H N N 269 
PHE HE1    H N N 270 
PHE HE2    H N N 271 
PHE HZ     H N N 272 
PHE HXT    H N N 273 
PRO N      N N N 274 
PRO CA     C N S 275 
PRO C      C N N 276 
PRO O      O N N 277 
PRO CB     C N N 278 
PRO CG     C N N 279 
PRO CD     C N N 280 
PRO OXT    O N N 281 
PRO H      H N N 282 
PRO HA     H N N 283 
PRO HB2    H N N 284 
PRO HB3    H N N 285 
PRO HG2    H N N 286 
PRO HG3    H N N 287 
PRO HD2    H N N 288 
PRO HD3    H N N 289 
PRO HXT    H N N 290 
SAH N      N N N 291 
SAH CA     C N S 292 
SAH CB     C N N 293 
SAH CG     C N N 294 
SAH SD     S N N 295 
SAH C      C N N 296 
SAH O      O N N 297 
SAH OXT    O N N 298 
SAH "C5'"  C N N 299 
SAH "C4'"  C N S 300 
SAH "O4'"  O N N 301 
SAH "C3'"  C N S 302 
SAH "O3'"  O N N 303 
SAH "C2'"  C N R 304 
SAH "O2'"  O N N 305 
SAH "C1'"  C N R 306 
SAH N9     N Y N 307 
SAH C8     C Y N 308 
SAH N7     N Y N 309 
SAH C5     C Y N 310 
SAH C6     C Y N 311 
SAH N6     N N N 312 
SAH N1     N Y N 313 
SAH C2     C Y N 314 
SAH N3     N Y N 315 
SAH C4     C Y N 316 
SAH HN1    H N N 317 
SAH HN2    H N N 318 
SAH HA     H N N 319 
SAH HB1    H N N 320 
SAH HB2    H N N 321 
SAH HG1    H N N 322 
SAH HG2    H N N 323 
SAH HXT    H N N 324 
SAH "H5'1" H N N 325 
SAH "H5'2" H N N 326 
SAH "H4'"  H N N 327 
SAH "H3'"  H N N 328 
SAH "HO3'" H N N 329 
SAH "H2'"  H N N 330 
SAH "HO2'" H N N 331 
SAH "H1'"  H N N 332 
SAH H8     H N N 333 
SAH HN61   H N N 334 
SAH HN62   H N N 335 
SAH H2     H N N 336 
SER N      N N N 337 
SER CA     C N S 338 
SER C      C N N 339 
SER O      O N N 340 
SER CB     C N N 341 
SER OG     O N N 342 
SER OXT    O N N 343 
SER H      H N N 344 
SER H2     H N N 345 
SER HA     H N N 346 
SER HB2    H N N 347 
SER HB3    H N N 348 
SER HG     H N N 349 
SER HXT    H N N 350 
THR N      N N N 351 
THR CA     C N S 352 
THR C      C N N 353 
THR O      O N N 354 
THR CB     C N R 355 
THR OG1    O N N 356 
THR CG2    C N N 357 
THR OXT    O N N 358 
THR H      H N N 359 
THR H2     H N N 360 
THR HA     H N N 361 
THR HB     H N N 362 
THR HG1    H N N 363 
THR HG21   H N N 364 
THR HG22   H N N 365 
THR HG23   H N N 366 
THR HXT    H N N 367 
TRP N      N N N 368 
TRP CA     C N S 369 
TRP C      C N N 370 
TRP O      O N N 371 
TRP CB     C N N 372 
TRP CG     C Y N 373 
TRP CD1    C Y N 374 
TRP CD2    C Y N 375 
TRP NE1    N Y N 376 
TRP CE2    C Y N 377 
TRP CE3    C Y N 378 
TRP CZ2    C Y N 379 
TRP CZ3    C Y N 380 
TRP CH2    C Y N 381 
TRP OXT    O N N 382 
TRP H      H N N 383 
TRP H2     H N N 384 
TRP HA     H N N 385 
TRP HB2    H N N 386 
TRP HB3    H N N 387 
TRP HD1    H N N 388 
TRP HE1    H N N 389 
TRP HE3    H N N 390 
TRP HZ2    H N N 391 
TRP HZ3    H N N 392 
TRP HH2    H N N 393 
TRP HXT    H N N 394 
TYR N      N N N 395 
TYR CA     C N S 396 
TYR C      C N N 397 
TYR O      O N N 398 
TYR CB     C N N 399 
TYR CG     C Y N 400 
TYR CD1    C Y N 401 
TYR CD2    C Y N 402 
TYR CE1    C Y N 403 
TYR CE2    C Y N 404 
TYR CZ     C Y N 405 
TYR OH     O N N 406 
TYR OXT    O N N 407 
TYR H      H N N 408 
TYR H2     H N N 409 
TYR HA     H N N 410 
TYR HB2    H N N 411 
TYR HB3    H N N 412 
TYR HD1    H N N 413 
TYR HD2    H N N 414 
TYR HE1    H N N 415 
TYR HE2    H N N 416 
TYR HH     H N N 417 
TYR HXT    H N N 418 
VAL N      N N N 419 
VAL CA     C N S 420 
VAL C      C N N 421 
VAL O      O N N 422 
VAL CB     C N N 423 
VAL CG1    C N N 424 
VAL CG2    C N N 425 
VAL OXT    O N N 426 
VAL H      H N N 427 
VAL H2     H N N 428 
VAL HA     H N N 429 
VAL HB     H N N 430 
VAL HG11   H N N 431 
VAL HG12   H N N 432 
VAL HG13   H N N 433 
VAL HG21   H N N 434 
VAL HG22   H N N 435 
VAL HG23   H N N 436 
VAL HXT    H N N 437 
# 
loop_
_chem_comp_bond.comp_id 
_chem_comp_bond.atom_id_1 
_chem_comp_bond.atom_id_2 
_chem_comp_bond.value_order 
_chem_comp_bond.pdbx_aromatic_flag 
_chem_comp_bond.pdbx_stereo_config 
_chem_comp_bond.pdbx_ordinal 
ALA N     CA     sing N N 1   
ALA N     H      sing N N 2   
ALA N     H2     sing N N 3   
ALA CA    C      sing N N 4   
ALA CA    CB     sing N N 5   
ALA CA    HA     sing N N 6   
ALA C     O      doub N N 7   
ALA C     OXT    sing N N 8   
ALA CB    HB1    sing N N 9   
ALA CB    HB2    sing N N 10  
ALA CB    HB3    sing N N 11  
ALA OXT   HXT    sing N N 12  
ARG N     CA     sing N N 13  
ARG N     H      sing N N 14  
ARG N     H2     sing N N 15  
ARG CA    C      sing N N 16  
ARG CA    CB     sing N N 17  
ARG CA    HA     sing N N 18  
ARG C     O      doub N N 19  
ARG C     OXT    sing N N 20  
ARG CB    CG     sing N N 21  
ARG CB    HB2    sing N N 22  
ARG CB    HB3    sing N N 23  
ARG CG    CD     sing N N 24  
ARG CG    HG2    sing N N 25  
ARG CG    HG3    sing N N 26  
ARG CD    NE     sing N N 27  
ARG CD    HD2    sing N N 28  
ARG CD    HD3    sing N N 29  
ARG NE    CZ     sing N N 30  
ARG NE    HE     sing N N 31  
ARG CZ    NH1    sing N N 32  
ARG CZ    NH2    doub N N 33  
ARG NH1   HH11   sing N N 34  
ARG NH1   HH12   sing N N 35  
ARG NH2   HH21   sing N N 36  
ARG NH2   HH22   sing N N 37  
ARG OXT   HXT    sing N N 38  
ASN N     CA     sing N N 39  
ASN N     H      sing N N 40  
ASN N     H2     sing N N 41  
ASN CA    C      sing N N 42  
ASN CA    CB     sing N N 43  
ASN CA    HA     sing N N 44  
ASN C     O      doub N N 45  
ASN C     OXT    sing N N 46  
ASN CB    CG     sing N N 47  
ASN CB    HB2    sing N N 48  
ASN CB    HB3    sing N N 49  
ASN CG    OD1    doub N N 50  
ASN CG    ND2    sing N N 51  
ASN ND2   HD21   sing N N 52  
ASN ND2   HD22   sing N N 53  
ASN OXT   HXT    sing N N 54  
ASP N     CA     sing N N 55  
ASP N     H      sing N N 56  
ASP N     H2     sing N N 57  
ASP CA    C      sing N N 58  
ASP CA    CB     sing N N 59  
ASP CA    HA     sing N N 60  
ASP C     O      doub N N 61  
ASP C     OXT    sing N N 62  
ASP CB    CG     sing N N 63  
ASP CB    HB2    sing N N 64  
ASP CB    HB3    sing N N 65  
ASP CG    OD1    doub N N 66  
ASP CG    OD2    sing N N 67  
ASP OD2   HD2    sing N N 68  
ASP OXT   HXT    sing N N 69  
CYS N     CA     sing N N 70  
CYS N     H      sing N N 71  
CYS N     H2     sing N N 72  
CYS CA    C      sing N N 73  
CYS CA    CB     sing N N 74  
CYS CA    HA     sing N N 75  
CYS C     O      doub N N 76  
CYS C     OXT    sing N N 77  
CYS CB    SG     sing N N 78  
CYS CB    HB2    sing N N 79  
CYS CB    HB3    sing N N 80  
CYS SG    HG     sing N N 81  
CYS OXT   HXT    sing N N 82  
GLN N     CA     sing N N 83  
GLN N     H      sing N N 84  
GLN N     H2     sing N N 85  
GLN CA    C      sing N N 86  
GLN CA    CB     sing N N 87  
GLN CA    HA     sing N N 88  
GLN C     O      doub N N 89  
GLN C     OXT    sing N N 90  
GLN CB    CG     sing N N 91  
GLN CB    HB2    sing N N 92  
GLN CB    HB3    sing N N 93  
GLN CG    CD     sing N N 94  
GLN CG    HG2    sing N N 95  
GLN CG    HG3    sing N N 96  
GLN CD    OE1    doub N N 97  
GLN CD    NE2    sing N N 98  
GLN NE2   HE21   sing N N 99  
GLN NE2   HE22   sing N N 100 
GLN OXT   HXT    sing N N 101 
GLU N     CA     sing N N 102 
GLU N     H      sing N N 103 
GLU N     H2     sing N N 104 
GLU CA    C      sing N N 105 
GLU CA    CB     sing N N 106 
GLU CA    HA     sing N N 107 
GLU C     O      doub N N 108 
GLU C     OXT    sing N N 109 
GLU CB    CG     sing N N 110 
GLU CB    HB2    sing N N 111 
GLU CB    HB3    sing N N 112 
GLU CG    CD     sing N N 113 
GLU CG    HG2    sing N N 114 
GLU CG    HG3    sing N N 115 
GLU CD    OE1    doub N N 116 
GLU CD    OE2    sing N N 117 
GLU OE2   HE2    sing N N 118 
GLU OXT   HXT    sing N N 119 
GLY N     CA     sing N N 120 
GLY N     H      sing N N 121 
GLY N     H2     sing N N 122 
GLY CA    C      sing N N 123 
GLY CA    HA2    sing N N 124 
GLY CA    HA3    sing N N 125 
GLY C     O      doub N N 126 
GLY C     OXT    sing N N 127 
GLY OXT   HXT    sing N N 128 
HIS N     CA     sing N N 129 
HIS N     H      sing N N 130 
HIS N     H2     sing N N 131 
HIS CA    C      sing N N 132 
HIS CA    CB     sing N N 133 
HIS CA    HA     sing N N 134 
HIS C     O      doub N N 135 
HIS C     OXT    sing N N 136 
HIS CB    CG     sing N N 137 
HIS CB    HB2    sing N N 138 
HIS CB    HB3    sing N N 139 
HIS CG    ND1    sing Y N 140 
HIS CG    CD2    doub Y N 141 
HIS ND1   CE1    doub Y N 142 
HIS ND1   HD1    sing N N 143 
HIS CD2   NE2    sing Y N 144 
HIS CD2   HD2    sing N N 145 
HIS CE1   NE2    sing Y N 146 
HIS CE1   HE1    sing N N 147 
HIS NE2   HE2    sing N N 148 
HIS OXT   HXT    sing N N 149 
HOH O     H1     sing N N 150 
HOH O     H2     sing N N 151 
ILE N     CA     sing N N 152 
ILE N     H      sing N N 153 
ILE N     H2     sing N N 154 
ILE CA    C      sing N N 155 
ILE CA    CB     sing N N 156 
ILE CA    HA     sing N N 157 
ILE C     O      doub N N 158 
ILE C     OXT    sing N N 159 
ILE CB    CG1    sing N N 160 
ILE CB    CG2    sing N N 161 
ILE CB    HB     sing N N 162 
ILE CG1   CD1    sing N N 163 
ILE CG1   HG12   sing N N 164 
ILE CG1   HG13   sing N N 165 
ILE CG2   HG21   sing N N 166 
ILE CG2   HG22   sing N N 167 
ILE CG2   HG23   sing N N 168 
ILE CD1   HD11   sing N N 169 
ILE CD1   HD12   sing N N 170 
ILE CD1   HD13   sing N N 171 
ILE OXT   HXT    sing N N 172 
LEU N     CA     sing N N 173 
LEU N     H      sing N N 174 
LEU N     H2     sing N N 175 
LEU CA    C      sing N N 176 
LEU CA    CB     sing N N 177 
LEU CA    HA     sing N N 178 
LEU C     O      doub N N 179 
LEU C     OXT    sing N N 180 
LEU CB    CG     sing N N 181 
LEU CB    HB2    sing N N 182 
LEU CB    HB3    sing N N 183 
LEU CG    CD1    sing N N 184 
LEU CG    CD2    sing N N 185 
LEU CG    HG     sing N N 186 
LEU CD1   HD11   sing N N 187 
LEU CD1   HD12   sing N N 188 
LEU CD1   HD13   sing N N 189 
LEU CD2   HD21   sing N N 190 
LEU CD2   HD22   sing N N 191 
LEU CD2   HD23   sing N N 192 
LEU OXT   HXT    sing N N 193 
LYS N     CA     sing N N 194 
LYS N     H      sing N N 195 
LYS N     H2     sing N N 196 
LYS CA    C      sing N N 197 
LYS CA    CB     sing N N 198 
LYS CA    HA     sing N N 199 
LYS C     O      doub N N 200 
LYS C     OXT    sing N N 201 
LYS CB    CG     sing N N 202 
LYS CB    HB2    sing N N 203 
LYS CB    HB3    sing N N 204 
LYS CG    CD     sing N N 205 
LYS CG    HG2    sing N N 206 
LYS CG    HG3    sing N N 207 
LYS CD    CE     sing N N 208 
LYS CD    HD2    sing N N 209 
LYS CD    HD3    sing N N 210 
LYS CE    NZ     sing N N 211 
LYS CE    HE2    sing N N 212 
LYS CE    HE3    sing N N 213 
LYS NZ    HZ1    sing N N 214 
LYS NZ    HZ2    sing N N 215 
LYS NZ    HZ3    sing N N 216 
LYS OXT   HXT    sing N N 217 
MET N     CA     sing N N 218 
MET N     H      sing N N 219 
MET N     H2     sing N N 220 
MET CA    C      sing N N 221 
MET CA    CB     sing N N 222 
MET CA    HA     sing N N 223 
MET C     O      doub N N 224 
MET C     OXT    sing N N 225 
MET CB    CG     sing N N 226 
MET CB    HB2    sing N N 227 
MET CB    HB3    sing N N 228 
MET CG    SD     sing N N 229 
MET CG    HG2    sing N N 230 
MET CG    HG3    sing N N 231 
MET SD    CE     sing N N 232 
MET CE    HE1    sing N N 233 
MET CE    HE2    sing N N 234 
MET CE    HE3    sing N N 235 
MET OXT   HXT    sing N N 236 
PHE N     CA     sing N N 237 
PHE N     H      sing N N 238 
PHE N     H2     sing N N 239 
PHE CA    C      sing N N 240 
PHE CA    CB     sing N N 241 
PHE CA    HA     sing N N 242 
PHE C     O      doub N N 243 
PHE C     OXT    sing N N 244 
PHE CB    CG     sing N N 245 
PHE CB    HB2    sing N N 246 
PHE CB    HB3    sing N N 247 
PHE CG    CD1    doub Y N 248 
PHE CG    CD2    sing Y N 249 
PHE CD1   CE1    sing Y N 250 
PHE CD1   HD1    sing N N 251 
PHE CD2   CE2    doub Y N 252 
PHE CD2   HD2    sing N N 253 
PHE CE1   CZ     doub Y N 254 
PHE CE1   HE1    sing N N 255 
PHE CE2   CZ     sing Y N 256 
PHE CE2   HE2    sing N N 257 
PHE CZ    HZ     sing N N 258 
PHE OXT   HXT    sing N N 259 
PRO N     CA     sing N N 260 
PRO N     CD     sing N N 261 
PRO N     H      sing N N 262 
PRO CA    C      sing N N 263 
PRO CA    CB     sing N N 264 
PRO CA    HA     sing N N 265 
PRO C     O      doub N N 266 
PRO C     OXT    sing N N 267 
PRO CB    CG     sing N N 268 
PRO CB    HB2    sing N N 269 
PRO CB    HB3    sing N N 270 
PRO CG    CD     sing N N 271 
PRO CG    HG2    sing N N 272 
PRO CG    HG3    sing N N 273 
PRO CD    HD2    sing N N 274 
PRO CD    HD3    sing N N 275 
PRO OXT   HXT    sing N N 276 
SAH N     CA     sing N N 277 
SAH N     HN1    sing N N 278 
SAH N     HN2    sing N N 279 
SAH CA    CB     sing N N 280 
SAH CA    C      sing N N 281 
SAH CA    HA     sing N N 282 
SAH CB    CG     sing N N 283 
SAH CB    HB1    sing N N 284 
SAH CB    HB2    sing N N 285 
SAH CG    SD     sing N N 286 
SAH CG    HG1    sing N N 287 
SAH CG    HG2    sing N N 288 
SAH SD    "C5'"  sing N N 289 
SAH C     O      doub N N 290 
SAH C     OXT    sing N N 291 
SAH OXT   HXT    sing N N 292 
SAH "C5'" "C4'"  sing N N 293 
SAH "C5'" "H5'1" sing N N 294 
SAH "C5'" "H5'2" sing N N 295 
SAH "C4'" "O4'"  sing N N 296 
SAH "C4'" "C3'"  sing N N 297 
SAH "C4'" "H4'"  sing N N 298 
SAH "O4'" "C1'"  sing N N 299 
SAH "C3'" "O3'"  sing N N 300 
SAH "C3'" "C2'"  sing N N 301 
SAH "C3'" "H3'"  sing N N 302 
SAH "O3'" "HO3'" sing N N 303 
SAH "C2'" "O2'"  sing N N 304 
SAH "C2'" "C1'"  sing N N 305 
SAH "C2'" "H2'"  sing N N 306 
SAH "O2'" "HO2'" sing N N 307 
SAH "C1'" N9     sing N N 308 
SAH "C1'" "H1'"  sing N N 309 
SAH N9    C8     sing Y N 310 
SAH N9    C4     sing Y N 311 
SAH C8    N7     doub Y N 312 
SAH C8    H8     sing N N 313 
SAH N7    C5     sing Y N 314 
SAH C5    C6     sing Y N 315 
SAH C5    C4     doub Y N 316 
SAH C6    N6     sing N N 317 
SAH C6    N1     doub Y N 318 
SAH N6    HN61   sing N N 319 
SAH N6    HN62   sing N N 320 
SAH N1    C2     sing Y N 321 
SAH C2    N3     doub Y N 322 
SAH C2    H2     sing N N 323 
SAH N3    C4     sing Y N 324 
SER N     CA     sing N N 325 
SER N     H      sing N N 326 
SER N     H2     sing N N 327 
SER CA    C      sing N N 328 
SER CA    CB     sing N N 329 
SER CA    HA     sing N N 330 
SER C     O      doub N N 331 
SER C     OXT    sing N N 332 
SER CB    OG     sing N N 333 
SER CB    HB2    sing N N 334 
SER CB    HB3    sing N N 335 
SER OG    HG     sing N N 336 
SER OXT   HXT    sing N N 337 
THR N     CA     sing N N 338 
THR N     H      sing N N 339 
THR N     H2     sing N N 340 
THR CA    C      sing N N 341 
THR CA    CB     sing N N 342 
THR CA    HA     sing N N 343 
THR C     O      doub N N 344 
THR C     OXT    sing N N 345 
THR CB    OG1    sing N N 346 
THR CB    CG2    sing N N 347 
THR CB    HB     sing N N 348 
THR OG1   HG1    sing N N 349 
THR CG2   HG21   sing N N 350 
THR CG2   HG22   sing N N 351 
THR CG2   HG23   sing N N 352 
THR OXT   HXT    sing N N 353 
TRP N     CA     sing N N 354 
TRP N     H      sing N N 355 
TRP N     H2     sing N N 356 
TRP CA    C      sing N N 357 
TRP CA    CB     sing N N 358 
TRP CA    HA     sing N N 359 
TRP C     O      doub N N 360 
TRP C     OXT    sing N N 361 
TRP CB    CG     sing N N 362 
TRP CB    HB2    sing N N 363 
TRP CB    HB3    sing N N 364 
TRP CG    CD1    doub Y N 365 
TRP CG    CD2    sing Y N 366 
TRP CD1   NE1    sing Y N 367 
TRP CD1   HD1    sing N N 368 
TRP CD2   CE2    doub Y N 369 
TRP CD2   CE3    sing Y N 370 
TRP NE1   CE2    sing Y N 371 
TRP NE1   HE1    sing N N 372 
TRP CE2   CZ2    sing Y N 373 
TRP CE3   CZ3    doub Y N 374 
TRP CE3   HE3    sing N N 375 
TRP CZ2   CH2    doub Y N 376 
TRP CZ2   HZ2    sing N N 377 
TRP CZ3   CH2    sing Y N 378 
TRP CZ3   HZ3    sing N N 379 
TRP CH2   HH2    sing N N 380 
TRP OXT   HXT    sing N N 381 
TYR N     CA     sing N N 382 
TYR N     H      sing N N 383 
TYR N     H2     sing N N 384 
TYR CA    C      sing N N 385 
TYR CA    CB     sing N N 386 
TYR CA    HA     sing N N 387 
TYR C     O      doub N N 388 
TYR C     OXT    sing N N 389 
TYR CB    CG     sing N N 390 
TYR CB    HB2    sing N N 391 
TYR CB    HB3    sing N N 392 
TYR CG    CD1    doub Y N 393 
TYR CG    CD2    sing Y N 394 
TYR CD1   CE1    sing Y N 395 
TYR CD1   HD1    sing N N 396 
TYR CD2   CE2    doub Y N 397 
TYR CD2   HD2    sing N N 398 
TYR CE1   CZ     doub Y N 399 
TYR CE1   HE1    sing N N 400 
TYR CE2   CZ     sing Y N 401 
TYR CE2   HE2    sing N N 402 
TYR CZ    OH     sing N N 403 
TYR OH    HH     sing N N 404 
TYR OXT   HXT    sing N N 405 
VAL N     CA     sing N N 406 
VAL N     H      sing N N 407 
VAL N     H2     sing N N 408 
VAL CA    C      sing N N 409 
VAL CA    CB     sing N N 410 
VAL CA    HA     sing N N 411 
VAL C     O      doub N N 412 
VAL C     OXT    sing N N 413 
VAL CB    CG1    sing N N 414 
VAL CB    CG2    sing N N 415 
VAL CB    HB     sing N N 416 
VAL CG1   HG11   sing N N 417 
VAL CG1   HG12   sing N N 418 
VAL CG1   HG13   sing N N 419 
VAL CG2   HG21   sing N N 420 
VAL CG2   HG22   sing N N 421 
VAL CG2   HG23   sing N N 422 
VAL OXT   HXT    sing N N 423 
# 
_pdbx_initial_refinement_model.id               1 
_pdbx_initial_refinement_model.entity_id_list   ? 
_pdbx_initial_refinement_model.type             'experimental model' 
_pdbx_initial_refinement_model.source_name      PDB 
_pdbx_initial_refinement_model.accession_code   1J85 
_pdbx_initial_refinement_model.details          'PDB 1j85' 
# 
_atom_sites.entry_id                    1MXI 
_atom_sites.fract_transf_matrix[1][1]   0.00805038 
_atom_sites.fract_transf_matrix[1][2]   0.02007912 
_atom_sites.fract_transf_matrix[1][3]   0.01152217 
_atom_sites.fract_transf_matrix[2][1]   0.02229243 
_atom_sites.fract_transf_matrix[2][2]   -0.01001363 
_atom_sites.fract_transf_matrix[2][3]   0.00187484 
_atom_sites.fract_transf_matrix[3][1]   0.00153625 
_atom_sites.fract_transf_matrix[3][2]   0.00242714 
_atom_sites.fract_transf_matrix[3][3]   -0.00530301 
_atom_sites.fract_transf_vector[1]      -0.051569 
_atom_sites.fract_transf_vector[2]      -0.354137 
_atom_sites.fract_transf_vector[3]      0.043390 
# 
loop_
_atom_type.symbol 
C 
I 
N 
O 
S 
# 
loop_
_atom_site.group_PDB 
_atom_site.id 
_atom_site.type_symbol 
_atom_site.label_atom_id 
_atom_site.label_alt_id 
_atom_site.label_comp_id 
_atom_site.label_asym_id 
_atom_site.label_entity_id 
_atom_site.label_seq_id 
_atom_site.pdbx_PDB_ins_code 
_atom_site.Cartn_x 
_atom_site.Cartn_y 
_atom_site.Cartn_z 
_atom_site.occupancy 
_atom_site.B_iso_or_equiv 
_atom_site.pdbx_formal_charge 
_atom_site.auth_seq_id 
_atom_site.auth_comp_id 
_atom_site.auth_asym_id 
_atom_site.auth_atom_id 
_atom_site.pdbx_PDB_model_num 
ATOM   1    N N     . MET A 1 1   ? -1.546  -5.210  -11.404 1.00 19.65 ? 1    MET A N     1 
ATOM   2    C CA    . MET A 1 1   ? -2.783  -4.784  -12.113 1.00 26.90 ? 1    MET A CA    1 
ATOM   3    C C     . MET A 1 1   ? -3.358  -3.480  -11.546 1.00 19.89 ? 1    MET A C     1 
ATOM   4    O O     . MET A 1 1   ? -4.016  -2.749  -12.258 1.00 23.11 ? 1    MET A O     1 
ATOM   5    C CB    . MET A 1 1   ? -3.851  -5.874  -12.015 1.00 23.98 ? 1    MET A CB    1 
ATOM   6    C CG    . MET A 1 1   ? -3.495  -7.187  -12.725 1.00 22.37 ? 1    MET A CG    1 
ATOM   7    S SD    . MET A 1 1   ? -4.905  -8.294  -12.517 1.00 24.26 ? 1    MET A SD    1 
ATOM   8    C CE    . MET A 1 1   ? -6.064  -7.692  -13.867 1.00 27.26 ? 1    MET A CE    1 
ATOM   9    N N     . LEU A 1 2   ? -3.109  -3.212  -10.257 1.00 15.46 ? 2    LEU A N     1 
ATOM   10   C CA    . LEU A 1 2   ? -3.602  -1.994  -9.638  1.00 14.29 ? 2    LEU A CA    1 
ATOM   11   C C     . LEU A 1 2   ? -2.399  -1.175  -9.163  1.00 15.72 ? 2    LEU A C     1 
ATOM   12   O O     . LEU A 1 2   ? -1.248  -1.570  -9.325  1.00 16.82 ? 2    LEU A O     1 
ATOM   13   C CB    . LEU A 1 2   ? -4.520  -2.321  -8.437  1.00 15.33 ? 2    LEU A CB    1 
ATOM   14   C CG    . LEU A 1 2   ? -5.752  -3.190  -8.747  1.00 18.09 ? 2    LEU A CG    1 
ATOM   15   C CD1   . LEU A 1 2   ? -6.575  -3.353  -7.487  1.00 18.56 ? 2    LEU A CD1   1 
ATOM   16   C CD2   . LEU A 1 2   ? -6.611  -2.547  -9.857  1.00 15.54 ? 2    LEU A CD2   1 
ATOM   17   N N     . ASP A 1 3   ? -2.683  -0.028  -8.566  1.00 14.07 ? 3    ASP A N     1 
ATOM   18   C CA    . ASP A 1 3   ? -1.631  0.869   -8.080  1.00 13.94 ? 3    ASP A CA    1 
ATOM   19   C C     . ASP A 1 3   ? -1.654  0.851   -6.539  1.00 11.41 ? 3    ASP A C     1 
ATOM   20   O O     . ASP A 1 3   ? -2.726  0.959   -5.949  1.00 14.70 ? 3    ASP A O     1 
ATOM   21   C CB    . ASP A 1 3   ? -1.976  2.282   -8.587  1.00 14.96 ? 3    ASP A CB    1 
ATOM   22   C CG    . ASP A 1 3   ? -1.730  2.419   -10.110 1.00 19.71 ? 3    ASP A CG    1 
ATOM   23   O OD1   . ASP A 1 3   ? -0.623  2.808   -10.479 1.00 18.43 ? 3    ASP A OD1   1 
ATOM   24   O OD2   . ASP A 1 3   ? -2.636  2.098   -10.911 1.00 21.62 ? 3    ASP A OD2   1 
ATOM   25   N N     . ILE A 1 4   ? -0.481  0.764   -5.926  1.00 10.15 ? 4    ILE A N     1 
ATOM   26   C CA    . ILE A 1 4   ? -0.346  0.715   -4.441  1.00 9.05  ? 4    ILE A CA    1 
ATOM   27   C C     . ILE A 1 4   ? 0.326   2.028   -4.071  1.00 14.91 ? 4    ILE A C     1 
ATOM   28   O O     . ILE A 1 4   ? 1.306   2.399   -4.734  1.00 14.70 ? 4    ILE A O     1 
ATOM   29   C CB    . ILE A 1 4   ? 0.614   -0.426  -4.107  1.00 8.87  ? 4    ILE A CB    1 
ATOM   30   C CG1   . ILE A 1 4   ? -0.001  -1.730  -4.619  1.00 15.73 ? 4    ILE A CG1   1 
ATOM   31   C CG2   . ILE A 1 4   ? 0.944   -0.479  -2.609  1.00 16.87 ? 4    ILE A CG2   1 
ATOM   32   C CD1   . ILE A 1 4   ? -1.387  -2.038  -4.029  1.00 22.98 ? 4    ILE A CD1   1 
ATOM   33   N N     . VAL A 1 5   ? -0.172  2.685   -3.019  1.00 10.93 ? 5    VAL A N     1 
ATOM   34   C CA    . VAL A 1 5   ? 0.356   4.012   -2.634  1.00 11.12 ? 5    VAL A CA    1 
ATOM   35   C C     . VAL A 1 5   ? 0.790   3.985   -1.166  1.00 15.17 ? 5    VAL A C     1 
ATOM   36   O O     . VAL A 1 5   ? 0.019   3.597   -0.314  1.00 13.62 ? 5    VAL A O     1 
ATOM   37   C CB    . VAL A 1 5   ? -0.763  5.060   -2.803  1.00 12.73 ? 5    VAL A CB    1 
ATOM   38   C CG1   . VAL A 1 5   ? -0.229  6.482   -2.461  1.00 18.22 ? 5    VAL A CG1   1 
ATOM   39   C CG2   . VAL A 1 5   ? -1.342  5.021   -4.223  1.00 16.44 ? 5    VAL A CG2   1 
ATOM   40   N N     . LEU A 1 6   ? 2.042   4.325   -0.880  1.00 14.64 ? 6    LEU A N     1 
ATOM   41   C CA    . LEU A 1 6   ? 2.506   4.372   0.504   1.00 10.57 ? 6    LEU A CA    1 
ATOM   42   C C     . LEU A 1 6   ? 2.603   5.824   0.869   1.00 18.91 ? 6    LEU A C     1 
ATOM   43   O O     . LEU A 1 6   ? 3.365   6.569   0.237   1.00 17.31 ? 6    LEU A O     1 
ATOM   44   C CB    . LEU A 1 6   ? 3.872   3.752   0.682   1.00 10.57 ? 6    LEU A CB    1 
ATOM   45   C CG    . LEU A 1 6   ? 3.979   2.307   0.161   1.00 10.60 ? 6    LEU A CG    1 
ATOM   46   C CD1   . LEU A 1 6   ? 5.341   1.807   0.516   1.00 13.54 ? 6    LEU A CD1   1 
ATOM   47   C CD2   . LEU A 1 6   ? 2.903   1.435   0.827   1.00 13.64 ? 6    LEU A CD2   1 
ATOM   48   N N     . TYR A 1 7   ? 1.813   6.214   1.866   1.00 16.10 ? 7    TYR A N     1 
ATOM   49   C CA    . TYR A 1 7   ? 1.786   7.576   2.364   1.00 14.09 ? 7    TYR A CA    1 
ATOM   50   C C     . TYR A 1 7   ? 2.876   7.734   3.403   1.00 17.52 ? 7    TYR A C     1 
ATOM   51   O O     . TYR A 1 7   ? 2.822   7.114   4.444   1.00 17.32 ? 7    TYR A O     1 
ATOM   52   C CB    . TYR A 1 7   ? 0.428   7.903   3.014   1.00 11.19 ? 7    TYR A CB    1 
ATOM   53   C CG    . TYR A 1 7   ? 0.330   9.342   3.481   1.00 18.54 ? 7    TYR A CG    1 
ATOM   54   C CD1   . TYR A 1 7   ? -0.093  10.354  2.604   1.00 23.08 ? 7    TYR A CD1   1 
ATOM   55   C CD2   . TYR A 1 7   ? 0.649   9.688   4.788   1.00 15.18 ? 7    TYR A CD2   1 
ATOM   56   C CE1   . TYR A 1 7   ? -0.199  11.680  3.025   1.00 22.08 ? 7    TYR A CE1   1 
ATOM   57   C CE2   . TYR A 1 7   ? 0.543   11.033  5.231   1.00 19.35 ? 7    TYR A CE2   1 
ATOM   58   C CZ    . TYR A 1 7   ? 0.119   12.012  4.343   1.00 26.08 ? 7    TYR A CZ    1 
ATOM   59   O OH    . TYR A 1 7   ? 0.004   13.321  4.762   1.00 25.35 ? 7    TYR A OH    1 
ATOM   60   N N     . GLU A 1 8   ? 3.888   8.541   3.078   1.00 13.10 ? 8    GLU A N     1 
ATOM   61   C CA    . GLU A 1 8   ? 5.013   8.823   3.989   1.00 19.12 ? 8    GLU A CA    1 
ATOM   62   C C     . GLU A 1 8   ? 5.603   7.622   4.714   1.00 18.93 ? 8    GLU A C     1 
ATOM   63   O O     . GLU A 1 8   ? 5.736   7.641   5.935   1.00 21.78 ? 8    GLU A O     1 
ATOM   64   C CB    . GLU A 1 8   ? 4.566   9.876   5.021   1.00 19.43 ? 8    GLU A CB    1 
ATOM   65   C CG    . GLU A 1 8   ? 4.070   11.151  4.381   1.00 25.19 ? 8    GLU A CG    1 
ATOM   66   C CD    . GLU A 1 8   ? 3.791   12.309  5.359   1.00 35.64 ? 8    GLU A CD    1 
ATOM   67   O OE1   . GLU A 1 8   ? 3.410   13.374  4.848   1.00 25.80 ? 8    GLU A OE1   1 
ATOM   68   O OE2   . GLU A 1 8   ? 3.944   12.165  6.600   1.00 28.34 ? 8    GLU A OE2   1 
ATOM   69   N N     . PRO A 1 9   ? 5.954   6.542   3.978   1.00 20.12 ? 9    PRO A N     1 
ATOM   70   C CA    . PRO A 1 9   ? 6.517   5.368   4.617   1.00 13.93 ? 9    PRO A CA    1 
ATOM   71   C C     . PRO A 1 9   ? 7.806   5.735   5.358   1.00 17.80 ? 9    PRO A C     1 
ATOM   72   O O     . PRO A 1 9   ? 8.585   6.586   4.899   1.00 24.03 ? 9    PRO A O     1 
ATOM   73   C CB    . PRO A 1 9   ? 6.761   4.405   3.454   1.00 21.81 ? 9    PRO A CB    1 
ATOM   74   C CG    . PRO A 1 9   ? 6.958   5.364   2.273   1.00 14.73 ? 9    PRO A CG    1 
ATOM   75   C CD    . PRO A 1 9   ? 5.959   6.423   2.512   1.00 17.68 ? 9    PRO A CD    1 
ATOM   76   N N     . GLU A 1 10  ? 8.022   5.074   6.479   1.00 19.46 ? 10   GLU A N     1 
ATOM   77   C CA    . GLU A 1 10  ? 9.185   5.406   7.301   1.00 21.94 ? 10   GLU A CA    1 
ATOM   78   C C     . GLU A 1 10  ? 10.379  4.486   7.330   1.00 28.56 ? 10   GLU A C     1 
ATOM   79   O O     . GLU A 1 10  ? 11.516  4.968   7.303   1.00 27.33 ? 10   GLU A O     1 
ATOM   80   C CB    . GLU A 1 10  ? 8.739   5.622   8.762   1.00 21.09 ? 10   GLU A CB    1 
ATOM   81   C CG    . GLU A 1 10  ? 7.639   6.618   8.888   1.00 21.98 ? 10   GLU A CG    1 
ATOM   82   C CD    . GLU A 1 10  ? 6.877   6.513   10.199  1.00 25.73 ? 10   GLU A CD    1 
ATOM   83   O OE1   . GLU A 1 10  ? 6.611   5.393   10.662  1.00 27.76 ? 10   GLU A OE1   1 
ATOM   84   O OE2   . GLU A 1 10  ? 6.505   7.554   10.733  1.00 26.39 ? 10   GLU A OE2   1 
ATOM   85   N N     . ILE A 1 11  ? 10.129  3.183   7.389   1.00 21.13 ? 11   ILE A N     1 
ATOM   86   C CA    . ILE A 1 11  ? 11.185  2.184   7.537   1.00 20.61 ? 11   ILE A CA    1 
ATOM   87   C C     . ILE A 1 11  ? 11.561  1.518   6.196   1.00 34.93 ? 11   ILE A C     1 
ATOM   88   O O     . ILE A 1 11  ? 10.749  0.824   5.607   1.00 30.87 ? 11   ILE A O     1 
ATOM   89   C CB    . ILE A 1 11  ? 10.721  1.126   8.493   1.00 21.87 ? 11   ILE A CB    1 
ATOM   90   C CG1   . ILE A 1 11  ? 10.324  1.783   9.822   1.00 31.62 ? 11   ILE A CG1   1 
ATOM   91   C CG2   . ILE A 1 11  ? 11.801  0.076   8.722   1.00 26.33 ? 11   ILE A CG2   1 
ATOM   92   C CD1   . ILE A 1 11  ? 9.641   0.812   10.720  1.00 40.58 ? 11   ILE A CD1   1 
ATOM   93   N N     . PRO A 1 12  ? 12.817  1.681   5.743   1.00 27.50 ? 12   PRO A N     1 
ATOM   94   C CA    . PRO A 1 12  ? 13.267  1.101   4.471   1.00 20.76 ? 12   PRO A CA    1 
ATOM   95   C C     . PRO A 1 12  ? 13.015  -0.392  4.226   1.00 19.78 ? 12   PRO A C     1 
ATOM   96   O O     . PRO A 1 12  ? 12.610  -0.758  3.121   1.00 29.78 ? 12   PRO A O     1 
ATOM   97   C CB    . PRO A 1 12  ? 14.755  1.495   4.408   1.00 39.47 ? 12   PRO A CB    1 
ATOM   98   C CG    . PRO A 1 12  ? 15.147  1.713   5.871   1.00 37.09 ? 12   PRO A CG    1 
ATOM   99   C CD    . PRO A 1 12  ? 13.916  2.404   6.419   1.00 47.45 ? 12   PRO A CD    1 
ATOM   100  N N     . GLN A 1 13  ? 13.173  -1.221  5.247   1.00 21.62 ? 13   GLN A N     1 
ATOM   101  C CA    . GLN A 1 13  ? 12.984  -2.667  5.130   1.00 25.99 ? 13   GLN A CA    1 
ATOM   102  C C     . GLN A 1 13  ? 11.547  -2.983  4.679   1.00 32.08 ? 13   GLN A C     1 
ATOM   103  O O     . GLN A 1 13  ? 11.322  -3.862  3.844   1.00 31.44 ? 13   GLN A O     1 
ATOM   104  C CB    . GLN A 1 13  ? 13.268  -3.347  6.464   1.00 34.41 ? 13   GLN A CB    1 
ATOM   105  C CG    . GLN A 1 13  ? 12.976  -4.857  6.518   1.00 53.16 ? 13   GLN A CG    1 
ATOM   106  C CD    . GLN A 1 13  ? 14.140  -5.748  6.057   1.00 61.19 ? 13   GLN A CD    1 
ATOM   107  O OE1   . GLN A 1 13  ? 14.460  -5.833  4.865   1.00 63.49 ? 13   GLN A OE1   1 
ATOM   108  N NE2   . GLN A 1 13  ? 14.775  -6.422  7.016   1.00 66.86 ? 13   GLN A NE2   1 
ATOM   109  N N     . ASN A 1 14  ? 10.564  -2.285  5.242   1.00 18.96 ? 14   ASN A N     1 
ATOM   110  C CA    . ASN A 1 14  ? 9.197   -2.535  4.815   1.00 24.04 ? 14   ASN A CA    1 
ATOM   111  C C     . ASN A 1 14  ? 8.993   -2.172  3.355   1.00 24.37 ? 14   ASN A C     1 
ATOM   112  O O     . ASN A 1 14  ? 8.346   -2.891  2.593   1.00 22.18 ? 14   ASN A O     1 
ATOM   113  C CB    . ASN A 1 14  ? 8.203   -1.741  5.690   1.00 18.67 ? 14   ASN A CB    1 
ATOM   114  C CG    . ASN A 1 14  ? 7.990   -2.388  7.010   1.00 31.55 ? 14   ASN A CG    1 
ATOM   115  O OD1   . ASN A 1 14  ? 8.114   -3.602  7.128   1.00 35.61 ? 14   ASN A OD1   1 
ATOM   116  N ND2   . ASN A 1 14  ? 7.643   -1.598  8.017   1.00 20.53 ? 14   ASN A ND2   1 
ATOM   117  N N     . THR A 1 15  ? 9.535   -1.037  2.965   1.00 20.79 ? 15   THR A N     1 
ATOM   118  C CA    . THR A 1 15  ? 9.378   -0.598  1.614   1.00 20.38 ? 15   THR A CA    1 
ATOM   119  C C     . THR A 1 15  ? 10.106  -1.563  0.677   1.00 24.93 ? 15   THR A C     1 
ATOM   120  O O     . THR A 1 15  ? 9.642   -1.788  -0.448  1.00 24.91 ? 15   THR A O     1 
ATOM   121  C CB    . THR A 1 15  ? 9.892   0.847   1.436   1.00 21.81 ? 15   THR A CB    1 
ATOM   122  O OG1   . THR A 1 15  ? 8.965   1.754   2.068   1.00 23.52 ? 15   THR A OG1   1 
ATOM   123  C CG2   . THR A 1 15  ? 9.952   1.222   -0.013  1.00 24.80 ? 15   THR A CG2   1 
ATOM   124  N N     . GLY A 1 16  ? 11.221  -2.122  1.154   1.00 25.02 ? 16   GLY A N     1 
ATOM   125  C CA    . GLY A 1 16  ? 11.994  -3.068  0.347   1.00 21.25 ? 16   GLY A CA    1 
ATOM   126  C C     . GLY A 1 16  ? 11.167  -4.299  0.085   1.00 21.46 ? 16   GLY A C     1 
ATOM   127  O O     . GLY A 1 16  ? 11.179  -4.835  -1.041  1.00 23.04 ? 16   GLY A O     1 
ATOM   128  N N     . ASN A 1 17  ? 10.478  -4.785  1.117   1.00 21.92 ? 17   ASN A N     1 
ATOM   129  C CA    . ASN A 1 17  ? 9.625   -5.952  0.930   1.00 19.49 ? 17   ASN A CA    1 
ATOM   130  C C     . ASN A 1 17  ? 8.492   -5.555  -0.019  1.00 19.33 ? 17   ASN A C     1 
ATOM   131  O O     . ASN A 1 17  ? 8.062   -6.370  -0.845  1.00 18.74 ? 17   ASN A O     1 
ATOM   132  C CB    . ASN A 1 17  ? 9.018   -6.426  2.245   1.00 21.53 ? 17   ASN A CB    1 
ATOM   133  C CG    . ASN A 1 17  ? 10.002  -7.197  3.115   1.00 34.59 ? 17   ASN A CG    1 
ATOM   134  O OD1   . ASN A 1 17  ? 11.130  -7.469  2.714   1.00 36.63 ? 17   ASN A OD1   1 
ATOM   135  N ND2   . ASN A 1 17  ? 9.565   -7.553  4.312   1.00 39.99 ? 17   ASN A ND2   1 
ATOM   136  N N     . ILE A 1 18  ? 7.983   -4.318  0.078   1.00 14.34 ? 18   ILE A N     1 
ATOM   137  C CA    . ILE A 1 18  ? 6.875   -3.927  -0.791  1.00 13.95 ? 18   ILE A CA    1 
ATOM   138  C C     . ILE A 1 18  ? 7.273   -3.788  -2.271  1.00 15.86 ? 18   ILE A C     1 
ATOM   139  O O     . ILE A 1 18  ? 6.515   -4.125  -3.191  1.00 14.99 ? 18   ILE A O     1 
ATOM   140  C CB    . ILE A 1 18  ? 6.191   -2.633  -0.233  1.00 13.97 ? 18   ILE A CB    1 
ATOM   141  C CG1   . ILE A 1 18  ? 5.523   -3.014  1.099   1.00 12.21 ? 18   ILE A CG1   1 
ATOM   142  C CG2   . ILE A 1 18  ? 5.157   -2.089  -1.217  1.00 12.22 ? 18   ILE A CG2   1 
ATOM   143  C CD1   . ILE A 1 18  ? 5.193   -1.785  1.994   1.00 12.54 ? 18   ILE A CD1   1 
ATOM   144  N N     . ILE A 1 19  ? 8.489   -3.338  -2.508  1.00 14.98 ? 19   ILE A N     1 
ATOM   145  C CA    . ILE A 1 19  ? 8.956   -3.236  -3.885  1.00 14.25 ? 19   ILE A CA    1 
ATOM   146  C C     . ILE A 1 19  ? 9.070   -4.634  -4.497  1.00 12.09 ? 19   ILE A C     1 
ATOM   147  O O     . ILE A 1 19  ? 8.680   -4.809  -5.682  1.00 16.24 ? 19   ILE A O     1 
ATOM   148  C CB    . ILE A 1 19  ? 10.333  -2.504  -3.949  1.00 17.22 ? 19   ILE A CB    1 
ATOM   149  C CG1   . ILE A 1 19  ? 10.100  -1.024  -3.615  1.00 15.81 ? 19   ILE A CG1   1 
ATOM   150  C CG2   . ILE A 1 19  ? 10.978  -2.681  -5.344  1.00 18.45 ? 19   ILE A CG2   1 
ATOM   151  C CD1   . ILE A 1 19  ? 11.419  -0.280  -3.338  1.00 24.63 ? 19   ILE A CD1   1 
ATOM   152  N N     . ARG A 1 20  ? 9.569   -5.610  -3.721  1.00 16.56 ? 20   ARG A N     1 
ATOM   153  C CA    . ARG A 1 20  ? 9.709   -7.000  -4.174  1.00 16.25 ? 20   ARG A CA    1 
ATOM   154  C C     . ARG A 1 20  ? 8.299   -7.551  -4.433  1.00 14.92 ? 20   ARG A C     1 
ATOM   155  O O     . ARG A 1 20  ? 8.042   -8.225  -5.453  1.00 12.65 ? 20   ARG A O     1 
ATOM   156  C CB    . ARG A 1 20  ? 10.415  -7.838  -3.115  1.00 18.76 ? 20   ARG A CB    1 
ATOM   157  C CG    . ARG A 1 20  ? 10.479  -9.340  -3.351  1.00 27.18 ? 20   ARG A CG    1 
ATOM   158  C CD    . ARG A 1 20  ? 11.305  -9.650  -4.585  1.00 38.23 ? 20   ARG A CD    1 
ATOM   159  N NE    . ARG A 1 20  ? 12.733  -9.527  -4.345  1.00 39.87 ? 20   ARG A NE    1 
ATOM   160  C CZ    . ARG A 1 20  ? 13.425  -10.362 -3.570  1.00 53.91 ? 20   ARG A CZ    1 
ATOM   161  N NH1   . ARG A 1 20  ? 12.806  -11.373 -2.970  1.00 63.85 ? 20   ARG A NH1   1 
ATOM   162  N NH2   . ARG A 1 20  ? 14.735  -10.199 -3.408  1.00 62.21 ? 20   ARG A NH2   1 
ATOM   163  N N     . LEU A 1 21  ? 7.356   -7.203  -3.534  1.00 13.96 ? 21   LEU A N     1 
ATOM   164  C CA    . LEU A 1 21  ? 5.954   -7.625  -3.697  1.00 11.31 ? 21   LEU A CA    1 
ATOM   165  C C     . LEU A 1 21  ? 5.344   -7.084  -4.980  1.00 15.72 ? 21   LEU A C     1 
ATOM   166  O O     . LEU A 1 21  ? 4.759   -7.823  -5.774  1.00 15.79 ? 21   LEU A O     1 
ATOM   167  C CB    . LEU A 1 21  ? 5.125   -7.133  -2.506  1.00 11.21 ? 21   LEU A CB    1 
ATOM   168  C CG    . LEU A 1 21  ? 3.610   -7.253  -2.634  1.00 16.92 ? 21   LEU A CG    1 
ATOM   169  C CD1   . LEU A 1 21  ? 3.173   -8.732  -2.548  1.00 19.73 ? 21   LEU A CD1   1 
ATOM   170  C CD2   . LEU A 1 21  ? 2.939   -6.457  -1.527  1.00 20.86 ? 21   LEU A CD2   1 
ATOM   171  N N     . CYS A 1 22  ? 5.474   -5.789  -5.198  1.00 12.63 ? 22   CYS A N     1 
ATOM   172  C CA    . CYS A 1 22  ? 4.925   -5.212  -6.409  1.00 16.29 ? 22   CYS A CA    1 
ATOM   173  C C     . CYS A 1 22  ? 5.599   -5.814  -7.669  1.00 15.31 ? 22   CYS A C     1 
ATOM   174  O O     . CYS A 1 22  ? 4.929   -6.100  -8.642  1.00 16.52 ? 22   CYS A O     1 
ATOM   175  C CB    . CYS A 1 22  ? 5.036   -3.685  -6.358  1.00 20.28 ? 22   CYS A CB    1 
ATOM   176  S SG    . CYS A 1 22  ? 3.918   -3.019  -5.067  1.00 22.57 ? 22   CYS A SG    1 
ATOM   177  N N     . ALA A 1 23  ? 6.900   -6.087  -7.638  1.00 15.87 ? 23   ALA A N     1 
ATOM   178  C CA    . ALA A 1 23  ? 7.515   -6.699  -8.832  1.00 20.58 ? 23   ALA A CA    1 
ATOM   179  C C     . ALA A 1 23  ? 7.002   -8.146  -9.061  1.00 16.86 ? 23   ALA A C     1 
ATOM   180  O O     . ALA A 1 23  ? 6.795   -8.596  -10.206 1.00 17.78 ? 23   ALA A O     1 
ATOM   181  C CB    . ALA A 1 23  ? 9.056   -6.673  -8.706  1.00 17.89 ? 23   ALA A CB    1 
ATOM   182  N N     . ASN A 1 24  ? 6.756   -8.865  -7.970  1.00 14.57 ? 24   ASN A N     1 
ATOM   183  C CA    . ASN A 1 24  ? 6.275   -10.244 -8.034  1.00 14.15 ? 24   ASN A CA    1 
ATOM   184  C C     . ASN A 1 24  ? 4.816   -10.365 -8.442  1.00 15.07 ? 24   ASN A C     1 
ATOM   185  O O     . ASN A 1 24  ? 4.347   -11.483 -8.730  1.00 14.05 ? 24   ASN A O     1 
ATOM   186  C CB    . ASN A 1 24  ? 6.412   -10.916 -6.657  1.00 14.78 ? 24   ASN A CB    1 
ATOM   187  C CG    . ASN A 1 24  ? 7.839   -11.335 -6.329  1.00 19.20 ? 24   ASN A CG    1 
ATOM   188  O OD1   . ASN A 1 24  ? 8.739   -11.299 -7.175  1.00 20.39 ? 24   ASN A OD1   1 
ATOM   189  N ND2   . ASN A 1 24  ? 8.055   -11.731 -5.077  1.00 18.66 ? 24   ASN A ND2   1 
ATOM   190  N N     . THR A 1 25  ? 4.094   -9.245  -8.407  1.00 12.01 ? 25   THR A N     1 
ATOM   191  C CA    . THR A 1 25  ? 2.660   -9.241  -8.716  1.00 13.41 ? 25   THR A CA    1 
ATOM   192  C C     . THR A 1 25  ? 2.243   -8.364  -9.908  1.00 16.08 ? 25   THR A C     1 
ATOM   193  O O     . THR A 1 25  ? 1.118   -8.467  -10.380 1.00 10.74 ? 25   THR A O     1 
ATOM   194  C CB    . THR A 1 25  ? 1.838   -8.758  -7.490  1.00 13.51 ? 25   THR A CB    1 
ATOM   195  O OG1   . THR A 1 25  ? 2.281   -7.439  -7.086  1.00 11.94 ? 25   THR A OG1   1 
ATOM   196  C CG2   . THR A 1 25  ? 1.940   -9.789  -6.320  1.00 12.51 ? 25   THR A CG2   1 
ATOM   197  N N     . GLY A 1 26  ? 3.149   -7.513  -10.379 1.00 17.84 ? 26   GLY A N     1 
ATOM   198  C CA    . GLY A 1 26  ? 2.804   -6.630  -11.476 1.00 14.88 ? 26   GLY A CA    1 
ATOM   199  C C     . GLY A 1 26  ? 2.055   -5.384  -10.997 1.00 16.04 ? 26   GLY A C     1 
ATOM   200  O O     . GLY A 1 26  ? 1.532   -4.621  -11.801 1.00 16.25 ? 26   GLY A O     1 
ATOM   201  N N     . PHE A 1 27  ? 1.977   -5.168  -9.695  1.00 13.96 ? 27   PHE A N     1 
ATOM   202  C CA    . PHE A 1 27  ? 1.258   -3.975  -9.207  1.00 14.32 ? 27   PHE A CA    1 
ATOM   203  C C     . PHE A 1 27  ? 2.262   -2.817  -9.284  1.00 11.64 ? 27   PHE A C     1 
ATOM   204  O O     . PHE A 1 27  ? 3.454   -3.047  -9.152  1.00 16.52 ? 27   PHE A O     1 
ATOM   205  C CB    . PHE A 1 27  ? 0.787   -4.198  -7.752  1.00 10.65 ? 27   PHE A CB    1 
ATOM   206  C CG    . PHE A 1 27  ? -0.526  -4.978  -7.662  1.00 10.28 ? 27   PHE A CG    1 
ATOM   207  C CD1   . PHE A 1 27  ? -1.623  -4.438  -7.039  1.00 11.04 ? 27   PHE A CD1   1 
ATOM   208  C CD2   . PHE A 1 27  ? -0.612  -6.244  -8.231  1.00 15.41 ? 27   PHE A CD2   1 
ATOM   209  C CE1   . PHE A 1 27  ? -2.839  -5.146  -6.975  1.00 13.37 ? 27   PHE A CE1   1 
ATOM   210  C CE2   . PHE A 1 27  ? -1.817  -6.954  -8.168  1.00 12.68 ? 27   PHE A CE2   1 
ATOM   211  C CZ    . PHE A 1 27  ? -2.909  -6.415  -7.550  1.00 11.54 ? 27   PHE A CZ    1 
ATOM   212  N N     . ARG A 1 28  ? 1.760   -1.598  -9.477  1.00 12.63 ? 28   ARG A N     1 
ATOM   213  C CA    . ARG A 1 28  ? 2.628   -0.420  -9.582  1.00 12.86 ? 28   ARG A CA    1 
ATOM   214  C C     . ARG A 1 28  ? 2.701   0.275   -8.245  1.00 14.10 ? 28   ARG A C     1 
ATOM   215  O O     . ARG A 1 28  ? 1.682   0.428   -7.597  1.00 18.09 ? 28   ARG A O     1 
ATOM   216  C CB    . ARG A 1 28  ? 2.070   0.507   -10.627 1.00 18.08 ? 28   ARG A CB    1 
ATOM   217  C CG    . ARG A 1 28  ? 2.127   -0.157  -12.024 1.00 23.79 ? 28   ARG A CG    1 
ATOM   218  C CD    . ARG A 1 28  ? 1.426   0.706   -13.045 1.00 36.57 ? 28   ARG A CD    1 
ATOM   219  N NE    . ARG A 1 28  ? -0.003  0.759   -12.764 1.00 35.15 ? 28   ARG A NE    1 
ATOM   220  C CZ    . ARG A 1 28  ? -0.859  -0.217  -13.058 1.00 40.65 ? 28   ARG A CZ    1 
ATOM   221  N NH1   . ARG A 1 28  ? -0.447  -1.335  -13.657 1.00 37.57 ? 28   ARG A NH1   1 
ATOM   222  N NH2   . ARG A 1 28  ? -2.134  -0.087  -12.737 1.00 22.82 ? 28   ARG A NH2   1 
ATOM   223  N N     . LEU A 1 29  ? 3.884   0.755   -7.879  1.00 14.98 ? 29   LEU A N     1 
ATOM   224  C CA    . LEU A 1 29  ? 4.065   1.387   -6.545  1.00 12.21 ? 29   LEU A CA    1 
ATOM   225  C C     . LEU A 1 29  ? 4.245   2.883   -6.620  1.00 20.80 ? 29   LEU A C     1 
ATOM   226  O O     . LEU A 1 29  ? 4.997   3.386   -7.474  1.00 19.91 ? 29   LEU A O     1 
ATOM   227  C CB    . LEU A 1 29  ? 5.283   0.757   -5.859  1.00 13.08 ? 29   LEU A CB    1 
ATOM   228  C CG    . LEU A 1 29  ? 5.739   1.207   -4.448  1.00 12.00 ? 29   LEU A CG    1 
ATOM   229  C CD1   . LEU A 1 29  ? 4.638   0.910   -3.416  1.00 15.57 ? 29   LEU A CD1   1 
ATOM   230  C CD2   . LEU A 1 29  ? 6.993   0.439   -4.033  1.00 20.95 ? 29   LEU A CD2   1 
ATOM   231  N N     . HIS A 1 30  ? 3.542   3.587   -5.737  1.00 15.38 ? 30   HIS A N     1 
ATOM   232  C CA    . HIS A 1 30  ? 3.660   5.046   -5.633  1.00 16.47 ? 30   HIS A CA    1 
ATOM   233  C C     . HIS A 1 30  ? 4.128   5.356   -4.211  1.00 19.49 ? 30   HIS A C     1 
ATOM   234  O O     . HIS A 1 30  ? 3.668   4.723   -3.277  1.00 17.94 ? 30   HIS A O     1 
ATOM   235  C CB    . HIS A 1 30  ? 2.320   5.699   -5.863  1.00 17.89 ? 30   HIS A CB    1 
ATOM   236  C CG    . HIS A 1 30  ? 1.820   5.581   -7.268  1.00 23.71 ? 30   HIS A CG    1 
ATOM   237  N ND1   . HIS A 1 30  ? 1.250   4.429   -7.774  1.00 29.55 ? 30   HIS A ND1   1 
ATOM   238  C CD2   . HIS A 1 30  ? 1.834   6.472   -8.286  1.00 16.81 ? 30   HIS A CD2   1 
ATOM   239  C CE1   . HIS A 1 30  ? 0.939   4.619   -9.050  1.00 17.76 ? 30   HIS A CE1   1 
ATOM   240  N NE2   . HIS A 1 30  ? 1.281   5.850   -9.381  1.00 31.29 ? 30   HIS A NE2   1 
ATOM   241  N N     . LEU A 1 31  ? 5.051   6.307   -4.039  1.00 17.47 ? 31   LEU A N     1 
ATOM   242  C CA    . LEU A 1 31  ? 5.494   6.686   -2.686  1.00 21.62 ? 31   LEU A CA    1 
ATOM   243  C C     . LEU A 1 31  ? 5.178   8.180   -2.491  1.00 21.01 ? 31   LEU A C     1 
ATOM   244  O O     . LEU A 1 31  ? 5.482   9.004   -3.357  1.00 22.05 ? 31   LEU A O     1 
ATOM   245  C CB    . LEU A 1 31  ? 6.994   6.456   -2.532  1.00 21.54 ? 31   LEU A CB    1 
ATOM   246  C CG    . LEU A 1 31  ? 7.491   5.059   -2.847  1.00 20.27 ? 31   LEU A CG    1 
ATOM   247  C CD1   . LEU A 1 31  ? 8.995   5.003   -2.653  1.00 29.06 ? 31   LEU A CD1   1 
ATOM   248  C CD2   . LEU A 1 31  ? 6.784   4.056   -1.911  1.00 16.29 ? 31   LEU A CD2   1 
ATOM   249  N N     . ILE A 1 32  ? 4.565   8.548   -1.366  1.00 18.21 ? 32   ILE A N     1 
ATOM   250  C CA    . ILE A 1 32  ? 4.262   9.972   -1.163  1.00 19.58 ? 32   ILE A CA    1 
ATOM   251  C C     . ILE A 1 32  ? 5.254   10.515  -0.117  1.00 18.39 ? 32   ILE A C     1 
ATOM   252  O O     . ILE A 1 32  ? 5.352   10.029  1.020   1.00 15.20 ? 32   ILE A O     1 
ATOM   253  C CB    . ILE A 1 32  ? 2.809   10.152  -0.717  1.00 19.89 ? 32   ILE A CB    1 
ATOM   254  C CG1   . ILE A 1 32  ? 1.891   9.694   -1.865  1.00 22.69 ? 32   ILE A CG1   1 
ATOM   255  C CG2   . ILE A 1 32  ? 2.550   11.633  -0.330  1.00 22.71 ? 32   ILE A CG2   1 
ATOM   256  C CD1   . ILE A 1 32  ? 0.433   9.938   -1.676  1.00 34.16 ? 32   ILE A CD1   1 
ATOM   257  N N     . GLU A 1 33  ? 6.006   11.529  -0.532  1.00 16.42 ? 33   GLU A N     1 
ATOM   258  C CA    . GLU A 1 33  ? 7.030   12.111  0.321   1.00 20.80 ? 33   GLU A CA    1 
ATOM   259  C C     . GLU A 1 33  ? 6.391   12.963  1.398   1.00 18.61 ? 33   GLU A C     1 
ATOM   260  O O     . GLU A 1 33  ? 5.260   13.420  1.254   1.00 21.95 ? 33   GLU A O     1 
ATOM   261  C CB    . GLU A 1 33  ? 7.995   12.937  -0.542  1.00 31.75 ? 33   GLU A CB    1 
ATOM   262  C CG    . GLU A 1 33  ? 8.557   12.126  -1.714  1.00 26.04 ? 33   GLU A CG    1 
ATOM   263  C CD    . GLU A 1 33  ? 9.516   12.912  -2.632  1.00 41.31 ? 33   GLU A CD    1 
ATOM   264  O OE1   . GLU A 1 33  ? 9.285   14.114  -2.886  1.00 38.64 ? 33   GLU A OE1   1 
ATOM   265  O OE2   . GLU A 1 33  ? 10.495  12.302  -3.127  1.00 42.35 ? 33   GLU A OE2   1 
ATOM   266  N N     . PRO A 1 34  ? 7.121   13.228  2.477   1.00 19.09 ? 34   PRO A N     1 
ATOM   267  C CA    . PRO A 1 34  ? 8.492   12.815  2.790   1.00 28.36 ? 34   PRO A CA    1 
ATOM   268  C C     . PRO A 1 34  ? 8.607   11.375  3.230   1.00 26.44 ? 34   PRO A C     1 
ATOM   269  O O     . PRO A 1 34  ? 7.745   10.869  3.945   1.00 23.11 ? 34   PRO A O     1 
ATOM   270  C CB    . PRO A 1 34  ? 8.878   13.753  3.940   1.00 26.35 ? 34   PRO A CB    1 
ATOM   271  C CG    . PRO A 1 34  ? 7.607   13.882  4.676   1.00 21.10 ? 34   PRO A CG    1 
ATOM   272  C CD    . PRO A 1 34  ? 6.588   14.094  3.555   1.00 30.18 ? 34   PRO A CD    1 
ATOM   273  N N     . LEU A 1 35  ? 9.661   10.704  2.793   1.00 21.49 ? 35   LEU A N     1 
ATOM   274  C CA    . LEU A 1 35  ? 9.891   9.332   3.228   1.00 20.74 ? 35   LEU A CA    1 
ATOM   275  C C     . LEU A 1 35  ? 10.802  9.368   4.448   1.00 20.45 ? 35   LEU A C     1 
ATOM   276  O O     . LEU A 1 35  ? 11.471  10.378  4.688   1.00 29.98 ? 35   LEU A O     1 
ATOM   277  C CB    . LEU A 1 35  ? 10.616  8.524   2.140   1.00 27.01 ? 35   LEU A CB    1 
ATOM   278  C CG    . LEU A 1 35  ? 10.178  8.867   0.727   1.00 23.34 ? 35   LEU A CG    1 
ATOM   279  C CD1   . LEU A 1 35  ? 10.983  8.048   -0.230  1.00 30.75 ? 35   LEU A CD1   1 
ATOM   280  C CD2   . LEU A 1 35  ? 8.693   8.620   0.526   1.00 28.38 ? 35   LEU A CD2   1 
ATOM   281  N N     . GLY A 1 36  ? 10.888  8.252   5.164   1.00 19.55 ? 36   GLY A N     1 
ATOM   282  C CA    . GLY A 1 36  ? 11.752  8.187   6.325   1.00 25.45 ? 36   GLY A CA    1 
ATOM   283  C C     . GLY A 1 36  ? 13.186  7.795   5.979   1.00 34.72 ? 36   GLY A C     1 
ATOM   284  O O     . GLY A 1 36  ? 14.015  7.680   6.865   1.00 29.44 ? 36   GLY A O     1 
ATOM   285  N N     . PHE A 1 37  ? 13.479  7.598   4.700   1.00 28.99 ? 37   PHE A N     1 
ATOM   286  C CA    . PHE A 1 37  ? 14.825  7.178   4.266   1.00 26.57 ? 37   PHE A CA    1 
ATOM   287  C C     . PHE A 1 37  ? 15.215  7.828   2.939   1.00 31.46 ? 37   PHE A C     1 
ATOM   288  O O     . PHE A 1 37  ? 14.378  8.334   2.191   1.00 28.43 ? 37   PHE A O     1 
ATOM   289  C CB    . PHE A 1 37  ? 14.881  5.647   4.110   1.00 29.13 ? 37   PHE A CB    1 
ATOM   290  C CG    . PHE A 1 37  ? 13.627  5.064   3.508   1.00 24.49 ? 37   PHE A CG    1 
ATOM   291  C CD1   . PHE A 1 37  ? 12.563  4.694   4.329   1.00 33.61 ? 37   PHE A CD1   1 
ATOM   292  C CD2   . PHE A 1 37  ? 13.467  5.007   2.123   1.00 39.45 ? 37   PHE A CD2   1 
ATOM   293  C CE1   . PHE A 1 37  ? 11.332  4.281   3.781   1.00 24.88 ? 37   PHE A CE1   1 
ATOM   294  C CE2   . PHE A 1 37  ? 12.248  4.601   1.544   1.00 36.33 ? 37   PHE A CE2   1 
ATOM   295  C CZ    . PHE A 1 37  ? 11.173  4.240   2.378   1.00 29.06 ? 37   PHE A CZ    1 
ATOM   296  N N     . THR A 1 38  ? 16.515  7.834   2.650   1.00 31.22 ? 38   THR A N     1 
ATOM   297  C CA    . THR A 1 38  ? 16.976  8.400   1.399   1.00 39.06 ? 38   THR A CA    1 
ATOM   298  C C     . THR A 1 38  ? 16.571  7.383   0.323   1.00 27.95 ? 38   THR A C     1 
ATOM   299  O O     . THR A 1 38  ? 16.552  6.179   0.591   1.00 35.50 ? 38   THR A O     1 
ATOM   300  C CB    . THR A 1 38  ? 18.514  8.568   1.418   1.00 32.03 ? 38   THR A CB    1 
ATOM   301  O OG1   . THR A 1 38  ? 19.137  7.285   1.616   1.00 30.48 ? 38   THR A OG1   1 
ATOM   302  C CG2   . THR A 1 38  ? 18.926  9.481   2.587   1.00 44.28 ? 38   THR A CG2   1 
ATOM   303  N N     . TRP A 1 39  ? 16.233  7.865   -0.865  1.00 35.10 ? 39   TRP A N     1 
ATOM   304  C CA    . TRP A 1 39  ? 15.836  6.960   -1.941  1.00 49.13 ? 39   TRP A CA    1 
ATOM   305  C C     . TRP A 1 39  ? 17.076  6.156   -2.312  1.00 54.11 ? 39   TRP A C     1 
ATOM   306  O O     . TRP A 1 39  ? 16.998  5.022   -2.797  1.00 58.70 ? 39   TRP A O     1 
ATOM   307  C CB    . TRP A 1 39  ? 15.332  7.750   -3.149  1.00 50.35 ? 39   TRP A CB    1 
ATOM   308  C CG    . TRP A 1 39  ? 14.700  6.887   -4.223  1.00 53.02 ? 39   TRP A CG    1 
ATOM   309  C CD1   . TRP A 1 39  ? 14.785  7.068   -5.574  1.00 56.53 ? 39   TRP A CD1   1 
ATOM   310  C CD2   . TRP A 1 39  ? 13.866  5.737   -4.028  1.00 48.76 ? 39   TRP A CD2   1 
ATOM   311  N NE1   . TRP A 1 39  ? 14.055  6.107   -6.236  1.00 46.95 ? 39   TRP A NE1   1 
ATOM   312  C CE2   . TRP A 1 39  ? 13.483  5.275   -5.312  1.00 53.73 ? 39   TRP A CE2   1 
ATOM   313  C CE3   . TRP A 1 39  ? 13.405  5.051   -2.895  1.00 55.75 ? 39   TRP A CE3   1 
ATOM   314  C CZ2   . TRP A 1 39  ? 12.659  4.153   -5.496  1.00 51.12 ? 39   TRP A CZ2   1 
ATOM   315  C CZ3   . TRP A 1 39  ? 12.583  3.930   -3.076  1.00 58.71 ? 39   TRP A CZ3   1 
ATOM   316  C CH2   . TRP A 1 39  ? 12.223  3.496   -4.371  1.00 55.87 ? 39   TRP A CH2   1 
ATOM   317  N N     . ASP A 1 40  ? 18.227  6.763   -2.065  1.00 41.64 ? 40   ASP A N     1 
ATOM   318  C CA    . ASP A 1 40  ? 19.520  6.144   -2.332  1.00 56.73 ? 40   ASP A CA    1 
ATOM   319  C C     . ASP A 1 40  ? 20.005  5.375   -1.088  1.00 54.71 ? 40   ASP A C     1 
ATOM   320  O O     . ASP A 1 40  ? 21.190  5.070   -0.965  1.00 61.32 ? 40   ASP A O     1 
ATOM   321  C CB    . ASP A 1 40  ? 20.530  7.243   -2.685  1.00 64.87 ? 40   ASP A CB    1 
ATOM   322  C CG    . ASP A 1 40  ? 21.802  6.700   -3.299  1.00 72.24 ? 40   ASP A CG    1 
ATOM   323  O OD1   . ASP A 1 40  ? 21.781  6.366   -4.504  1.00 67.74 ? 40   ASP A OD1   1 
ATOM   324  O OD2   . ASP A 1 40  ? 22.818  6.603   -2.574  1.00 80.52 ? 40   ASP A OD2   1 
ATOM   325  N N     . ASP A 1 41  ? 19.085  5.060   -0.176  1.00 62.28 ? 41   ASP A N     1 
ATOM   326  C CA    . ASP A 1 41  ? 19.422  4.343   1.063   1.00 62.72 ? 41   ASP A CA    1 
ATOM   327  C C     . ASP A 1 41  ? 19.796  2.880   0.851   1.00 69.21 ? 41   ASP A C     1 
ATOM   328  O O     . ASP A 1 41  ? 19.178  2.176   0.054   1.00 70.30 ? 41   ASP A O     1 
ATOM   329  C CB    . ASP A 1 41  ? 18.262  4.414   2.060   1.00 65.50 ? 41   ASP A CB    1 
ATOM   330  C CG    . ASP A 1 41  ? 18.526  3.605   3.318   1.00 68.94 ? 41   ASP A CG    1 
ATOM   331  O OD1   . ASP A 1 41  ? 19.059  4.153   4.312   1.00 57.96 ? 41   ASP A OD1   1 
ATOM   332  O OD2   . ASP A 1 41  ? 18.202  2.406   3.304   1.00 70.64 ? 41   ASP A OD2   1 
ATOM   333  N N     . LYS A 1 42  ? 20.804  2.426   1.591   1.00 67.22 ? 42   LYS A N     1 
ATOM   334  C CA    . LYS A 1 42  ? 21.296  1.055   1.489   1.00 72.63 ? 42   LYS A CA    1 
ATOM   335  C C     . LYS A 1 42  ? 20.221  0.020   1.795   1.00 74.14 ? 42   LYS A C     1 
ATOM   336  O O     . LYS A 1 42  ? 20.140  -1.010  1.126   1.00 73.64 ? 42   LYS A O     1 
ATOM   337  C CB    . LYS A 1 42  ? 22.480  0.829   2.446   1.00 76.33 ? 42   LYS A CB    1 
ATOM   338  C CG    . LYS A 1 42  ? 23.547  1.925   2.443   1.00 70.49 ? 42   LYS A CG    1 
ATOM   339  C CD    . LYS A 1 42  ? 23.025  3.191   3.115   1.00 72.21 ? 42   LYS A CD    1 
ATOM   340  C CE    . LYS A 1 42  ? 24.090  4.274   3.201   1.00 75.31 ? 42   LYS A CE    1 
ATOM   341  N NZ    . LYS A 1 42  ? 23.535  5.528   3.800   1.00 81.59 ? 42   LYS A NZ    1 
ATOM   342  N N     . ARG A 1 43  ? 19.394  0.308   2.800   1.00 77.64 ? 43   ARG A N     1 
ATOM   343  C CA    . ARG A 1 43  ? 18.330  -0.597  3.238   1.00 72.52 ? 43   ARG A CA    1 
ATOM   344  C C     . ARG A 1 43  ? 17.273  -0.979  2.186   1.00 68.60 ? 43   ARG A C     1 
ATOM   345  O O     . ARG A 1 43  ? 16.225  -1.531  2.515   1.00 69.93 ? 43   ARG A O     1 
ATOM   346  C CB    . ARG A 1 43  ? 17.650  -0.025  4.488   1.00 72.25 ? 43   ARG A CB    1 
ATOM   347  C CG    . ARG A 1 43  ? 18.612  0.544   5.550   1.00 71.88 ? 43   ARG A CG    1 
ATOM   348  C CD    . ARG A 1 43  ? 17.929  0.554   6.916   1.00 75.18 ? 43   ARG A CD    1 
ATOM   349  N NE    . ARG A 1 43  ? 18.538  1.431   7.918   1.00 68.72 ? 43   ARG A NE    1 
ATOM   350  C CZ    . ARG A 1 43  ? 18.636  2.751   7.815   1.00 66.08 ? 43   ARG A CZ    1 
ATOM   351  N NH1   . ARG A 1 43  ? 18.183  3.380   6.740   1.00 61.14 ? 43   ARG A NH1   1 
ATOM   352  N NH2   . ARG A 1 43  ? 19.147  3.454   8.818   1.00 69.09 ? 43   ARG A NH2   1 
ATOM   353  N N     . LEU A 1 44  ? 17.550  -0.679  0.923   1.00 70.61 ? 44   LEU A N     1 
ATOM   354  C CA    . LEU A 1 44  ? 16.656  -1.045  -0.172  1.00 69.15 ? 44   LEU A CA    1 
ATOM   355  C C     . LEU A 1 44  ? 17.563  -1.633  -1.262  1.00 72.41 ? 44   LEU A C     1 
ATOM   356  O O     . LEU A 1 44  ? 17.104  -2.361  -2.143  1.00 76.28 ? 44   LEU A O     1 
ATOM   357  C CB    . LEU A 1 44  ? 15.910  0.179   -0.718  1.00 59.82 ? 44   LEU A CB    1 
ATOM   358  C CG    . LEU A 1 44  ? 15.180  1.128   0.237   1.00 60.76 ? 44   LEU A CG    1 
ATOM   359  C CD1   . LEU A 1 44  ? 14.745  2.358   -0.534  1.00 41.81 ? 44   LEU A CD1   1 
ATOM   360  C CD2   . LEU A 1 44  ? 13.981  0.434   0.872   1.00 56.43 ? 44   LEU A CD2   1 
ATOM   361  N N     . ARG A 1 45  ? 18.857  -1.316  -1.182  1.00 71.66 ? 45   ARG A N     1 
ATOM   362  C CA    . ARG A 1 45  ? 19.843  -1.799  -2.147  1.00 76.51 ? 45   ARG A CA    1 
ATOM   363  C C     . ARG A 1 45  ? 20.664  -3.011  -1.690  1.00 80.83 ? 45   ARG A C     1 
ATOM   364  O O     . ARG A 1 45  ? 20.661  -4.053  -2.357  1.00 79.53 ? 45   ARG A O     1 
ATOM   365  C CB    . ARG A 1 45  ? 20.795  -0.675  -2.517  1.00 78.82 ? 45   ARG A CB    1 
ATOM   366  C CG    . ARG A 1 45  ? 20.154  0.425   -3.303  1.00 75.83 ? 45   ARG A CG    1 
ATOM   367  C CD    . ARG A 1 45  ? 21.229  1.340   -3.820  1.00 76.01 ? 45   ARG A CD    1 
ATOM   368  N NE    . ARG A 1 45  ? 20.701  2.360   -4.710  1.00 72.60 ? 45   ARG A NE    1 
ATOM   369  C CZ    . ARG A 1 45  ? 21.468  3.230   -5.350  1.00 72.64 ? 45   ARG A CZ    1 
ATOM   370  N NH1   . ARG A 1 45  ? 22.784  3.185   -5.185  1.00 75.98 ? 45   ARG A NH1   1 
ATOM   371  N NH2   . ARG A 1 45  ? 20.927  4.132   -6.156  1.00 74.57 ? 45   ARG A NH2   1 
ATOM   372  N N     . ARG A 1 46  ? 21.391  -2.866  -0.578  1.00 79.70 ? 46   ARG A N     1 
ATOM   373  C CA    . ARG A 1 46  ? 22.193  -3.971  -0.038  1.00 69.71 ? 46   ARG A CA    1 
ATOM   374  C C     . ARG A 1 46  ? 21.193  -5.039  0.408   1.00 64.11 ? 46   ARG A C     1 
ATOM   375  O O     . ARG A 1 46  ? 21.564  -6.189  0.660   1.00 52.07 ? 46   ARG A O     1 
ATOM   376  C CB    . ARG A 1 46  ? 23.002  -3.540  1.196   1.00 71.20 ? 46   ARG A CB    1 
ATOM   377  C CG    . ARG A 1 46  ? 23.869  -2.291  1.073   1.00 73.94 ? 46   ARG A CG    1 
ATOM   378  C CD    . ARG A 1 46  ? 25.087  -2.479  0.176   1.00 78.94 ? 46   ARG A CD    1 
ATOM   379  N NE    . ARG A 1 46  ? 26.137  -1.513  0.503   1.00 75.62 ? 46   ARG A NE    1 
ATOM   380  C CZ    . ARG A 1 46  ? 27.148  -1.193  -0.299  1.00 77.02 ? 46   ARG A CZ    1 
ATOM   381  N NH1   . ARG A 1 46  ? 27.253  -1.756  -1.495  1.00 76.29 ? 46   ARG A NH1   1 
ATOM   382  N NH2   . ARG A 1 46  ? 28.060  -0.315  0.097   1.00 67.30 ? 46   ARG A NH2   1 
ATOM   383  N N     . SER A 1 47  ? 19.930  -4.620  0.508   1.00 51.77 ? 47   SER A N     1 
ATOM   384  C CA    . SER A 1 47  ? 18.804  -5.452  0.933   1.00 57.33 ? 47   SER A CA    1 
ATOM   385  C C     . SER A 1 47  ? 18.618  -6.756  0.156   1.00 58.46 ? 47   SER A C     1 
ATOM   386  O O     . SER A 1 47  ? 18.065  -7.728  0.671   1.00 52.17 ? 47   SER A O     1 
ATOM   387  C CB    . SER A 1 47  ? 17.513  -4.642  0.825   1.00 59.15 ? 47   SER A CB    1 
ATOM   388  O OG    . SER A 1 47  ? 17.250  -4.318  -0.529  1.00 44.96 ? 47   SER A OG    1 
ATOM   389  N N     . GLY A 1 48  ? 19.069  -6.774  -1.089  1.00 53.10 ? 48   GLY A N     1 
ATOM   390  C CA    . GLY A 1 48  ? 18.903  -7.966  -1.891  1.00 48.70 ? 48   GLY A CA    1 
ATOM   391  C C     . GLY A 1 48  ? 17.977  -7.623  -3.037  1.00 54.61 ? 48   GLY A C     1 
ATOM   392  O O     . GLY A 1 48  ? 17.579  -8.490  -3.823  1.00 58.21 ? 48   GLY A O     1 
ATOM   393  N N     . LEU A 1 49  ? 17.620  -6.345  -3.132  1.00 49.27 ? 49   LEU A N     1 
ATOM   394  C CA    . LEU A 1 49  ? 16.750  -5.920  -4.206  1.00 53.88 ? 49   LEU A CA    1 
ATOM   395  C C     . LEU A 1 49  ? 17.535  -5.782  -5.500  1.00 53.05 ? 49   LEU A C     1 
ATOM   396  O O     . LEU A 1 49  ? 18.732  -5.475  -5.500  1.00 40.63 ? 49   LEU A O     1 
ATOM   397  C CB    . LEU A 1 49  ? 16.053  -4.593  -3.878  1.00 48.32 ? 49   LEU A CB    1 
ATOM   398  C CG    . LEU A 1 49  ? 15.006  -4.592  -2.755  1.00 50.91 ? 49   LEU A CG    1 
ATOM   399  C CD1   . LEU A 1 49  ? 14.106  -3.384  -2.957  1.00 42.70 ? 49   LEU A CD1   1 
ATOM   400  C CD2   . LEU A 1 49  ? 14.161  -5.861  -2.780  1.00 54.45 ? 49   LEU A CD2   1 
ATOM   401  N N     . ASP A 1 50  ? 16.827  -6.036  -6.592  1.00 44.69 ? 50   ASP A N     1 
ATOM   402  C CA    . ASP A 1 50  ? 17.355  -5.966  -7.942  1.00 58.28 ? 50   ASP A CA    1 
ATOM   403  C C     . ASP A 1 50  ? 16.954  -4.587  -8.463  1.00 54.64 ? 50   ASP A C     1 
ATOM   404  O O     . ASP A 1 50  ? 15.810  -4.170  -8.289  1.00 45.74 ? 50   ASP A O     1 
ATOM   405  C CB    . ASP A 1 50  ? 16.699  -7.062  -8.784  1.00 63.89 ? 50   ASP A CB    1 
ATOM   406  C CG    . ASP A 1 50  ? 17.576  -7.533  -9.907  1.00 76.30 ? 50   ASP A CG    1 
ATOM   407  O OD1   . ASP A 1 50  ? 18.665  -8.077  -9.612  1.00 72.72 ? 50   ASP A OD1   1 
ATOM   408  O OD2   . ASP A 1 50  ? 17.175  -7.359  -11.080 1.00 84.18 ? 50   ASP A OD2   1 
ATOM   409  N N     . TYR A 1 51  ? 17.878  -3.887  -9.109  1.00 58.66 ? 51   TYR A N     1 
ATOM   410  C CA    . TYR A 1 51  ? 17.590  -2.544  -9.605  1.00 58.30 ? 51   TYR A CA    1 
ATOM   411  C C     . TYR A 1 51  ? 16.433  -2.465  -10.602 1.00 57.47 ? 51   TYR A C     1 
ATOM   412  O O     . TYR A 1 51  ? 15.839  -1.403  -10.804 1.00 61.49 ? 51   TYR A O     1 
ATOM   413  C CB    . TYR A 1 51  ? 18.863  -1.949  -10.204 1.00 61.85 ? 51   TYR A CB    1 
ATOM   414  C CG    . TYR A 1 51  ? 20.006  -1.886  -9.202  1.00 80.62 ? 51   TYR A CG    1 
ATOM   415  C CD1   . TYR A 1 51  ? 21.201  -2.580  -9.427  1.00 82.68 ? 51   TYR A CD1   1 
ATOM   416  C CD2   . TYR A 1 51  ? 19.887  -1.146  -8.016  1.00 80.59 ? 51   TYR A CD2   1 
ATOM   417  C CE1   . TYR A 1 51  ? 22.247  -2.543  -8.499  1.00 80.11 ? 51   TYR A CE1   1 
ATOM   418  C CE2   . TYR A 1 51  ? 20.929  -1.103  -7.082  1.00 82.54 ? 51   TYR A CE2   1 
ATOM   419  C CZ    . TYR A 1 51  ? 22.103  -1.805  -7.334  1.00 82.22 ? 51   TYR A CZ    1 
ATOM   420  O OH    . TYR A 1 51  ? 23.132  -1.766  -6.421  1.00 89.48 ? 51   TYR A OH    1 
ATOM   421  N N     . HIS A 1 52  ? 16.106  -3.594  -11.214 1.00 46.13 ? 52   HIS A N     1 
ATOM   422  C CA    . HIS A 1 52  ? 15.026  -3.634  -12.182 1.00 45.45 ? 52   HIS A CA    1 
ATOM   423  C C     . HIS A 1 52  ? 13.703  -3.594  -11.426 1.00 46.05 ? 52   HIS A C     1 
ATOM   424  O O     . HIS A 1 52  ? 12.661  -3.203  -11.965 1.00 33.36 ? 52   HIS A O     1 
ATOM   425  C CB    . HIS A 1 52  ? 15.155  -4.897  -13.035 1.00 57.45 ? 52   HIS A CB    1 
ATOM   426  C CG    . HIS A 1 52  ? 16.532  -5.093  -13.610 1.00 69.43 ? 52   HIS A CG    1 
ATOM   427  N ND1   . HIS A 1 52  ? 16.753  -5.387  -14.939 1.00 69.06 ? 52   HIS A ND1   1 
ATOM   428  C CD2   . HIS A 1 52  ? 17.756  -5.032  -13.032 1.00 68.62 ? 52   HIS A CD2   1 
ATOM   429  C CE1   . HIS A 1 52  ? 18.052  -5.497  -15.155 1.00 61.28 ? 52   HIS A CE1   1 
ATOM   430  N NE2   . HIS A 1 52  ? 18.683  -5.286  -14.013 1.00 71.86 ? 52   HIS A NE2   1 
ATOM   431  N N     . GLU A 1 53  ? 13.755  -3.996  -10.162 1.00 32.03 ? 53   GLU A N     1 
ATOM   432  C CA    . GLU A 1 53  ? 12.564  -3.980  -9.318  1.00 42.57 ? 53   GLU A CA    1 
ATOM   433  C C     . GLU A 1 53  ? 12.194  -2.535  -8.968  1.00 44.83 ? 53   GLU A C     1 
ATOM   434  O O     . GLU A 1 53  ? 11.138  -2.279  -8.390  1.00 46.60 ? 53   GLU A O     1 
ATOM   435  C CB    . GLU A 1 53  ? 12.808  -4.807  -8.048  1.00 42.39 ? 53   GLU A CB    1 
ATOM   436  C CG    . GLU A 1 53  ? 12.969  -6.311  -8.327  1.00 37.91 ? 53   GLU A CG    1 
ATOM   437  C CD    . GLU A 1 53  ? 13.157  -7.158  -7.070  1.00 44.81 ? 53   GLU A CD    1 
ATOM   438  O OE1   . GLU A 1 53  ? 14.308  -7.342  -6.604  1.00 29.04 ? 53   GLU A OE1   1 
ATOM   439  O OE2   . GLU A 1 53  ? 12.143  -7.643  -6.543  1.00 37.67 ? 53   GLU A OE2   1 
ATOM   440  N N     . PHE A 1 54  ? 13.075  -1.592  -9.312  1.00 52.10 ? 54   PHE A N     1 
ATOM   441  C CA    . PHE A 1 54  ? 12.814  -0.168  -9.074  1.00 58.38 ? 54   PHE A CA    1 
ATOM   442  C C     . PHE A 1 54  ? 12.445  0.511   -10.398 1.00 62.35 ? 54   PHE A C     1 
ATOM   443  O O     . PHE A 1 54  ? 12.093  -0.156  -11.379 1.00 62.85 ? 54   PHE A O     1 
ATOM   444  C CB    . PHE A 1 54  ? 14.044  0.548   -8.517  1.00 59.69 ? 54   PHE A CB    1 
ATOM   445  C CG    . PHE A 1 54  ? 14.552  -0.010  -7.224  1.00 57.21 ? 54   PHE A CG    1 
ATOM   446  C CD1   . PHE A 1 54  ? 15.269  -1.198  -7.200  1.00 53.02 ? 54   PHE A CD1   1 
ATOM   447  C CD2   . PHE A 1 54  ? 14.350  0.679   -6.036  1.00 52.69 ? 54   PHE A CD2   1 
ATOM   448  C CE1   . PHE A 1 54  ? 15.784  -1.696  -6.009  1.00 50.67 ? 54   PHE A CE1   1 
ATOM   449  C CE2   . PHE A 1 54  ? 14.860  0.193   -4.835  1.00 49.38 ? 54   PHE A CE2   1 
ATOM   450  C CZ    . PHE A 1 54  ? 15.581  -1.001  -4.820  1.00 46.50 ? 54   PHE A CZ    1 
ATOM   451  N N     . ALA A 1 55  ? 12.531  1.842   -10.405 1.00 65.41 ? 55   ALA A N     1 
ATOM   452  C CA    . ALA A 1 55  ? 12.244  2.659   -11.585 1.00 69.24 ? 55   ALA A CA    1 
ATOM   453  C C     . ALA A 1 55  ? 10.803  2.607   -12.116 1.00 68.97 ? 55   ALA A C     1 
ATOM   454  O O     . ALA A 1 55  ? 10.408  3.450   -12.917 1.00 75.73 ? 55   ALA A O     1 
ATOM   455  C CB    . ALA A 1 55  ? 13.234  2.313   -12.701 1.00 74.59 ? 55   ALA A CB    1 
ATOM   456  N N     . GLU A 1 56  ? 10.027  1.609   -11.702 1.00 73.03 ? 56   GLU A N     1 
ATOM   457  C CA    . GLU A 1 56  ? 8.626   1.521   -12.115 1.00 68.92 ? 56   GLU A CA    1 
ATOM   458  C C     . GLU A 1 56  ? 7.862   2.165   -10.962 1.00 62.30 ? 56   GLU A C     1 
ATOM   459  O O     . GLU A 1 56  ? 6.627   2.190   -10.935 1.00 65.97 ? 56   GLU A O     1 
ATOM   460  C CB    . GLU A 1 56  ? 8.168   0.067   -12.258 1.00 65.66 ? 56   GLU A CB    1 
ATOM   461  C CG    . GLU A 1 56  ? 6.697   -0.043  -12.693 1.00 75.85 ? 56   GLU A CG    1 
ATOM   462  C CD    . GLU A 1 56  ? 6.021   -1.322  -12.221 1.00 86.75 ? 56   GLU A CD    1 
ATOM   463  O OE1   . GLU A 1 56  ? 6.080   -1.612  -11.001 1.00 89.71 ? 56   GLU A OE1   1 
ATOM   464  O OE2   . GLU A 1 56  ? 5.422   -2.030  -13.065 1.00 81.34 ? 56   GLU A OE2   1 
ATOM   465  N N     . ILE A 1 57  ? 8.637   2.678   -10.010 1.00 52.91 ? 57   ILE A N     1 
ATOM   466  C CA    . ILE A 1 57  ? 8.123   3.318   -8.807  1.00 31.87 ? 57   ILE A CA    1 
ATOM   467  C C     . ILE A 1 57  ? 8.004   4.809   -9.026  1.00 37.88 ? 57   ILE A C     1 
ATOM   468  O O     . ILE A 1 57  ? 8.920   5.447   -9.548  1.00 43.93 ? 57   ILE A O     1 
ATOM   469  C CB    . ILE A 1 57  ? 9.082   3.071   -7.612  1.00 22.83 ? 57   ILE A CB    1 
ATOM   470  C CG1   . ILE A 1 57  ? 9.320   1.567   -7.492  1.00 20.48 ? 57   ILE A CG1   1 
ATOM   471  C CG2   . ILE A 1 57  ? 8.516   3.700   -6.299  1.00 18.31 ? 57   ILE A CG2   1 
ATOM   472  C CD1   . ILE A 1 57  ? 10.320  1.198   -6.473  1.00 26.77 ? 57   ILE A CD1   1 
ATOM   473  N N     . LYS A 1 58  ? 6.869   5.370   -8.643  1.00 22.40 ? 58   LYS A N     1 
ATOM   474  C CA    . LYS A 1 58  ? 6.708   6.802   -8.791  1.00 19.69 ? 58   LYS A CA    1 
ATOM   475  C C     . LYS A 1 58  ? 6.751   7.449   -7.430  1.00 25.65 ? 58   LYS A C     1 
ATOM   476  O O     . LYS A 1 58  ? 6.114   6.981   -6.498  1.00 25.28 ? 58   LYS A O     1 
ATOM   477  C CB    . LYS A 1 58  ? 5.391   7.168   -9.437  1.00 26.69 ? 58   LYS A CB    1 
ATOM   478  C CG    . LYS A 1 58  ? 5.357   7.051   -10.949 1.00 37.42 ? 58   LYS A CG    1 
ATOM   479  C CD    . LYS A 1 58  ? 4.052   7.643   -11.474 1.00 44.13 ? 58   LYS A CD    1 
ATOM   480  C CE    . LYS A 1 58  ? 3.661   7.044   -12.825 1.00 49.93 ? 58   LYS A CE    1 
ATOM   481  N NZ    . LYS A 1 58  ? 2.212   7.330   -13.142 1.00 32.52 ? 58   LYS A NZ    1 
ATOM   482  N N     . ARG A 1 59  ? 7.519   8.519   -7.319  1.00 25.22 ? 59   ARG A N     1 
ATOM   483  C CA    . ARG A 1 59  ? 7.581   9.243   -6.076  1.00 24.21 ? 59   ARG A CA    1 
ATOM   484  C C     . ARG A 1 59  ? 6.803   10.545  -6.271  1.00 34.66 ? 59   ARG A C     1 
ATOM   485  O O     . ARG A 1 59  ? 6.912   11.182  -7.332  1.00 37.50 ? 59   ARG A O     1 
ATOM   486  C CB    . ARG A 1 59  ? 9.037   9.496   -5.704  1.00 25.44 ? 59   ARG A CB    1 
ATOM   487  C CG    . ARG A 1 59  ? 9.691   8.291   -5.079  1.00 31.77 ? 59   ARG A CG    1 
ATOM   488  C CD    . ARG A 1 59  ? 11.076  8.594   -4.570  1.00 36.77 ? 59   ARG A CD    1 
ATOM   489  N NE    . ARG A 1 59  ? 12.044  8.751   -5.649  1.00 46.34 ? 59   ARG A NE    1 
ATOM   490  C CZ    . ARG A 1 59  ? 13.119  9.528   -5.576  1.00 53.93 ? 59   ARG A CZ    1 
ATOM   491  N NH1   . ARG A 1 59  ? 13.365  10.239  -4.476  1.00 51.52 ? 59   ARG A NH1   1 
ATOM   492  N NH2   . ARG A 1 59  ? 13.972  9.560   -6.590  1.00 41.08 ? 59   ARG A NH2   1 
ATOM   493  N N     . HIS A 1 60  ? 5.977   10.910  -5.281  1.00 19.20 ? 60   HIS A N     1 
ATOM   494  C CA    . HIS A 1 60  ? 5.181   12.139  -5.333  1.00 19.76 ? 60   HIS A CA    1 
ATOM   495  C C     . HIS A 1 60  ? 5.592   13.070  -4.160  1.00 29.16 ? 60   HIS A C     1 
ATOM   496  O O     . HIS A 1 60  ? 5.727   12.636  -3.010  1.00 24.24 ? 60   HIS A O     1 
ATOM   497  C CB    . HIS A 1 60  ? 3.694   11.782  -5.278  1.00 21.60 ? 60   HIS A CB    1 
ATOM   498  C CG    . HIS A 1 60  ? 3.255   10.859  -6.387  1.00 27.66 ? 60   HIS A CG    1 
ATOM   499  N ND1   . HIS A 1 60  ? 2.788   11.322  -7.600  1.00 26.24 ? 60   HIS A ND1   1 
ATOM   500  C CD2   . HIS A 1 60  ? 3.206   9.502   -6.458  1.00 22.93 ? 60   HIS A CD2   1 
ATOM   501  C CE1   . HIS A 1 60  ? 2.458   10.291  -8.368  1.00 23.90 ? 60   HIS A CE1   1 
ATOM   502  N NE2   . HIS A 1 60  ? 2.698   9.175   -7.696  1.00 17.94 ? 60   HIS A NE2   1 
ATOM   503  N N     . LYS A 1 61  ? 5.823   14.346  -4.453  1.00 28.85 ? 61   LYS A N     1 
ATOM   504  C CA    . LYS A 1 61  ? 6.235   15.285  -3.386  1.00 37.13 ? 61   LYS A CA    1 
ATOM   505  C C     . LYS A 1 61  ? 5.188   15.536  -2.296  1.00 31.74 ? 61   LYS A C     1 
ATOM   506  O O     . LYS A 1 61  ? 5.528   15.771  -1.131  1.00 34.76 ? 61   LYS A O     1 
ATOM   507  C CB    . LYS A 1 61  ? 6.697   16.617  -3.999  1.00 44.96 ? 61   LYS A CB    1 
ATOM   508  C CG    . LYS A 1 61  ? 8.084   16.520  -4.640  1.00 42.49 ? 61   LYS A CG    1 
ATOM   509  C CD    . LYS A 1 61  ? 8.337   17.657  -5.614  1.00 59.85 ? 61   LYS A CD    1 
ATOM   510  C CE    . LYS A 1 61  ? 9.578   17.401  -6.466  1.00 60.03 ? 61   LYS A CE    1 
ATOM   511  N NZ    . LYS A 1 61  ? 10.825  17.283  -5.663  1.00 60.88 ? 61   LYS A NZ    1 
ATOM   512  N N     . THR A 1 62  ? 3.922   15.496  -2.671  1.00 23.02 ? 62   THR A N     1 
ATOM   513  C CA    . THR A 1 62  ? 2.831   15.683  -1.725  1.00 28.80 ? 62   THR A CA    1 
ATOM   514  C C     . THR A 1 62  ? 1.648   14.860  -2.163  1.00 25.77 ? 62   THR A C     1 
ATOM   515  O O     . THR A 1 62  ? 1.599   14.374  -3.308  1.00 24.96 ? 62   THR A O     1 
ATOM   516  C CB    . THR A 1 62  ? 2.331   17.159  -1.620  1.00 34.33 ? 62   THR A CB    1 
ATOM   517  O OG1   . THR A 1 62  ? 1.529   17.484  -2.766  1.00 30.85 ? 62   THR A OG1   1 
ATOM   518  C CG2   . THR A 1 62  ? 3.514   18.136  -1.514  1.00 39.57 ? 62   THR A CG2   1 
ATOM   519  N N     . PHE A 1 63  ? 0.705   14.706  -1.244  1.00 25.94 ? 63   PHE A N     1 
ATOM   520  C CA    . PHE A 1 63  ? -0.518  13.978  -1.498  1.00 24.51 ? 63   PHE A CA    1 
ATOM   521  C C     . PHE A 1 63  ? -1.304  14.699  -2.596  1.00 34.35 ? 63   PHE A C     1 
ATOM   522  O O     . PHE A 1 63  ? -1.871  14.071  -3.490  1.00 23.95 ? 63   PHE A O     1 
ATOM   523  C CB    . PHE A 1 63  ? -1.364  13.889  -0.224  1.00 27.97 ? 63   PHE A CB    1 
ATOM   524  C CG    . PHE A 1 63  ? -2.621  13.073  -0.386  1.00 24.39 ? 63   PHE A CG    1 
ATOM   525  C CD1   . PHE A 1 63  ? -3.872  13.659  -0.291  1.00 32.18 ? 63   PHE A CD1   1 
ATOM   526  C CD2   . PHE A 1 63  ? -2.547  11.712  -0.702  1.00 29.72 ? 63   PHE A CD2   1 
ATOM   527  C CE1   . PHE A 1 63  ? -5.038  12.915  -0.516  1.00 30.74 ? 63   PHE A CE1   1 
ATOM   528  C CE2   . PHE A 1 63  ? -3.699  10.964  -0.927  1.00 14.59 ? 63   PHE A CE2   1 
ATOM   529  C CZ    . PHE A 1 63  ? -4.940  11.553  -0.839  1.00 25.14 ? 63   PHE A CZ    1 
ATOM   530  N N     . GLU A 1 64  ? -1.341  16.028  -2.529  1.00 28.98 ? 64   GLU A N     1 
ATOM   531  C CA    . GLU A 1 64  ? -2.063  16.794  -3.540  1.00 29.67 ? 64   GLU A CA    1 
ATOM   532  C C     . GLU A 1 64  ? -1.515  16.536  -4.916  1.00 18.96 ? 64   GLU A C     1 
ATOM   533  O O     . GLU A 1 64  ? -2.275  16.353  -5.866  1.00 29.16 ? 64   GLU A O     1 
ATOM   534  C CB    . GLU A 1 64  ? -1.974  18.303  -3.257  1.00 34.34 ? 64   GLU A CB    1 
ATOM   535  C CG    . GLU A 1 64  ? -3.157  18.821  -2.471  1.00 47.67 ? 64   GLU A CG    1 
ATOM   536  C CD    . GLU A 1 64  ? -4.465  18.242  -2.981  1.00 60.55 ? 64   GLU A CD    1 
ATOM   537  O OE1   . GLU A 1 64  ? -4.637  18.160  -4.230  1.00 63.01 ? 64   GLU A OE1   1 
ATOM   538  O OE2   . GLU A 1 64  ? -5.316  17.868  -2.136  1.00 57.99 ? 64   GLU A OE2   1 
ATOM   539  N N     . ALA A 1 65  ? -0.193  16.523  -5.014  1.00 28.38 ? 65   ALA A N     1 
ATOM   540  C CA    . ALA A 1 65  ? 0.486   16.295  -6.274  1.00 33.95 ? 65   ALA A CA    1 
ATOM   541  C C     . ALA A 1 65  ? 0.101   14.918  -6.800  1.00 38.98 ? 65   ALA A C     1 
ATOM   542  O O     . ALA A 1 65  ? -0.136  14.733  -7.995  1.00 23.88 ? 65   ALA A O     1 
ATOM   543  C CB    . ALA A 1 65  ? 1.973   16.378  -6.082  1.00 24.89 ? 65   ALA A CB    1 
ATOM   544  N N     . PHE A 1 66  ? 0.037   13.951  -5.891  1.00 25.26 ? 66   PHE A N     1 
ATOM   545  C CA    . PHE A 1 66  ? -0.337  12.603  -6.264  1.00 22.61 ? 66   PHE A CA    1 
ATOM   546  C C     . PHE A 1 66  ? -1.753  12.593  -6.859  1.00 20.57 ? 66   PHE A C     1 
ATOM   547  O O     . PHE A 1 66  ? -1.998  11.987  -7.904  1.00 23.73 ? 66   PHE A O     1 
ATOM   548  C CB    . PHE A 1 66  ? -0.245  11.686  -5.033  1.00 23.53 ? 66   PHE A CB    1 
ATOM   549  C CG    . PHE A 1 66  ? -1.032  10.410  -5.165  1.00 20.35 ? 66   PHE A CG    1 
ATOM   550  C CD1   . PHE A 1 66  ? -2.266  10.295  -4.544  1.00 16.16 ? 66   PHE A CD1   1 
ATOM   551  C CD2   . PHE A 1 66  ? -0.583  9.369   -5.976  1.00 20.46 ? 66   PHE A CD2   1 
ATOM   552  C CE1   . PHE A 1 66  ? -3.073  9.173   -4.721  1.00 19.80 ? 66   PHE A CE1   1 
ATOM   553  C CE2   . PHE A 1 66  ? -1.381  8.236   -6.164  1.00 18.82 ? 66   PHE A CE2   1 
ATOM   554  C CZ    . PHE A 1 66  ? -2.620  8.141   -5.548  1.00 13.69 ? 66   PHE A CZ    1 
ATOM   555  N N     . LEU A 1 67  ? -2.709  13.233  -6.201  1.00 23.24 ? 67   LEU A N     1 
ATOM   556  C CA    . LEU A 1 67  ? -4.065  13.227  -6.718  1.00 22.56 ? 67   LEU A CA    1 
ATOM   557  C C     . LEU A 1 67  ? -4.175  13.894  -8.088  1.00 29.00 ? 67   LEU A C     1 
ATOM   558  O O     . LEU A 1 67  ? -4.901  13.409  -8.976  1.00 26.38 ? 67   LEU A O     1 
ATOM   559  C CB    . LEU A 1 67  ? -5.012  13.939  -5.759  1.00 25.17 ? 67   LEU A CB    1 
ATOM   560  C CG    . LEU A 1 67  ? -5.292  13.205  -4.443  1.00 27.17 ? 67   LEU A CG    1 
ATOM   561  C CD1   . LEU A 1 67  ? -6.406  13.907  -3.744  1.00 20.22 ? 67   LEU A CD1   1 
ATOM   562  C CD2   . LEU A 1 67  ? -5.683  11.758  -4.697  1.00 24.42 ? 67   LEU A CD2   1 
ATOM   563  N N     . GLU A 1 68  ? -3.477  15.018  -8.233  1.00 24.86 ? 68   GLU A N     1 
ATOM   564  C CA    . GLU A 1 68  ? -3.489  15.790  -9.481  1.00 17.80 ? 68   GLU A CA    1 
ATOM   565  C C     . GLU A 1 68  ? -2.777  15.058  -10.650 1.00 20.08 ? 68   GLU A C     1 
ATOM   566  O O     . GLU A 1 68  ? -3.210  15.149  -11.795 1.00 27.25 ? 68   GLU A O     1 
ATOM   567  C CB    . GLU A 1 68  ? -2.876  17.179  -9.227  1.00 24.78 ? 68   GLU A CB    1 
ATOM   568  C CG    . GLU A 1 68  ? -3.758  18.073  -8.367  1.00 45.86 ? 68   GLU A CG    1 
ATOM   569  C CD    . GLU A 1 68  ? -3.132  19.430  -8.043  1.00 53.12 ? 68   GLU A CD    1 
ATOM   570  O OE1   . GLU A 1 68  ? -3.624  20.085  -7.097  1.00 58.57 ? 68   GLU A OE1   1 
ATOM   571  O OE2   . GLU A 1 68  ? -2.166  19.846  -8.725  1.00 57.69 ? 68   GLU A OE2   1 
ATOM   572  N N     . SER A 1 69  ? -1.711  14.319  -10.386 1.00 24.12 ? 69   SER A N     1 
ATOM   573  C CA    . SER A 1 69  ? -1.055  13.621  -11.498 1.00 25.94 ? 69   SER A CA    1 
ATOM   574  C C     . SER A 1 69  ? -1.665  12.238  -11.805 1.00 26.63 ? 69   SER A C     1 
ATOM   575  O O     . SER A 1 69  ? -1.700  11.816  -12.957 1.00 19.46 ? 69   SER A O     1 
ATOM   576  C CB    . SER A 1 69  ? 0.446   13.467  -11.247 1.00 31.90 ? 69   SER A CB    1 
ATOM   577  O OG    . SER A 1 69  ? 0.698   12.744  -10.057 1.00 31.38 ? 69   SER A OG    1 
ATOM   578  N N     . GLU A 1 70  ? -2.151  11.537  -10.782 1.00 21.26 ? 70   GLU A N     1 
ATOM   579  C CA    . GLU A 1 70  ? -2.742  10.208  -11.011 1.00 16.67 ? 70   GLU A CA    1 
ATOM   580  C C     . GLU A 1 70  ? -4.257  10.168  -11.244 1.00 19.16 ? 70   GLU A C     1 
ATOM   581  O O     . GLU A 1 70  ? -4.759  9.262   -11.934 1.00 20.85 ? 70   GLU A O     1 
ATOM   582  C CB    . GLU A 1 70  ? -2.371  9.290   -9.825  1.00 17.88 ? 70   GLU A CB    1 
ATOM   583  C CG    . GLU A 1 70  ? -0.875  9.154   -9.592  1.00 16.76 ? 70   GLU A CG    1 
ATOM   584  C CD    . GLU A 1 70  ? -0.136  8.539   -10.776 1.00 31.56 ? 70   GLU A CD    1 
ATOM   585  O OE1   . GLU A 1 70  ? 0.936   9.055   -11.168 1.00 33.95 ? 70   GLU A OE1   1 
ATOM   586  O OE2   . GLU A 1 70  ? -0.622  7.530   -11.312 1.00 24.64 ? 70   GLU A OE2   1 
ATOM   587  N N     . LYS A 1 71  ? -4.984  11.130  -10.697 1.00 18.26 ? 71   LYS A N     1 
ATOM   588  C CA    . LYS A 1 71  ? -6.444  11.177  -10.851 1.00 17.57 ? 71   LYS A CA    1 
ATOM   589  C C     . LYS A 1 71  ? -7.017  9.774   -10.664 1.00 21.62 ? 71   LYS A C     1 
ATOM   590  O O     . LYS A 1 71  ? -7.698  9.227   -11.546 1.00 20.91 ? 71   LYS A O     1 
ATOM   591  C CB    . LYS A 1 71  ? -6.820  11.675  -12.259 1.00 26.26 ? 71   LYS A CB    1 
ATOM   592  C CG    . LYS A 1 71  ? -6.482  13.128  -12.565 1.00 40.59 ? 71   LYS A CG    1 
ATOM   593  C CD    . LYS A 1 71  ? -7.574  14.063  -12.088 1.00 44.91 ? 71   LYS A CD    1 
ATOM   594  C CE    . LYS A 1 71  ? -7.503  15.415  -12.809 1.00 50.94 ? 71   LYS A CE    1 
ATOM   595  N NZ    . LYS A 1 71  ? -6.272  16.203  -12.524 1.00 49.66 ? 71   LYS A NZ    1 
ATOM   596  N N     . PRO A 1 72  ? -6.774  9.176   -9.490  1.00 20.91 ? 72   PRO A N     1 
ATOM   597  C CA    . PRO A 1 72  ? -7.329  7.834   -9.344  1.00 16.32 ? 72   PRO A CA    1 
ATOM   598  C C     . PRO A 1 72  ? -8.818  7.695   -9.560  1.00 17.39 ? 72   PRO A C     1 
ATOM   599  O O     . PRO A 1 72  ? -9.616  8.453   -9.006  1.00 21.74 ? 72   PRO A O     1 
ATOM   600  C CB    . PRO A 1 72  ? -6.915  7.411   -7.916  1.00 18.54 ? 72   PRO A CB    1 
ATOM   601  C CG    . PRO A 1 72  ? -6.362  8.679   -7.259  1.00 23.52 ? 72   PRO A CG    1 
ATOM   602  C CD    . PRO A 1 72  ? -5.851  9.534   -8.399  1.00 18.91 ? 72   PRO A CD    1 
ATOM   603  N N     . LYS A 1 73  ? -9.217  6.676   -10.311 1.00 17.64 ? 73   LYS A N     1 
ATOM   604  C CA    . LYS A 1 73  ? -10.657 6.461   -10.518 1.00 21.11 ? 73   LYS A CA    1 
ATOM   605  C C     . LYS A 1 73  ? -11.365 6.227   -9.163  1.00 23.52 ? 73   LYS A C     1 
ATOM   606  O O     . LYS A 1 73  ? -12.454 6.755   -8.880  1.00 20.88 ? 73   LYS A O     1 
ATOM   607  C CB    . LYS A 1 73  ? -10.854 5.263   -11.439 1.00 18.01 ? 73   LYS A CB    1 
ATOM   608  C CG    . LYS A 1 73  ? -12.224 5.170   -12.065 1.00 25.76 ? 73   LYS A CG    1 
ATOM   609  C CD    . LYS A 1 73  ? -12.232 3.980   -13.038 1.00 38.22 ? 73   LYS A CD    1 
ATOM   610  C CE    . LYS A 1 73  ? -13.576 3.787   -13.690 1.00 41.45 ? 73   LYS A CE    1 
ATOM   611  N NZ    . LYS A 1 73  ? -13.957 4.987   -14.467 1.00 53.66 ? 73   LYS A NZ    1 
ATOM   612  N N     . ARG A 1 74  ? -10.740 5.394   -8.333  1.00 18.90 ? 74   ARG A N     1 
ATOM   613  C CA    . ARG A 1 74  ? -11.225 5.131   -6.999  1.00 13.08 ? 74   ARG A CA    1 
ATOM   614  C C     . ARG A 1 74  ? -9.984  5.004   -6.144  1.00 17.51 ? 74   ARG A C     1 
ATOM   615  O O     . ARG A 1 74  ? -9.011  4.371   -6.546  1.00 16.93 ? 74   ARG A O     1 
ATOM   616  C CB    . ARG A 1 74  ? -12.016 3.820   -6.890  1.00 24.69 ? 74   ARG A CB    1 
ATOM   617  C CG    . ARG A 1 74  ? -13.355 3.830   -7.579  1.00 31.58 ? 74   ARG A CG    1 
ATOM   618  C CD    . ARG A 1 74  ? -14.234 2.749   -6.981  1.00 24.06 ? 74   ARG A CD    1 
ATOM   619  N NE    . ARG A 1 74  ? -13.625 1.407   -7.044  1.00 20.68 ? 74   ARG A NE    1 
ATOM   620  C CZ    . ARG A 1 74  ? -14.248 0.292   -6.641  1.00 18.76 ? 74   ARG A CZ    1 
ATOM   621  N NH1   . ARG A 1 74  ? -15.493 0.334   -6.141  1.00 21.81 ? 74   ARG A NH1   1 
ATOM   622  N NH2   . ARG A 1 74  ? -13.645 -0.876  -6.751  1.00 19.24 ? 74   ARG A NH2   1 
ATOM   623  N N     . LEU A 1 75  ? -10.018 5.614   -4.972  1.00 21.99 ? 75   LEU A N     1 
ATOM   624  C CA    . LEU A 1 75  ? -8.890  5.547   -4.034  1.00 15.88 ? 75   LEU A CA    1 
ATOM   625  C C     . LEU A 1 75  ? -9.396  4.894   -2.753  1.00 15.05 ? 75   LEU A C     1 
ATOM   626  O O     . LEU A 1 75  ? -10.378 5.349   -2.156  1.00 17.27 ? 75   LEU A O     1 
ATOM   627  C CB    . LEU A 1 75  ? -8.386  6.954   -3.710  1.00 18.33 ? 75   LEU A CB    1 
ATOM   628  C CG    . LEU A 1 75  ? -7.306  7.023   -2.635  1.00 16.57 ? 75   LEU A CG    1 
ATOM   629  C CD1   . LEU A 1 75  ? -6.033  6.463   -3.186  1.00 17.75 ? 75   LEU A CD1   1 
ATOM   630  C CD2   . LEU A 1 75  ? -7.081  8.505   -2.200  1.00 20.21 ? 75   LEU A CD2   1 
ATOM   631  N N     . PHE A 1 76  ? -8.732  3.811   -2.340  1.00 12.57 ? 76   PHE A N     1 
ATOM   632  C CA    . PHE A 1 76  ? -9.086  3.118   -1.115  1.00 13.77 ? 76   PHE A CA    1 
ATOM   633  C C     . PHE A 1 76  ? -8.011  3.420   -0.073  1.00 16.87 ? 76   PHE A C     1 
ATOM   634  O O     . PHE A 1 76  ? -6.815  3.578   -0.437  1.00 13.94 ? 76   PHE A O     1 
ATOM   635  C CB    . PHE A 1 76  ? -9.078  1.615   -1.347  1.00 12.25 ? 76   PHE A CB    1 
ATOM   636  C CG    . PHE A 1 76  ? -10.270 1.125   -2.067  1.00 16.27 ? 76   PHE A CG    1 
ATOM   637  C CD1   . PHE A 1 76  ? -11.403 0.783   -1.372  1.00 14.64 ? 76   PHE A CD1   1 
ATOM   638  C CD2   . PHE A 1 76  ? -10.268 1.048   -3.462  1.00 19.07 ? 76   PHE A CD2   1 
ATOM   639  C CE1   . PHE A 1 76  ? -12.565 0.352   -2.059  1.00 19.31 ? 76   PHE A CE1   1 
ATOM   640  C CE2   . PHE A 1 76  ? -11.428 0.624   -4.160  1.00 18.07 ? 76   PHE A CE2   1 
ATOM   641  C CZ    . PHE A 1 76  ? -12.573 0.279   -3.440  1.00 16.73 ? 76   PHE A CZ    1 
ATOM   642  N N     . ALA A 1 77  ? -8.418  3.532   1.202   1.00 13.25 ? 77   ALA A N     1 
ATOM   643  C CA    . ALA A 1 77  ? -7.437  3.758   2.265   1.00 14.75 ? 77   ALA A CA    1 
ATOM   644  C C     . ALA A 1 77  ? -7.524  2.572   3.195   1.00 15.72 ? 77   ALA A C     1 
ATOM   645  O O     . ALA A 1 77  ? -8.606  2.274   3.672   1.00 13.12 ? 77   ALA A O     1 
ATOM   646  C CB    . ALA A 1 77  ? -7.721  5.066   3.070   1.00 14.20 ? 77   ALA A CB    1 
ATOM   647  N N     . LEU A 1 78  ? -6.395  1.879   3.399   1.00 12.29 ? 78   LEU A N     1 
ATOM   648  C CA    . LEU A 1 78  ? -6.374  0.753   4.312   1.00 11.03 ? 78   LEU A CA    1 
ATOM   649  C C     . LEU A 1 78  ? -6.175  1.332   5.692   1.00 8.47  ? 78   LEU A C     1 
ATOM   650  O O     . LEU A 1 78  ? -5.160  1.987   5.975   1.00 13.23 ? 78   LEU A O     1 
ATOM   651  C CB    . LEU A 1 78  ? -5.208  -0.226  3.956   1.00 14.13 ? 78   LEU A CB    1 
ATOM   652  C CG    . LEU A 1 78  ? -5.488  -1.257  2.828   1.00 13.89 ? 78   LEU A CG    1 
ATOM   653  C CD1   . LEU A 1 78  ? -6.478  -2.310  3.346   1.00 13.85 ? 78   LEU A CD1   1 
ATOM   654  C CD2   . LEU A 1 78  ? -6.004  -0.577  1.540   1.00 12.37 ? 78   LEU A CD2   1 
ATOM   655  N N     . THR A 1 79  ? -7.143  1.126   6.591   1.00 11.03 ? 79   THR A N     1 
ATOM   656  C CA    . THR A 1 79  ? -7.031  1.680   7.934   1.00 13.50 ? 79   THR A CA    1 
ATOM   657  C C     . THR A 1 79  ? -7.736  0.762   8.917   1.00 21.27 ? 79   THR A C     1 
ATOM   658  O O     . THR A 1 79  ? -8.796  0.248   8.618   1.00 16.52 ? 79   THR A O     1 
ATOM   659  C CB    . THR A 1 79  ? -7.676  3.092   7.992   1.00 18.77 ? 79   THR A CB    1 
ATOM   660  O OG1   . THR A 1 79  ? -7.935  3.459   9.357   1.00 26.21 ? 79   THR A OG1   1 
ATOM   661  C CG2   . THR A 1 79  ? -8.965  3.122   7.264   1.00 19.29 ? 79   THR A CG2   1 
ATOM   662  N N     . THR A 1 80  ? -7.142  0.529   10.091  1.00 20.14 ? 80   THR A N     1 
ATOM   663  C CA    . THR A 1 80  ? -7.832  -0.306  11.059  1.00 24.52 ? 80   THR A CA    1 
ATOM   664  C C     . THR A 1 80  ? -9.156  0.403   11.435  1.00 21.43 ? 80   THR A C     1 
ATOM   665  O O     . THR A 1 80  ? -10.006 -0.195  12.099  1.00 37.78 ? 80   THR A O     1 
ATOM   666  C CB    . THR A 1 80  ? -6.980  -0.538  12.359  1.00 24.19 ? 80   THR A CB    1 
ATOM   667  O OG1   . THR A 1 80  ? -6.671  0.720   12.941  1.00 19.69 ? 80   THR A OG1   1 
ATOM   668  C CG2   . THR A 1 80  ? -5.688  -1.291  12.067  1.00 24.04 ? 80   THR A CG2   1 
ATOM   669  N N     . LYS A 1 81  ? -9.359  1.658   11.024  1.00 30.35 ? 81   LYS A N     1 
ATOM   670  C CA    . LYS A 1 81  ? -10.624 2.371   11.325  1.00 33.72 ? 81   LYS A CA    1 
ATOM   671  C C     . LYS A 1 81  ? -11.731 2.098   10.284  1.00 36.17 ? 81   LYS A C     1 
ATOM   672  O O     . LYS A 1 81  ? -12.860 2.599   10.402  1.00 27.89 ? 81   LYS A O     1 
ATOM   673  C CB    . LYS A 1 81  ? -10.422 3.891   11.344  1.00 34.36 ? 81   LYS A CB    1 
ATOM   674  C CG    . LYS A 1 81  ? -9.575  4.441   12.476  1.00 41.30 ? 81   LYS A CG    1 
ATOM   675  C CD    . LYS A 1 81  ? -9.796  5.950   12.616  1.00 50.35 ? 81   LYS A CD    1 
ATOM   676  C CE    . LYS A 1 81  ? -8.916  6.572   13.711  1.00 43.36 ? 81   LYS A CE    1 
ATOM   677  N NZ    . LYS A 1 81  ? -7.471  6.608   13.304  1.00 53.55 ? 81   LYS A NZ    1 
ATOM   678  N N     . GLY A 1 82  ? -11.395 1.337   9.254   1.00 22.25 ? 82   GLY A N     1 
ATOM   679  C CA    . GLY A 1 82  ? -12.352 1.062   8.186   1.00 15.64 ? 82   GLY A CA    1 
ATOM   680  C C     . GLY A 1 82  ? -13.436 0.103   8.623   1.00 18.37 ? 82   GLY A C     1 
ATOM   681  O O     . GLY A 1 82  ? -13.231 -0.684  9.586   1.00 19.56 ? 82   GLY A O     1 
ATOM   682  N N     . CYS A 1 83  ? -14.593 0.173   7.952   1.00 21.45 ? 83   CYS A N     1 
ATOM   683  C CA    . CYS A 1 83  ? -15.692 -0.736  8.297   1.00 21.78 ? 83   CYS A CA    1 
ATOM   684  C C     . CYS A 1 83  ? -15.721 -1.977  7.372   1.00 16.32 ? 83   CYS A C     1 
ATOM   685  O O     . CYS A 1 83  ? -15.657 -3.102  7.856   1.00 22.39 ? 83   CYS A O     1 
ATOM   686  C CB    . CYS A 1 83  ? -17.022 0.044   8.319   1.00 20.68 ? 83   CYS A CB    1 
ATOM   687  S SG    . CYS A 1 83  ? -17.020 1.275   9.752   1.00 29.89 ? 83   CYS A SG    1 
ATOM   688  N N     . PRO A 1 84  ? -15.816 -1.804  6.045   1.00 14.90 ? 84   PRO A N     1 
ATOM   689  C CA    . PRO A 1 84  ? -15.814 -3.040  5.244   1.00 15.32 ? 84   PRO A CA    1 
ATOM   690  C C     . PRO A 1 84  ? -14.386 -3.641  5.282   1.00 16.96 ? 84   PRO A C     1 
ATOM   691  O O     . PRO A 1 84  ? -13.408 -2.893  5.376   1.00 17.69 ? 84   PRO A O     1 
ATOM   692  C CB    . PRO A 1 84  ? -16.185 -2.556  3.843   1.00 21.12 ? 84   PRO A CB    1 
ATOM   693  C CG    . PRO A 1 84  ? -15.868 -1.108  3.805   1.00 20.17 ? 84   PRO A CG    1 
ATOM   694  C CD    . PRO A 1 84  ? -15.913 -0.592  5.220   1.00 16.60 ? 84   PRO A CD    1 
ATOM   695  N N     . ALA A 1 85  ? -14.280 -4.967  5.220   1.00 18.58 ? 85   ALA A N     1 
ATOM   696  C CA    . ALA A 1 85  ? -12.986 -5.642  5.209   1.00 15.25 ? 85   ALA A CA    1 
ATOM   697  C C     . ALA A 1 85  ? -12.463 -5.566  3.783   1.00 19.80 ? 85   ALA A C     1 
ATOM   698  O O     . ALA A 1 85  ? -13.232 -5.406  2.824   1.00 18.29 ? 85   ALA A O     1 
ATOM   699  C CB    . ALA A 1 85  ? -13.149 -7.106  5.605   1.00 18.98 ? 85   ALA A CB    1 
ATOM   700  N N     . HIS A 1 86  ? -11.143 -5.712  3.641   1.00 15.36 ? 86   HIS A N     1 
ATOM   701  C CA    . HIS A 1 86  ? -10.490 -5.669  2.335   1.00 13.62 ? 86   HIS A CA    1 
ATOM   702  C C     . HIS A 1 86  ? -11.080 -6.699  1.375   1.00 14.17 ? 86   HIS A C     1 
ATOM   703  O O     . HIS A 1 86  ? -11.198 -6.405  0.198   1.00 22.36 ? 86   HIS A O     1 
ATOM   704  C CB    . HIS A 1 86  ? -8.961  -5.892  2.505   1.00 12.66 ? 86   HIS A CB    1 
ATOM   705  C CG    . HIS A 1 86  ? -8.604  -7.280  2.910   1.00 15.21 ? 86   HIS A CG    1 
ATOM   706  N ND1   . HIS A 1 86  ? -9.074  -7.855  4.072   1.00 16.36 ? 86   HIS A ND1   1 
ATOM   707  C CD2   . HIS A 1 86  ? -7.897  -8.240  2.270   1.00 14.91 ? 86   HIS A CD2   1 
ATOM   708  C CE1   . HIS A 1 86  ? -8.681  -9.120  4.121   1.00 17.35 ? 86   HIS A CE1   1 
ATOM   709  N NE2   . HIS A 1 86  ? -7.965  -9.375  3.036   1.00 14.93 ? 86   HIS A NE2   1 
ATOM   710  N N     . SER A 1 87  ? -11.546 -7.871  1.874   1.00 13.51 ? 87   SER A N     1 
ATOM   711  C CA    . SER A 1 87  ? -12.100 -8.855  0.948   1.00 9.43  ? 87   SER A CA    1 
ATOM   712  C C     . SER A 1 87  ? -13.618 -8.673  0.717   1.00 18.07 ? 87   SER A C     1 
ATOM   713  O O     . SER A 1 87  ? -14.226 -9.442  -0.049  1.00 19.55 ? 87   SER A O     1 
ATOM   714  C CB    . SER A 1 87  ? -11.894 -10.285 1.471   1.00 11.50 ? 87   SER A CB    1 
ATOM   715  O OG    . SER A 1 87  ? -12.443 -10.401 2.785   1.00 14.35 ? 87   SER A OG    1 
ATOM   716  N N     . GLN A 1 88  ? -14.222 -7.700  1.386   1.00 14.23 ? 88   GLN A N     1 
ATOM   717  C CA    . GLN A 1 88  ? -15.663 -7.454  1.194   1.00 15.92 ? 88   GLN A CA    1 
ATOM   718  C C     . GLN A 1 88  ? -15.939 -6.404  0.132   1.00 17.16 ? 88   GLN A C     1 
ATOM   719  O O     . GLN A 1 88  ? -17.097 -6.086  -0.129  1.00 24.33 ? 88   GLN A O     1 
ATOM   720  C CB    . GLN A 1 88  ? -16.325 -7.051  2.517   1.00 17.15 ? 88   GLN A CB    1 
ATOM   721  C CG    . GLN A 1 88  ? -16.243 -8.147  3.565   1.00 16.47 ? 88   GLN A CG    1 
ATOM   722  C CD    . GLN A 1 88  ? -16.844 -7.732  4.886   1.00 29.20 ? 88   GLN A CD    1 
ATOM   723  O OE1   . GLN A 1 88  ? -16.671 -6.590  5.328   1.00 23.86 ? 88   GLN A OE1   1 
ATOM   724  N NE2   . GLN A 1 88  ? -17.571 -8.656  5.533   1.00 23.84 ? 88   GLN A NE2   1 
ATOM   725  N N     . VAL A 1 89  ? -14.889 -5.806  -0.418  1.00 16.81 ? 89   VAL A N     1 
ATOM   726  C CA    . VAL A 1 89  ? -15.079 -4.839  -1.495  1.00 18.38 ? 89   VAL A CA    1 
ATOM   727  C C     . VAL A 1 89  ? -14.715 -5.525  -2.810  1.00 19.49 ? 89   VAL A C     1 
ATOM   728  O O     . VAL A 1 89  ? -13.987 -6.532  -2.823  1.00 17.51 ? 89   VAL A O     1 
ATOM   729  C CB    . VAL A 1 89  ? -14.224 -3.584  -1.289  1.00 17.05 ? 89   VAL A CB    1 
ATOM   730  C CG1   . VAL A 1 89  ? -14.635 -2.926  0.055   1.00 21.28 ? 89   VAL A CG1   1 
ATOM   731  C CG2   . VAL A 1 89  ? -12.751 -3.921  -1.298  1.00 17.91 ? 89   VAL A CG2   1 
ATOM   732  N N     . LYS A 1 90  ? -15.239 -5.001  -3.913  1.00 16.26 ? 90   LYS A N     1 
ATOM   733  C CA    . LYS A 1 90  ? -14.968 -5.572  -5.231  1.00 17.85 ? 90   LYS A CA    1 
ATOM   734  C C     . LYS A 1 90  ? -14.026 -4.656  -5.977  1.00 17.57 ? 90   LYS A C     1 
ATOM   735  O O     . LYS A 1 90  ? -14.441 -3.622  -6.516  1.00 20.51 ? 90   LYS A O     1 
ATOM   736  C CB    . LYS A 1 90  ? -16.294 -5.717  -6.018  1.00 24.22 ? 90   LYS A CB    1 
ATOM   737  C CG    . LYS A 1 90  ? -17.315 -6.560  -5.262  1.00 49.42 ? 90   LYS A CG    1 
ATOM   738  C CD    . LYS A 1 90  ? -18.582 -6.894  -6.064  1.00 46.65 ? 90   LYS A CD    1 
ATOM   739  C CE    . LYS A 1 90  ? -19.398 -7.925  -5.283  1.00 52.95 ? 90   LYS A CE    1 
ATOM   740  N NZ    . LYS A 1 90  ? -20.555 -8.489  -6.041  1.00 58.34 ? 90   LYS A NZ    1 
ATOM   741  N N     . PHE A 1 91  ? -12.752 -5.019  -5.995  1.00 13.72 ? 91   PHE A N     1 
ATOM   742  C CA    . PHE A 1 91  ? -11.755 -4.242  -6.691  1.00 18.70 ? 91   PHE A CA    1 
ATOM   743  C C     . PHE A 1 91  ? -11.975 -4.242  -8.193  1.00 13.15 ? 91   PHE A C     1 
ATOM   744  O O     . PHE A 1 91  ? -12.547 -5.179  -8.727  1.00 21.14 ? 91   PHE A O     1 
ATOM   745  C CB    . PHE A 1 91  ? -10.376 -4.778  -6.347  1.00 21.65 ? 91   PHE A CB    1 
ATOM   746  C CG    . PHE A 1 91  ? -10.024 -4.589  -4.884  1.00 17.99 ? 91   PHE A CG    1 
ATOM   747  C CD1   . PHE A 1 91  ? -10.029 -5.671  -4.009  1.00 11.35 ? 91   PHE A CD1   1 
ATOM   748  C CD2   . PHE A 1 91  ? -9.776  -3.315  -4.377  1.00 19.75 ? 91   PHE A CD2   1 
ATOM   749  C CE1   . PHE A 1 91  ? -9.784  -5.475  -2.625  1.00 16.89 ? 91   PHE A CE1   1 
ATOM   750  C CE2   . PHE A 1 91  ? -9.538  -3.111  -2.957  1.00 10.40 ? 91   PHE A CE2   1 
ATOM   751  C CZ    . PHE A 1 91  ? -9.543  -4.176  -2.104  1.00 16.48 ? 91   PHE A CZ    1 
ATOM   752  N N     . LYS A 1 92  ? -11.540 -3.157  -8.835  1.00 16.69 ? 92   LYS A N     1 
ATOM   753  C CA    . LYS A 1 92  ? -11.667 -2.997  -10.289 1.00 20.67 ? 92   LYS A CA    1 
ATOM   754  C C     . LYS A 1 92  ? -10.462 -2.280  -10.832 1.00 18.70 ? 92   LYS A C     1 
ATOM   755  O O     . LYS A 1 92  ? -9.791  -1.515  -10.116 1.00 19.07 ? 92   LYS A O     1 
ATOM   756  C CB    . LYS A 1 92  ? -12.895 -2.144  -10.644 1.00 25.92 ? 92   LYS A CB    1 
ATOM   757  C CG    . LYS A 1 92  ? -14.204 -2.669  -10.105 1.00 33.86 ? 92   LYS A CG    1 
ATOM   758  C CD    . LYS A 1 92  ? -15.096 -1.513  -9.671  1.00 45.62 ? 92   LYS A CD    1 
ATOM   759  C CE    . LYS A 1 92  ? -15.307 -0.512  -10.782 1.00 56.52 ? 92   LYS A CE    1 
ATOM   760  N NZ    . LYS A 1 92  ? -16.112 0.651   -10.289 1.00 62.35 ? 92   LYS A NZ    1 
ATOM   761  N N     . LEU A 1 93  ? -10.170 -2.508  -12.109 1.00 21.05 ? 93   LEU A N     1 
ATOM   762  C CA    . LEU A 1 93  ? -9.055  -1.817  -12.722 1.00 13.81 ? 93   LEU A CA    1 
ATOM   763  C C     . LEU A 1 93  ? -9.287  -0.336  -12.472 1.00 20.31 ? 93   LEU A C     1 
ATOM   764  O O     . LEU A 1 93  ? -10.438 0.127   -12.461 1.00 20.45 ? 93   LEU A O     1 
ATOM   765  C CB    . LEU A 1 93  ? -9.029  -2.100  -14.240 1.00 20.94 ? 93   LEU A CB    1 
ATOM   766  C CG    . LEU A 1 93  ? -8.671  -3.572  -14.535 1.00 26.36 ? 93   LEU A CG    1 
ATOM   767  C CD1   . LEU A 1 93  ? -8.982  -3.930  -15.988 1.00 30.78 ? 93   LEU A CD1   1 
ATOM   768  C CD2   . LEU A 1 93  ? -7.172  -3.816  -14.238 1.00 23.40 ? 93   LEU A CD2   1 
ATOM   769  N N     . GLY A 1 94  ? -8.198  0.383   -12.254 1.00 21.20 ? 94   GLY A N     1 
ATOM   770  C CA    . GLY A 1 94  ? -8.291  1.803   -11.980 1.00 20.90 ? 94   GLY A CA    1 
ATOM   771  C C     . GLY A 1 94  ? -8.227  2.122   -10.505 1.00 23.58 ? 94   GLY A C     1 
ATOM   772  O O     . GLY A 1 94  ? -8.069  3.297   -10.140 1.00 22.64 ? 94   GLY A O     1 
ATOM   773  N N     . ASP A 1 95  ? -8.317  1.097   -9.649  1.00 15.30 ? 95   ASP A N     1 
ATOM   774  C CA    . ASP A 1 95  ? -8.267  1.365   -8.203  1.00 18.74 ? 95   ASP A CA    1 
ATOM   775  C C     . ASP A 1 95  ? -6.864  1.628   -7.725  1.00 17.23 ? 95   ASP A C     1 
ATOM   776  O O     . ASP A 1 95  ? -5.892  1.043   -8.245  1.00 17.07 ? 95   ASP A O     1 
ATOM   777  C CB    . ASP A 1 95  ? -8.789  0.175   -7.387  1.00 15.81 ? 95   ASP A CB    1 
ATOM   778  C CG    . ASP A 1 95  ? -10.291 -0.016  -7.488  1.00 17.44 ? 95   ASP A CG    1 
ATOM   779  O OD1   . ASP A 1 95  ? -10.755 -1.108  -7.101  1.00 17.34 ? 95   ASP A OD1   1 
ATOM   780  O OD2   . ASP A 1 95  ? -11.023 0.899   -7.948  1.00 19.59 ? 95   ASP A OD2   1 
ATOM   781  N N     . TYR A 1 96  ? -6.752  2.536   -6.747  1.00 15.24 ? 96   TYR A N     1 
ATOM   782  C CA    . TYR A 1 96  ? -5.477  2.858   -6.086  1.00 12.19 ? 96   TYR A CA    1 
ATOM   783  C C     . TYR A 1 96  ? -5.690  2.458   -4.601  1.00 14.62 ? 96   TYR A C     1 
ATOM   784  O O     . TYR A 1 96  ? -6.724  2.814   -4.030  1.00 20.11 ? 96   TYR A O     1 
ATOM   785  C CB    . TYR A 1 96  ? -5.182  4.347   -6.171  1.00 15.03 ? 96   TYR A CB    1 
ATOM   786  C CG    . TYR A 1 96  ? -4.536  4.753   -7.486  1.00 14.00 ? 96   TYR A CG    1 
ATOM   787  C CD1   . TYR A 1 96  ? -5.226  4.576   -8.705  1.00 21.56 ? 96   TYR A CD1   1 
ATOM   788  C CD2   . TYR A 1 96  ? -3.256  5.309   -7.517  1.00 23.65 ? 96   TYR A CD2   1 
ATOM   789  C CE1   . TYR A 1 96  ? -4.648  4.951   -9.920  1.00 21.99 ? 96   TYR A CE1   1 
ATOM   790  C CE2   . TYR A 1 96  ? -2.668  5.690   -8.738  1.00 19.79 ? 96   TYR A CE2   1 
ATOM   791  C CZ    . TYR A 1 96  ? -3.381  5.508   -9.938  1.00 25.03 ? 96   TYR A CZ    1 
ATOM   792  O OH    . TYR A 1 96  ? -2.820  5.902   -11.152 1.00 19.85 ? 96   TYR A OH    1 
ATOM   793  N N     . LEU A 1 97  ? -4.764  1.689   -4.024  1.00 11.07 ? 97   LEU A N     1 
ATOM   794  C CA    . LEU A 1 97  ? -4.850  1.197   -2.620  1.00 11.37 ? 97   LEU A CA    1 
ATOM   795  C C     . LEU A 1 97  ? -3.762  1.923   -1.818  1.00 10.24 ? 97   LEU A C     1 
ATOM   796  O O     . LEU A 1 97  ? -2.603  1.748   -2.073  1.00 12.80 ? 97   LEU A O     1 
ATOM   797  C CB    . LEU A 1 97  ? -4.597  -0.310  -2.545  1.00 14.12 ? 97   LEU A CB    1 
ATOM   798  C CG    . LEU A 1 97  ? -5.701  -1.316  -2.922  1.00 38.07 ? 97   LEU A CG    1 
ATOM   799  C CD1   . LEU A 1 97  ? -6.805  -0.685  -3.723  1.00 26.19 ? 97   LEU A CD1   1 
ATOM   800  C CD2   . LEU A 1 97  ? -5.076  -2.502  -3.627  1.00 22.76 ? 97   LEU A CD2   1 
ATOM   801  N N     . MET A 1 98  ? -4.180  2.746   -0.868  1.00 13.00 ? 98   MET A N     1 
ATOM   802  C CA    . MET A 1 98  ? -3.239  3.561   -0.085  1.00 12.58 ? 98   MET A CA    1 
ATOM   803  C C     . MET A 1 98  ? -3.076  3.066   1.348   1.00 9.71  ? 98   MET A C     1 
ATOM   804  O O     . MET A 1 98  ? -4.053  2.677   1.984   1.00 11.50 ? 98   MET A O     1 
ATOM   805  C CB    . MET A 1 98  ? -3.678  5.041   -0.065  1.00 12.43 ? 98   MET A CB    1 
ATOM   806  C CG    . MET A 1 98  ? -2.664  5.920   0.660   1.00 21.79 ? 98   MET A CG    1 
ATOM   807  S SD    . MET A 1 98  ? -2.871  7.672   0.265   1.00 20.85 ? 98   MET A SD    1 
ATOM   808  C CE    . MET A 1 98  ? -4.413  7.870   0.977   1.00 15.23 ? 98   MET A CE    1 
ATOM   809  N N     . PHE A 1 99  ? -1.827  3.102   1.821   1.00 11.50 ? 99   PHE A N     1 
ATOM   810  C CA    . PHE A 1 99  ? -1.471  2.638   3.170   1.00 10.97 ? 99   PHE A CA    1 
ATOM   811  C C     . PHE A 1 99  ? -0.786  3.754   3.909   1.00 13.66 ? 99   PHE A C     1 
ATOM   812  O O     . PHE A 1 99  ? -0.144  4.575   3.287   1.00 15.46 ? 99   PHE A O     1 
ATOM   813  C CB    . PHE A 1 99  ? -0.504  1.436   3.093   1.00 12.69 ? 99   PHE A CB    1 
ATOM   814  C CG    . PHE A 1 99  ? -1.063  0.236   2.338   1.00 10.63 ? 99   PHE A CG    1 
ATOM   815  C CD1   . PHE A 1 99  ? -1.143  0.260   0.947   1.00 9.67  ? 99   PHE A CD1   1 
ATOM   816  C CD2   . PHE A 1 99  ? -1.579  -0.880  3.034   1.00 11.74 ? 99   PHE A CD2   1 
ATOM   817  C CE1   . PHE A 1 99  ? -1.744  -0.789  0.253   1.00 10.01 ? 99   PHE A CE1   1 
ATOM   818  C CE2   . PHE A 1 99  ? -2.176  -1.928  2.344   1.00 16.58 ? 99   PHE A CE2   1 
ATOM   819  C CZ    . PHE A 1 99  ? -2.266  -1.877  0.969   1.00 10.97 ? 99   PHE A CZ    1 
ATOM   820  N N     . GLY A 1 100 ? -0.913  3.765   5.228   1.00 15.68 ? 100  GLY A N     1 
ATOM   821  C CA    . GLY A 1 100 ? -0.245  4.795   6.001   1.00 9.56  ? 100  GLY A CA    1 
ATOM   822  C C     . GLY A 1 100 ? 1.079   4.387   6.572   1.00 12.25 ? 100  GLY A C     1 
ATOM   823  O O     . GLY A 1 100 ? 1.550   3.252   6.403   1.00 15.84 ? 100  GLY A O     1 
ATOM   824  N N     . PRO A 1 101 ? 1.759   5.329   7.243   1.00 13.19 ? 101  PRO A N     1 
ATOM   825  C CA    . PRO A 1 101 ? 3.061   5.108   7.864   1.00 17.36 ? 101  PRO A CA    1 
ATOM   826  C C     . PRO A 1 101 ? 2.997   4.093   8.989   1.00 21.36 ? 101  PRO A C     1 
ATOM   827  O O     . PRO A 1 101 ? 1.971   3.966   9.665   1.00 21.96 ? 101  PRO A O     1 
ATOM   828  C CB    . PRO A 1 101 ? 3.478   6.497   8.392   1.00 22.74 ? 101  PRO A CB    1 
ATOM   829  C CG    . PRO A 1 101 ? 2.363   7.432   8.039   1.00 20.97 ? 101  PRO A CG    1 
ATOM   830  C CD    . PRO A 1 101 ? 1.207   6.673   7.506   1.00 16.47 ? 101  PRO A CD    1 
ATOM   831  N N     . GLU A 1 102 ? 4.111   3.428   9.258   1.00 17.40 ? 102  GLU A N     1 
ATOM   832  C CA    . GLU A 1 102 ? 4.150   2.406   10.299  1.00 14.97 ? 102  GLU A CA    1 
ATOM   833  C C     . GLU A 1 102 ? 3.842   2.838   11.721  1.00 23.35 ? 102  GLU A C     1 
ATOM   834  O O     . GLU A 1 102 ? 3.379   2.045   12.552  1.00 24.23 ? 102  GLU A O     1 
ATOM   835  C CB    . GLU A 1 102 ? 5.519   1.667   10.310  1.00 17.53 ? 102  GLU A CB    1 
ATOM   836  C CG    . GLU A 1 102 ? 6.740   2.285   9.620   1.00 43.19 ? 102  GLU A CG    1 
ATOM   837  C CD    . GLU A 1 102 ? 6.717   2.351   8.083   1.00 16.29 ? 102  GLU A CD    1 
ATOM   838  O OE1   . GLU A 1 102 ? 6.160   3.333   7.592   1.00 18.45 ? 102  GLU A OE1   1 
ATOM   839  O OE2   . GLU A 1 102 ? 7.307   1.474   7.402   1.00 29.53 ? 102  GLU A OE2   1 
ATOM   840  N N     . THR A 1 103 ? 4.094   4.096   12.022  1.00 16.23 ? 103  THR A N     1 
ATOM   841  C CA    . THR A 1 103 ? 3.899   4.553   13.397  1.00 16.01 ? 103  THR A CA    1 
ATOM   842  C C     . THR A 1 103 ? 2.606   5.328   13.630  1.00 22.73 ? 103  THR A C     1 
ATOM   843  O O     . THR A 1 103 ? 2.302   5.672   14.764  1.00 23.66 ? 103  THR A O     1 
ATOM   844  C CB    . THR A 1 103 ? 5.087   5.424   13.809  1.00 25.27 ? 103  THR A CB    1 
ATOM   845  O OG1   . THR A 1 103 ? 5.164   6.554   12.924  1.00 25.62 ? 103  THR A OG1   1 
ATOM   846  C CG2   . THR A 1 103 ? 6.389   4.611   13.720  1.00 23.01 ? 103  THR A CG2   1 
ATOM   847  N N     . ARG A 1 104 ? 1.824   5.598   12.589  1.00 19.92 ? 104  ARG A N     1 
ATOM   848  C CA    . ARG A 1 104 ? 0.619   6.384   12.825  1.00 21.80 ? 104  ARG A CA    1 
ATOM   849  C C     . ARG A 1 104 ? -0.535  6.170   11.872  1.00 28.92 ? 104  ARG A C     1 
ATOM   850  O O     . ARG A 1 104 ? -1.645  6.623   12.143  1.00 34.82 ? 104  ARG A O     1 
ATOM   851  C CB    . ARG A 1 104 ? 0.979   7.879   12.840  1.00 24.35 ? 104  ARG A CB    1 
ATOM   852  C CG    . ARG A 1 104 ? 1.697   8.322   11.602  1.00 29.35 ? 104  ARG A CG    1 
ATOM   853  C CD    . ARG A 1 104 ? 2.181   9.770   11.665  1.00 30.30 ? 104  ARG A CD    1 
ATOM   854  N NE    . ARG A 1 104 ? 3.207   9.959   10.635  1.00 38.02 ? 104  ARG A NE    1 
ATOM   855  C CZ    . ARG A 1 104 ? 3.050   10.669  9.525   1.00 35.18 ? 104  ARG A CZ    1 
ATOM   856  N NH1   . ARG A 1 104 ? 1.902   11.295  9.257   1.00 40.26 ? 104  ARG A NH1   1 
ATOM   857  N NH2   . ARG A 1 104 ? 4.041   10.744  8.664   1.00 35.36 ? 104  ARG A NH2   1 
ATOM   858  N N     . GLY A 1 105 ? -0.316  5.492   10.761  1.00 22.82 ? 105  GLY A N     1 
ATOM   859  C CA    . GLY A 1 105 ? -1.464  5.339   9.868   1.00 33.18 ? 105  GLY A CA    1 
ATOM   860  C C     . GLY A 1 105 ? -1.891  6.631   9.141   1.00 31.30 ? 105  GLY A C     1 
ATOM   861  O O     . GLY A 1 105 ? -1.429  7.732   9.441   1.00 24.84 ? 105  GLY A O     1 
ATOM   862  N N     . ILE A 1 106 ? -2.791  6.506   8.172   1.00 19.90 ? 106  ILE A N     1 
ATOM   863  C CA    . ILE A 1 106 ? -3.228  7.658   7.374   1.00 20.15 ? 106  ILE A CA    1 
ATOM   864  C C     . ILE A 1 106 ? -3.918  8.816   8.132   1.00 23.14 ? 106  ILE A C     1 
ATOM   865  O O     . ILE A 1 106 ? -4.877  8.599   8.871   1.00 24.89 ? 106  ILE A O     1 
ATOM   866  C CB    . ILE A 1 106 ? -4.182  7.196   6.283   1.00 15.28 ? 106  ILE A CB    1 
ATOM   867  C CG1   . ILE A 1 106 ? -3.455  6.146   5.459   1.00 11.12 ? 106  ILE A CG1   1 
ATOM   868  C CG2   . ILE A 1 106 ? -4.608  8.385   5.408   1.00 21.77 ? 106  ILE A CG2   1 
ATOM   869  C CD1   . ILE A 1 106 ? -4.387  5.297   4.490   1.00 16.58 ? 106  ILE A CD1   1 
ATOM   870  N N     . PRO A 1 107 ? -3.479  10.057  7.897   1.00 24.45 ? 107  PRO A N     1 
ATOM   871  C CA    . PRO A 1 107 ? -4.095  11.202  8.594   1.00 25.83 ? 107  PRO A CA    1 
ATOM   872  C C     . PRO A 1 107 ? -5.599  11.307  8.537   1.00 29.08 ? 107  PRO A C     1 
ATOM   873  O O     . PRO A 1 107 ? -6.198  11.201  7.467   1.00 25.69 ? 107  PRO A O     1 
ATOM   874  C CB    . PRO A 1 107 ? -3.498  12.418  7.892   1.00 27.98 ? 107  PRO A CB    1 
ATOM   875  C CG    . PRO A 1 107 ? -2.238  11.963  7.380   1.00 22.26 ? 107  PRO A CG    1 
ATOM   876  C CD    . PRO A 1 107 ? -2.512  10.539  6.899   1.00 27.50 ? 107  PRO A CD    1 
ATOM   877  N N     . MET A 1 108 ? -6.211  11.602  9.682   1.00 31.49 ? 108  MET A N     1 
ATOM   878  C CA    . MET A 1 108 ? -7.647  11.791  9.708   1.00 32.10 ? 108  MET A CA    1 
ATOM   879  C C     . MET A 1 108 ? -8.048  12.888  8.708   1.00 27.94 ? 108  MET A C     1 
ATOM   880  O O     . MET A 1 108 ? -9.152  12.850  8.165   1.00 29.14 ? 108  MET A O     1 
ATOM   881  C CB    . MET A 1 108 ? -8.121  12.171  11.117  1.00 34.14 ? 108  MET A CB    1 
ATOM   882  C CG    . MET A 1 108 ? -8.105  11.007  12.110  1.00 49.68 ? 108  MET A CG    1 
ATOM   883  S SD    . MET A 1 108 ? -9.136  9.564   11.631  1.00 49.68 ? 108  MET A SD    1 
ATOM   884  C CE    . MET A 1 108 ? -10.587 10.363  10.836  1.00 41.41 ? 108  MET A CE    1 
ATOM   885  N N     . SER A 1 109 ? -7.158  13.851  8.441   1.00 24.01 ? 109  SER A N     1 
ATOM   886  C CA    . SER A 1 109 ? -7.517  14.916  7.507   1.00 29.78 ? 109  SER A CA    1 
ATOM   887  C C     . SER A 1 109 ? -7.805  14.331  6.130   1.00 32.45 ? 109  SER A C     1 
ATOM   888  O O     . SER A 1 109 ? -8.644  14.836  5.383   1.00 29.01 ? 109  SER A O     1 
ATOM   889  C CB    . SER A 1 109 ? -6.414  15.959  7.404   1.00 32.72 ? 109  SER A CB    1 
ATOM   890  O OG    . SER A 1 109 ? -5.161  15.371  7.185   1.00 37.88 ? 109  SER A OG    1 
ATOM   891  N N     . ILE A 1 110 ? -7.110  13.250  5.797   1.00 26.15 ? 110  ILE A N     1 
ATOM   892  C CA    . ILE A 1 110 ? -7.358  12.593  4.512   1.00 25.57 ? 110  ILE A CA    1 
ATOM   893  C C     . ILE A 1 110 ? -8.568  11.658  4.657   1.00 22.38 ? 110  ILE A C     1 
ATOM   894  O O     . ILE A 1 110 ? -9.523  11.708  3.879   1.00 29.57 ? 110  ILE A O     1 
ATOM   895  C CB    . ILE A 1 110 ? -6.095  11.803  4.019   1.00 24.86 ? 110  ILE A CB    1 
ATOM   896  C CG1   . ILE A 1 110 ? -4.971  12.789  3.704   1.00 29.81 ? 110  ILE A CG1   1 
ATOM   897  C CG2   . ILE A 1 110 ? -6.458  10.962  2.765   1.00 22.22 ? 110  ILE A CG2   1 
ATOM   898  C CD1   . ILE A 1 110 ? -3.657  12.165  3.348   1.00 18.71 ? 110  ILE A CD1   1 
ATOM   899  N N     . LEU A 1 111 ? -8.563  10.824  5.682   1.00 22.75 ? 111  LEU A N     1 
ATOM   900  C CA    . LEU A 1 111 ? -9.677  9.895   5.842   1.00 21.85 ? 111  LEU A CA    1 
ATOM   901  C C     . LEU A 1 111 ? -11.052 10.579  5.906   1.00 23.78 ? 111  LEU A C     1 
ATOM   902  O O     . LEU A 1 111 ? -12.039 10.073  5.383   1.00 23.63 ? 111  LEU A O     1 
ATOM   903  C CB    . LEU A 1 111 ? -9.449  9.056   7.082   1.00 13.37 ? 111  LEU A CB    1 
ATOM   904  C CG    . LEU A 1 111 ? -8.213  8.168   7.045   1.00 20.27 ? 111  LEU A CG    1 
ATOM   905  C CD1   . LEU A 1 111 ? -8.069  7.430   8.358   1.00 25.69 ? 111  LEU A CD1   1 
ATOM   906  C CD2   . LEU A 1 111 ? -8.364  7.165   5.874   1.00 23.22 ? 111  LEU A CD2   1 
ATOM   907  N N     . ASN A 1 112 ? -11.095 11.750  6.534   1.00 35.69 ? 112  ASN A N     1 
ATOM   908  C CA    . ASN A 1 112 ? -12.328 12.524  6.666   1.00 36.26 ? 112  ASN A CA    1 
ATOM   909  C C     . ASN A 1 112 ? -12.977 12.911  5.357   1.00 40.76 ? 112  ASN A C     1 
ATOM   910  O O     . ASN A 1 112 ? -14.172 13.174  5.301   1.00 48.61 ? 112  ASN A O     1 
ATOM   911  C CB    . ASN A 1 112 ? -12.052 13.799  7.450   1.00 42.77 ? 112  ASN A CB    1 
ATOM   912  C CG    . ASN A 1 112 ? -12.197 13.594  8.926   1.00 47.28 ? 112  ASN A CG    1 
ATOM   913  O OD1   . ASN A 1 112 ? -11.696 14.383  9.732   1.00 63.32 ? 112  ASN A OD1   1 
ATOM   914  N ND2   . ASN A 1 112 ? -12.898 12.529  9.300   1.00 56.84 ? 112  ASN A ND2   1 
ATOM   915  N N     . GLU A 1 113 ? -12.195 12.968  4.295   1.00 39.71 ? 113  GLU A N     1 
ATOM   916  C CA    . GLU A 1 113 ? -12.757 13.359  3.021   1.00 41.44 ? 113  GLU A CA    1 
ATOM   917  C C     . GLU A 1 113 ? -13.013 12.189  2.102   1.00 43.99 ? 113  GLU A C     1 
ATOM   918  O O     . GLU A 1 113 ? -13.288 12.381  0.925   1.00 39.72 ? 113  GLU A O     1 
ATOM   919  C CB    . GLU A 1 113 ? -11.830 14.372  2.335   1.00 48.43 ? 113  GLU A CB    1 
ATOM   920  C CG    . GLU A 1 113 ? -10.377 13.919  2.192   1.00 64.21 ? 113  GLU A CG    1 
ATOM   921  C CD    . GLU A 1 113 ? -9.466  15.005  1.613   1.00 69.48 ? 113  GLU A CD    1 
ATOM   922  O OE1   . GLU A 1 113 ? -9.444  16.127  2.171   1.00 76.43 ? 113  GLU A OE1   1 
ATOM   923  O OE2   . GLU A 1 113 ? -8.769  14.740  0.605   1.00 63.41 ? 113  GLU A OE2   1 
ATOM   924  N N     . MET A 1 114 ? -12.930 10.971  2.634   1.00 33.73 ? 114  MET A N     1 
ATOM   925  C CA    . MET A 1 114 ? -13.148 9.782   1.814   1.00 36.76 ? 114  MET A CA    1 
ATOM   926  C C     . MET A 1 114 ? -14.471 9.085   2.121   1.00 27.73 ? 114  MET A C     1 
ATOM   927  O O     . MET A 1 114 ? -14.933 9.126   3.247   1.00 32.32 ? 114  MET A O     1 
ATOM   928  C CB    . MET A 1 114 ? -11.999 8.799   2.046   1.00 33.60 ? 114  MET A CB    1 
ATOM   929  C CG    . MET A 1 114 ? -10.635 9.335   1.599   1.00 27.49 ? 114  MET A CG    1 
ATOM   930  S SD    . MET A 1 114 ? -9.321  8.112   1.809   1.00 29.83 ? 114  MET A SD    1 
ATOM   931  C CE    . MET A 1 114 ? -9.759  6.963   0.485   1.00 31.20 ? 114  MET A CE    1 
ATOM   932  N N     . PRO A 1 115 ? -15.106 8.447   1.124   1.00 24.44 ? 115  PRO A N     1 
ATOM   933  C CA    . PRO A 1 115 ? -16.369 7.781   1.471   1.00 27.86 ? 115  PRO A CA    1 
ATOM   934  C C     . PRO A 1 115 ? -16.136 6.588   2.394   1.00 21.21 ? 115  PRO A C     1 
ATOM   935  O O     . PRO A 1 115 ? -15.088 5.912   2.316   1.00 23.74 ? 115  PRO A O     1 
ATOM   936  C CB    . PRO A 1 115 ? -16.932 7.343   0.116   1.00 27.73 ? 115  PRO A CB    1 
ATOM   937  C CG    . PRO A 1 115 ? -15.736 7.294   -0.769  1.00 43.60 ? 115  PRO A CG    1 
ATOM   938  C CD    . PRO A 1 115 ? -14.914 8.478   -0.328  1.00 25.98 ? 115  PRO A CD    1 
ATOM   939  N N     . MET A 1 116 ? -17.106 6.324   3.254   1.00 18.47 ? 116  MET A N     1 
ATOM   940  C CA    . MET A 1 116 ? -17.011 5.227   4.193   1.00 24.90 ? 116  MET A CA    1 
ATOM   941  C C     . MET A 1 116 ? -16.712 3.888   3.508   1.00 22.45 ? 116  MET A C     1 
ATOM   942  O O     . MET A 1 116 ? -15.938 3.081   4.046   1.00 20.82 ? 116  MET A O     1 
ATOM   943  C CB    . MET A 1 116 ? -18.301 5.104   4.995   1.00 33.56 ? 116  MET A CB    1 
ATOM   944  C CG    . MET A 1 116 ? -18.495 6.178   6.066   1.00 29.82 ? 116  MET A CG    1 
ATOM   945  S SD    . MET A 1 116 ? -17.223 6.116   7.365   1.00 36.07 ? 116  MET A SD    1 
ATOM   946  C CE    . MET A 1 116 ? -17.790 4.667   8.350   1.00 26.04 ? 116  MET A CE    1 
ATOM   947  N N     . GLU A 1 117 ? -17.295 3.665   2.321   1.00 25.32 ? 117  GLU A N     1 
ATOM   948  C CA    . GLU A 1 117 ? -17.102 2.413   1.581   1.00 21.27 ? 117  GLU A CA    1 
ATOM   949  C C     . GLU A 1 117 ? -15.700 2.234   1.024   1.00 23.16 ? 117  GLU A C     1 
ATOM   950  O O     . GLU A 1 117 ? -15.372 1.161   0.527   1.00 22.94 ? 117  GLU A O     1 
ATOM   951  C CB    . GLU A 1 117 ? -18.092 2.316   0.414   1.00 22.66 ? 117  GLU A CB    1 
ATOM   952  C CG    . GLU A 1 117 ? -19.516 2.094   0.923   1.00 24.94 ? 117  GLU A CG    1 
ATOM   953  C CD    . GLU A 1 117 ? -20.596 2.347   -0.125  1.00 57.93 ? 117  GLU A CD    1 
ATOM   954  O OE1   . GLU A 1 117 ? -20.443 1.886   -1.290  1.00 37.82 ? 117  GLU A OE1   1 
ATOM   955  O OE2   . GLU A 1 117 ? -21.612 3.000   0.229   1.00 47.15 ? 117  GLU A OE2   1 
ATOM   956  N N     . GLN A 1 118 ? -14.893 3.282   1.077   1.00 17.67 ? 118  GLN A N     1 
ATOM   957  C CA    . GLN A 1 118 ? -13.535 3.192   0.552   1.00 18.38 ? 118  GLN A CA    1 
ATOM   958  C C     . GLN A 1 118 ? -12.434 3.193   1.609   1.00 15.37 ? 118  GLN A C     1 
ATOM   959  O O     . GLN A 1 118 ? -11.265 3.256   1.284   1.00 16.14 ? 118  GLN A O     1 
ATOM   960  C CB    . GLN A 1 118 ? -13.312 4.295   -0.489  1.00 27.56 ? 118  GLN A CB    1 
ATOM   961  C CG    . GLN A 1 118 ? -13.904 3.869   -1.864  1.00 30.87 ? 118  GLN A CG    1 
ATOM   962  C CD    . GLN A 1 118 ? -14.077 5.021   -2.807  1.00 44.31 ? 118  GLN A CD    1 
ATOM   963  O OE1   . GLN A 1 118 ? -13.196 5.874   -2.943  1.00 45.37 ? 118  GLN A OE1   1 
ATOM   964  N NE2   . GLN A 1 118 ? -15.214 5.052   -3.486  1.00 30.83 ? 118  GLN A NE2   1 
ATOM   965  N N     . LYS A 1 119 ? -12.829 3.111   2.877   1.00 13.75 ? 119  LYS A N     1 
ATOM   966  C CA    . LYS A 1 119 ? -11.883 3.040   4.008   1.00 16.28 ? 119  LYS A CA    1 
ATOM   967  C C     . LYS A 1 119 ? -12.109 1.612   4.494   1.00 18.66 ? 119  LYS A C     1 
ATOM   968  O O     . LYS A 1 119 ? -13.156 1.252   5.087   1.00 16.48 ? 119  LYS A O     1 
ATOM   969  C CB    . LYS A 1 119 ? -12.240 4.086   5.055   1.00 17.88 ? 119  LYS A CB    1 
ATOM   970  C CG    . LYS A 1 119 ? -11.830 5.475   4.589   1.00 19.79 ? 119  LYS A CG    1 
ATOM   971  C CD    . LYS A 1 119 ? -12.221 6.598   5.551   1.00 18.20 ? 119  LYS A CD    1 
ATOM   972  C CE    . LYS A 1 119 ? -13.732 6.769   5.635   1.00 18.19 ? 119  LYS A CE    1 
ATOM   973  N NZ    . LYS A 1 119 ? -13.997 8.100   6.339   1.00 20.13 ? 119  LYS A NZ    1 
ATOM   974  N N     . ILE A 1 120 ? -11.129 0.782   4.192   1.00 16.22 ? 120  ILE A N     1 
ATOM   975  C CA    . ILE A 1 120 ? -11.251 -0.634  4.464   1.00 11.69 ? 120  ILE A CA    1 
ATOM   976  C C     . ILE A 1 120 ? -10.271 -1.185  5.483   1.00 11.95 ? 120  ILE A C     1 
ATOM   977  O O     . ILE A 1 120 ? -9.129  -0.764  5.552   1.00 11.72 ? 120  ILE A O     1 
ATOM   978  C CB    . ILE A 1 120 ? -11.115 -1.413  3.127   1.00 16.10 ? 120  ILE A CB    1 
ATOM   979  C CG1   . ILE A 1 120 ? -9.907  -0.940  2.347   1.00 18.26 ? 120  ILE A CG1   1 
ATOM   980  C CG2   . ILE A 1 120 ? -12.345 -1.154  2.227   1.00 22.12 ? 120  ILE A CG2   1 
ATOM   981  C CD1   . ILE A 1 120 ? -9.654  -1.820  1.106   1.00 18.51 ? 120  ILE A CD1   1 
ATOM   982  N N     . ARG A 1 121 ? -10.706 -2.206  6.209   1.00 13.43 ? 121  ARG A N     1 
ATOM   983  C CA    . ARG A 1 121 ? -9.826  -2.764  7.254   1.00 12.31 ? 121  ARG A CA    1 
ATOM   984  C C     . ARG A 1 121 ? -9.519  -4.222  6.964   1.00 12.61 ? 121  ARG A C     1 
ATOM   985  O O     . ARG A 1 121 ? -10.288 -4.905  6.331   1.00 19.39 ? 121  ARG A O     1 
ATOM   986  C CB    . ARG A 1 121 ? -10.553 -2.704  8.607   1.00 18.58 ? 121  ARG A CB    1 
ATOM   987  C CG    . ARG A 1 121 ? -11.831 -3.555  8.604   1.00 20.55 ? 121  ARG A CG    1 
ATOM   988  C CD    . ARG A 1 121 ? -12.395 -3.795  10.051  1.00 29.17 ? 121  ARG A CD    1 
ATOM   989  N NE    . ARG A 1 121 ? -13.789 -4.229  9.964   1.00 39.10 ? 121  ARG A NE    1 
ATOM   990  C CZ    . ARG A 1 121 ? -14.227 -5.468  10.179  1.00 55.76 ? 121  ARG A CZ    1 
ATOM   991  N NH1   . ARG A 1 121 ? -13.386 -6.441  10.525  1.00 40.75 ? 121  ARG A NH1   1 
ATOM   992  N NH2   . ARG A 1 121 ? -15.519 -5.744  10.009  1.00 50.62 ? 121  ARG A NH2   1 
ATOM   993  N N     . ILE A 1 122 ? -8.354  -4.662  7.409   1.00 11.11 ? 122  ILE A N     1 
ATOM   994  C CA    . ILE A 1 122 ? -8.036  -6.082  7.330   1.00 10.13 ? 122  ILE A CA    1 
ATOM   995  C C     . ILE A 1 122 ? -8.472  -6.571  8.727   1.00 6.97  ? 122  ILE A C     1 
ATOM   996  O O     . ILE A 1 122 ? -8.075  -6.012  9.740   1.00 12.85 ? 122  ILE A O     1 
ATOM   997  C CB    . ILE A 1 122 ? -6.539  -6.253  7.155   1.00 13.57 ? 122  ILE A CB    1 
ATOM   998  C CG1   . ILE A 1 122 ? -6.108  -5.695  5.751   1.00 12.05 ? 122  ILE A CG1   1 
ATOM   999  C CG2   . ILE A 1 122 ? -6.231  -7.712  7.256   1.00 15.57 ? 122  ILE A CG2   1 
ATOM   1000 C CD1   . ILE A 1 122 ? -4.588  -5.569  5.616   1.00 16.28 ? 122  ILE A CD1   1 
ATOM   1001 N N     . PRO A 1 123 ? -9.322  -7.610  8.794   1.00 11.05 ? 123  PRO A N     1 
ATOM   1002 C CA    . PRO A 1 123 ? -9.815  -8.150  10.063  1.00 11.46 ? 123  PRO A CA    1 
ATOM   1003 C C     . PRO A 1 123 ? -8.729  -8.569  11.019  1.00 14.05 ? 123  PRO A C     1 
ATOM   1004 O O     . PRO A 1 123 ? -7.677  -9.050  10.597  1.00 14.51 ? 123  PRO A O     1 
ATOM   1005 C CB    . PRO A 1 123 ? -10.637 -9.355  9.633   1.00 15.43 ? 123  PRO A CB    1 
ATOM   1006 C CG    . PRO A 1 123 ? -11.107 -8.929  8.253   1.00 14.61 ? 123  PRO A CG    1 
ATOM   1007 C CD    . PRO A 1 123 ? -9.886  -8.345  7.656   1.00 11.76 ? 123  PRO A CD    1 
ATOM   1008 N N     . MET A 1 124 ? -8.973  -8.329  12.305  1.00 12.10 ? 124  MET A N     1 
ATOM   1009 C CA    . MET A 1 124 ? -8.049  -8.779  13.336  1.00 11.34 ? 124  MET A CA    1 
ATOM   1010 C C     . MET A 1 124 ? -8.854  -9.192  14.587  1.00 19.99 ? 124  MET A C     1 
ATOM   1011 O O     . MET A 1 124 ? -9.996  -8.806  14.775  1.00 14.81 ? 124  MET A O     1 
ATOM   1012 C CB    . MET A 1 124 ? -7.057  -7.681  13.710  1.00 14.39 ? 124  MET A CB    1 
ATOM   1013 C CG    . MET A 1 124 ? -6.226  -7.248  12.518  1.00 15.53 ? 124  MET A CG    1 
ATOM   1014 S SD    . MET A 1 124 ? -4.961  -6.089  13.138  1.00 21.41 ? 124  MET A SD    1 
ATOM   1015 C CE    . MET A 1 124 ? -5.841  -4.770  13.669  1.00 21.45 ? 124  MET A CE    1 
ATOM   1016 N N     . THR A 1 125 ? -8.243  -10.008 15.412  1.00 16.79 ? 125  THR A N     1 
ATOM   1017 C CA    . THR A 1 125 ? -8.865  -10.458 16.654  1.00 17.18 ? 125  THR A CA    1 
ATOM   1018 C C     . THR A 1 125 ? -8.812  -9.354  17.725  1.00 12.63 ? 125  THR A C     1 
ATOM   1019 O O     . THR A 1 125 ? -8.157  -8.316  17.588  1.00 15.48 ? 125  THR A O     1 
ATOM   1020 C CB    . THR A 1 125 ? -8.136  -11.674 17.246  1.00 10.39 ? 125  THR A CB    1 
ATOM   1021 O OG1   . THR A 1 125 ? -6.768  -11.356 17.428  1.00 18.93 ? 125  THR A OG1   1 
ATOM   1022 C CG2   . THR A 1 125 ? -8.269  -12.916 16.353  1.00 23.01 ? 125  THR A CG2   1 
ATOM   1023 N N     . ALA A 1 126 ? -9.536  -9.596  18.831  1.00 17.82 ? 126  ALA A N     1 
ATOM   1024 C CA    . ALA A 1 126 ? -9.570  -8.657  19.949  1.00 18.23 ? 126  ALA A CA    1 
ATOM   1025 C C     . ALA A 1 126 ? -8.197  -8.264  20.503  1.00 16.19 ? 126  ALA A C     1 
ATOM   1026 O O     . ALA A 1 126 ? -7.307  -9.123  20.687  1.00 25.34 ? 126  ALA A O     1 
ATOM   1027 C CB    . ALA A 1 126 ? -10.401 -9.248  21.097  1.00 15.04 ? 126  ALA A CB    1 
ATOM   1028 N N     A ASN A 1 127 ? -8.027  -6.974  20.776  0.25 18.81 ? 127  ASN A N     1 
ATOM   1029 N N     B ASN A 1 127 ? -8.071  -6.970  20.779  0.50 12.86 ? 127  ASN A N     1 
ATOM   1030 C CA    A ASN A 1 127 ? -6.779  -6.443  21.320  0.25 21.82 ? 127  ASN A CA    1 
ATOM   1031 C CA    B ASN A 1 127 ? -6.863  -6.373  21.325  0.50 17.64 ? 127  ASN A CA    1 
ATOM   1032 C C     A ASN A 1 127 ? -5.532  -6.906  20.575  0.25 21.64 ? 127  ASN A C     1 
ATOM   1033 C C     B ASN A 1 127 ? -5.666  -6.370  20.388  0.50 17.43 ? 127  ASN A C     1 
ATOM   1034 O O     A ASN A 1 127 ? -4.592  -7.427  21.173  0.25 21.33 ? 127  ASN A O     1 
ATOM   1035 O O     B ASN A 1 127 ? -4.539  -6.244  20.823  0.50 23.51 ? 127  ASN A O     1 
ATOM   1036 C CB    A ASN A 1 127 ? -6.665  -6.798  22.799  0.25 28.50 ? 127  ASN A CB    1 
ATOM   1037 C CB    B ASN A 1 127 ? -6.543  -7.012  22.670  0.50 28.48 ? 127  ASN A CB    1 
ATOM   1038 C CG    A ASN A 1 127 ? -7.838  -6.280  23.603  0.25 20.63 ? 127  ASN A CG    1 
ATOM   1039 C CG    B ASN A 1 127 ? -7.581  -6.641  23.717  0.50 14.09 ? 127  ASN A CG    1 
ATOM   1040 O OD1   A ASN A 1 127 ? -8.161  -5.091  23.545  0.25 25.47 ? 127  ASN A OD1   1 
ATOM   1041 O OD1   B ASN A 1 127 ? -7.873  -5.461  23.886  0.50 24.92 ? 127  ASN A OD1   1 
ATOM   1042 N ND2   A ASN A 1 127 ? -8.488  -7.165  24.350  0.25 20.72 ? 127  ASN A ND2   1 
ATOM   1043 N ND2   B ASN A 1 127 ? -8.150  -7.629  24.390  0.50 23.78 ? 127  ASN A ND2   1 
ATOM   1044 N N     A SER A 1 128 ? -5.541  -6.709  19.260  0.25 22.51 ? 128  SER A N     1 
ATOM   1045 N N     B SER A 1 128 ? -5.935  -6.517  19.090  0.50 12.10 ? 128  SER A N     1 
ATOM   1046 C CA    A SER A 1 128 ? -4.417  -7.073  18.405  0.25 19.78 ? 128  SER A CA    1 
ATOM   1047 C CA    B SER A 1 128 ? -4.887  -6.439  18.058  0.50 17.63 ? 128  SER A CA    1 
ATOM   1048 C C     A SER A 1 128 ? -3.408  -5.932  18.400  0.25 30.39 ? 128  SER A C     1 
ATOM   1049 C C     B SER A 1 128 ? -4.855  -4.949  17.747  0.50 20.91 ? 128  SER A C     1 
ATOM   1050 O O     A SER A 1 128 ? -3.688  -4.838  18.897  0.25 33.44 ? 128  SER A O     1 
ATOM   1051 O O     B SER A 1 128 ? -5.898  -4.292  17.780  0.50 26.42 ? 128  SER A O     1 
ATOM   1052 C CB    A SER A 1 128 ? -4.896  -7.313  16.973  0.25 24.72 ? 128  SER A CB    1 
ATOM   1053 C CB    B SER A 1 128 ? -5.289  -7.150  16.775  0.50 12.53 ? 128  SER A CB    1 
ATOM   1054 O OG    A SER A 1 128 ? -5.761  -8.429  16.904  0.25 27.33 ? 128  SER A OG    1 
ATOM   1055 O OG    B SER A 1 128 ? -5.498  -8.527  17.013  0.50 15.04 ? 128  SER A OG    1 
ATOM   1056 N N     A ARG A 1 129 ? -2.237  -6.191  17.832  0.25 29.83 ? 129  ARG A N     1 
ATOM   1057 N N     B ARG A 1 129 ? -3.685  -4.407  17.435  0.50 13.95 ? 129  ARG A N     1 
ATOM   1058 C CA    A ARG A 1 129 ? -1.193  -5.188  17.751  0.25 33.08 ? 129  ARG A CA    1 
ATOM   1059 C CA    B ARG A 1 129 ? -3.626  -2.978  17.151  0.50 33.43 ? 129  ARG A CA    1 
ATOM   1060 C C     A ARG A 1 129 ? -1.104  -4.709  16.311  0.25 26.73 ? 129  ARG A C     1 
ATOM   1061 C C     B ARG A 1 129 ? -3.448  -2.688  15.666  0.50 25.93 ? 129  ARG A C     1 
ATOM   1062 O O     A ARG A 1 129 ? -1.554  -5.391  15.396  0.25 11.94 ? 129  ARG A O     1 
ATOM   1063 O O     B ARG A 1 129 ? -3.970  -1.706  15.143  0.50 23.11 ? 129  ARG A O     1 
ATOM   1064 C CB    A ARG A 1 129 ? 0.137   -5.783  18.210  0.25 36.38 ? 129  ARG A CB    1 
ATOM   1065 C CB    B ARG A 1 129 ? -2.483  -2.321  17.928  0.50 46.47 ? 129  ARG A CB    1 
ATOM   1066 C CG    A ARG A 1 129 ? 0.703   -5.122  19.450  0.25 42.93 ? 129  ARG A CG    1 
ATOM   1067 C CG    B ARG A 1 129 ? -1.108  -2.579  17.336  0.50 63.46 ? 129  ARG A CG    1 
ATOM   1068 C CD    A ARG A 1 129 ? 1.429   -3.832  19.104  0.25 45.13 ? 129  ARG A CD    1 
ATOM   1069 C CD    B ARG A 1 129 ? -0.188  -1.387  17.530  0.50 69.96 ? 129  ARG A CD    1 
ATOM   1070 N NE    A ARG A 1 129 ? 1.217   -2.790  20.106  0.25 49.69 ? 129  ARG A NE    1 
ATOM   1071 N NE    B ARG A 1 129 ? 0.701   -1.549  18.675  0.50 75.63 ? 129  ARG A NE    1 
ATOM   1072 C CZ    A ARG A 1 129 ? 1.392   -2.951  21.413  0.25 50.34 ? 129  ARG A CZ    1 
ATOM   1073 C CZ    B ARG A 1 129 ? 1.613   -0.656  19.041  0.50 76.85 ? 129  ARG A CZ    1 
ATOM   1074 N NH1   A ARG A 1 129 ? 1.788   -4.120  21.896  0.25 51.37 ? 129  ARG A NH1   1 
ATOM   1075 N NH1   B ARG A 1 129 ? 1.757   0.472   18.357  0.50 73.18 ? 129  ARG A NH1   1 
ATOM   1076 N NH2   A ARG A 1 129 ? 1.165   -1.940  22.239  0.25 47.44 ? 129  ARG A NH2   1 
ATOM   1077 N NH2   B ARG A 1 129 ? 2.390   -0.896  20.087  0.50 78.78 ? 129  ARG A NH2   1 
ATOM   1078 N N     A SER A 1 130 ? -0.533  -3.533  16.098  0.25 30.78 ? 130  SER A N     1 
ATOM   1079 N N     B SER A 1 130 ? -2.694  -3.540  14.989  0.50 24.97 ? 130  SER A N     1 
ATOM   1080 C CA    A SER A 1 130 ? -0.448  -3.018  14.745  0.25 37.20 ? 130  SER A CA    1 
ATOM   1081 C CA    B SER A 1 130 ? -2.429  -3.355  13.564  0.50 18.66 ? 130  SER A CA    1 
ATOM   1082 C C     A SER A 1 130 ? 0.252   -3.995  13.817  0.25 34.56 ? 130  SER A C     1 
ATOM   1083 C C     B SER A 1 130 ? -1.471  -4.462  13.161  0.50 12.68 ? 130  SER A C     1 
ATOM   1084 O O     A SER A 1 130 ? 1.432   -4.304  13.994  0.25 31.26 ? 130  SER A O     1 
ATOM   1085 O O     B SER A 1 130 ? -1.010  -5.240  14.003  0.50 16.80 ? 130  SER A O     1 
ATOM   1086 C CB    A SER A 1 130 ? 0.277   -1.678  14.721  0.25 40.37 ? 130  SER A CB    1 
ATOM   1087 C CB    B SER A 1 130 ? -1.725  -2.021  13.305  0.50 28.89 ? 130  SER A CB    1 
ATOM   1088 O OG    A SER A 1 130 ? 0.217   -1.123  13.421  0.25 40.16 ? 130  SER A OG    1 
ATOM   1089 O OG    B SER A 1 130 ? -2.614  -0.916  13.287  0.50 36.10 ? 130  SER A OG    1 
ATOM   1090 N N     A MET A 1 131 ? -0.498  -4.495  12.837  0.25 33.59 ? 131  MET A N     1 
ATOM   1091 N N     B MET A 1 131 ? -1.205  -4.572  11.870  0.50 13.39 ? 131  MET A N     1 
ATOM   1092 C CA    A MET A 1 131 ? 0.037   -5.425  11.853  0.25 29.44 ? 131  MET A CA    1 
ATOM   1093 C CA    B MET A 1 131 ? -0.224  -5.557  11.416  0.50 16.68 ? 131  MET A CA    1 
ATOM   1094 C C     A MET A 1 131 ? 1.175   -4.735  11.119  0.25 20.82 ? 131  MET A C     1 
ATOM   1095 C C     B MET A 1 131 ? 0.996   -4.838  10.774  0.50 15.49 ? 131  MET A C     1 
ATOM   1096 O O     A MET A 1 131 ? 1.163   -3.521  10.944  0.25 20.67 ? 131  MET A O     1 
ATOM   1097 O O     B MET A 1 131 ? 0.915   -3.660  10.442  0.50 18.69 ? 131  MET A O     1 
ATOM   1098 C CB    A MET A 1 131 ? -1.044  -5.835  10.859  0.25 23.29 ? 131  MET A CB    1 
ATOM   1099 C CB    B MET A 1 131 ? -0.877  -6.528  10.427  0.50 20.09 ? 131  MET A CB    1 
ATOM   1100 C CG    A MET A 1 131 ? -0.499  -6.312  9.529   0.25 28.83 ? 131  MET A CG    1 
ATOM   1101 C CG    B MET A 1 131 ? -1.891  -5.919  9.492   0.50 13.68 ? 131  MET A CG    1 
ATOM   1102 S SD    A MET A 1 131 ? -1.742  -7.035  8.471   0.25 38.11 ? 131  MET A SD    1 
ATOM   1103 S SD    B MET A 1 131 ? -3.026  -6.984  8.532   0.50 27.31 ? 131  MET A SD    1 
ATOM   1104 C CE    A MET A 1 131 ? -1.302  -8.754  8.581   0.25 17.84 ? 131  MET A CE    1 
ATOM   1105 C CE    B MET A 1 131 ? -1.816  -8.165  7.872   0.50 18.33 ? 131  MET A CE    1 
ATOM   1106 N N     . ASN A 1 132 ? 2.132   -5.526  10.656  1.00 17.73 ? 132  ASN A N     1 
ATOM   1107 C CA    . ASN A 1 132 ? 3.307   -4.987  9.991   1.00 14.16 ? 132  ASN A CA    1 
ATOM   1108 C C     . ASN A 1 132 ? 2.919   -4.426  8.626   1.00 23.33 ? 132  ASN A C     1 
ATOM   1109 O O     . ASN A 1 132 ? 2.123   -5.046  7.908   1.00 18.30 ? 132  ASN A O     1 
ATOM   1110 C CB    . ASN A 1 132 ? 4.378   -6.081  9.825   1.00 27.04 ? 132  ASN A CB    1 
ATOM   1111 C CG    . ASN A 1 132 ? 5.468   -5.681  8.860   1.00 28.99 ? 132  ASN A CG    1 
ATOM   1112 O OD1   . ASN A 1 132 ? 5.402   -6.006  7.664   1.00 20.99 ? 132  ASN A OD1   1 
ATOM   1113 N ND2   . ASN A 1 132 ? 6.477   -4.949  9.354   1.00 28.80 ? 132  ASN A ND2   1 
ATOM   1114 N N     . LEU A 1 133 ? 3.469   -3.271  8.261   1.00 18.39 ? 133  LEU A N     1 
ATOM   1115 C CA    . LEU A 1 133 ? 3.098   -2.642  6.988   1.00 18.11 ? 133  LEU A CA    1 
ATOM   1116 C C     . LEU A 1 133 ? 3.291   -3.511  5.759   1.00 14.93 ? 133  LEU A C     1 
ATOM   1117 O O     . LEU A 1 133 ? 2.373   -3.610  4.937   1.00 12.72 ? 133  LEU A O     1 
ATOM   1118 C CB    . LEU A 1 133 ? 3.851   -1.315  6.750   1.00 11.20 ? 133  LEU A CB    1 
ATOM   1119 C CG    . LEU A 1 133 ? 3.697   -0.634  5.371   1.00 11.01 ? 133  LEU A CG    1 
ATOM   1120 C CD1   . LEU A 1 133 ? 2.277   -0.117  5.165   1.00 12.82 ? 133  LEU A CD1   1 
ATOM   1121 C CD2   . LEU A 1 133 ? 4.648   0.569   5.232   1.00 15.21 ? 133  LEU A CD2   1 
ATOM   1122 N N     . SER A 1 134 ? 4.457   -4.128  5.616   1.00 14.24 ? 134  SER A N     1 
ATOM   1123 C CA    . SER A 1 134 ? 4.677   -4.946  4.413   1.00 11.30 ? 134  SER A CA    1 
ATOM   1124 C C     . SER A 1 134 ? 3.709   -6.112  4.420   1.00 13.42 ? 134  SER A C     1 
ATOM   1125 O O     . SER A 1 134 ? 3.205   -6.496  3.371   1.00 12.33 ? 134  SER A O     1 
ATOM   1126 C CB    . SER A 1 134 ? 6.122   -5.433  4.316   1.00 14.59 ? 134  SER A CB    1 
ATOM   1127 O OG    . SER A 1 134 ? 6.428   -6.444  5.263   1.00 24.47 ? 134  SER A OG    1 
ATOM   1128 N N     . ASN A 1 135 ? 3.463   -6.724  5.580   1.00 13.72 ? 135  ASN A N     1 
ATOM   1129 C CA    . ASN A 1 135 ? 2.450   -7.790  5.573   1.00 13.02 ? 135  ASN A CA    1 
ATOM   1130 C C     . ASN A 1 135 ? 1.016   -7.260  5.163   1.00 8.75  ? 135  ASN A C     1 
ATOM   1131 O O     . ASN A 1 135 ? 0.253   -7.944  4.469   1.00 9.11  ? 135  ASN A O     1 
ATOM   1132 C CB    . ASN A 1 135 ? 2.342   -8.434  6.953   1.00 15.34 ? 135  ASN A CB    1 
ATOM   1133 C CG    . ASN A 1 135 ? 3.539   -9.273  7.310   1.00 19.18 ? 135  ASN A CG    1 
ATOM   1134 O OD1   . ASN A 1 135 ? 4.366   -9.604  6.467   1.00 19.83 ? 135  ASN A OD1   1 
ATOM   1135 N ND2   . ASN A 1 135 ? 3.638   -9.633  8.572   1.00 17.50 ? 135  ASN A ND2   1 
ATOM   1136 N N     . SER A 1 136 ? 0.640   -6.068  5.622   1.00 11.48 ? 136  SER A N     1 
ATOM   1137 C CA    . SER A 1 136 ? -0.667  -5.499  5.266   1.00 10.25 ? 136  SER A CA    1 
ATOM   1138 C C     . SER A 1 136 ? -0.782  -5.304  3.780   1.00 10.09 ? 136  SER A C     1 
ATOM   1139 O O     . SER A 1 136 ? -1.859  -5.522  3.177   1.00 9.72  ? 136  SER A O     1 
ATOM   1140 C CB    . SER A 1 136 ? -0.863  -4.112  5.907   1.00 14.34 ? 136  SER A CB    1 
ATOM   1141 O OG    . SER A 1 136 ? -0.789  -4.246  7.316   1.00 32.38 ? 136  SER A OG    1 
ATOM   1142 N N     . VAL A 1 137 ? 0.323   -4.845  3.192   1.00 7.79  ? 137  VAL A N     1 
ATOM   1143 C CA    . VAL A 1 137 ? 0.306   -4.595  1.751   1.00 9.21  ? 137  VAL A CA    1 
ATOM   1144 C C     . VAL A 1 137 ? 0.223   -5.916  1.004   1.00 7.58  ? 137  VAL A C     1 
ATOM   1145 O O     . VAL A 1 137 ? -0.532  -6.044  0.042   1.00 13.05 ? 137  VAL A O     1 
ATOM   1146 C CB    . VAL A 1 137 ? 1.577   -3.786  1.272   1.00 10.92 ? 137  VAL A CB    1 
ATOM   1147 C CG1   . VAL A 1 137 ? 1.534   -3.614  -0.281  1.00 11.69 ? 137  VAL A CG1   1 
ATOM   1148 C CG2   . VAL A 1 137 ? 1.613   -2.375  1.926   1.00 12.20 ? 137  VAL A CG2   1 
ATOM   1149 N N     . ALA A 1 138 ? 0.989   -6.916  1.444   1.00 9.76  ? 138  ALA A N     1 
ATOM   1150 C CA    . ALA A 1 138 ? 0.953   -8.230  0.781   1.00 11.46 ? 138  ALA A CA    1 
ATOM   1151 C C     . ALA A 1 138 ? -0.467  -8.818  0.818   1.00 12.44 ? 138  ALA A C     1 
ATOM   1152 O O     . ALA A 1 138 ? -0.973  -9.294  -0.203  1.00 9.57  ? 138  ALA A O     1 
ATOM   1153 C CB    . ALA A 1 138 ? 1.961   -9.221  1.475   1.00 12.21 ? 138  ALA A CB    1 
ATOM   1154 N N     . VAL A 1 139 ? -1.096  -8.772  1.989   1.00 8.33  ? 139  VAL A N     1 
ATOM   1155 C CA    . VAL A 1 139 ? -2.432  -9.337  2.121   1.00 9.74  ? 139  VAL A CA    1 
ATOM   1156 C C     . VAL A 1 139 ? -3.426  -8.619  1.209   1.00 11.14 ? 139  VAL A C     1 
ATOM   1157 O O     . VAL A 1 139 ? -4.266  -9.260  0.567   1.00 9.61  ? 139  VAL A O     1 
ATOM   1158 C CB    . VAL A 1 139 ? -2.906  -9.249  3.610   1.00 9.46  ? 139  VAL A CB    1 
ATOM   1159 C CG1   . VAL A 1 139 ? -4.417  -9.572  3.730   1.00 14.37 ? 139  VAL A CG1   1 
ATOM   1160 C CG2   . VAL A 1 139 ? -2.132  -10.322 4.438   1.00 12.40 ? 139  VAL A CG2   1 
ATOM   1161 N N     . THR A 1 140 ? -3.321  -7.293  1.137   1.00 11.78 ? 140  THR A N     1 
ATOM   1162 C CA    . THR A 1 140 ? -4.245  -6.520  0.316   1.00 12.80 ? 140  THR A CA    1 
ATOM   1163 C C     . THR A 1 140 ? -4.049  -6.764  -1.187  1.00 11.68 ? 140  THR A C     1 
ATOM   1164 O O     . THR A 1 140 ? -4.999  -6.971  -1.951  1.00 13.80 ? 140  THR A O     1 
ATOM   1165 C CB    . THR A 1 140 ? -4.058  -5.028  0.629   1.00 9.51  ? 140  THR A CB    1 
ATOM   1166 O OG1   . THR A 1 140 ? -4.280  -4.804  2.036   1.00 12.43 ? 140  THR A OG1   1 
ATOM   1167 C CG2   . THR A 1 140 ? -5.126  -4.205  -0.155  1.00 13.59 ? 140  THR A CG2   1 
ATOM   1168 N N     . VAL A 1 141 ? -2.799  -6.660  -1.618  1.00 9.56  ? 141  VAL A N     1 
ATOM   1169 C CA    . VAL A 1 141 ? -2.426  -6.890  -3.013  1.00 9.49  ? 141  VAL A CA    1 
ATOM   1170 C C     . VAL A 1 141 ? -2.872  -8.299  -3.446  1.00 13.78 ? 141  VAL A C     1 
ATOM   1171 O O     . VAL A 1 141 ? -3.492  -8.448  -4.492  1.00 12.45 ? 141  VAL A O     1 
ATOM   1172 C CB    . VAL A 1 141 ? -0.917  -6.791  -3.208  1.00 12.44 ? 141  VAL A CB    1 
ATOM   1173 C CG1   . VAL A 1 141 ? -0.513  -7.323  -4.639  1.00 16.34 ? 141  VAL A CG1   1 
ATOM   1174 C CG2   . VAL A 1 141 ? -0.461  -5.345  -3.063  1.00 13.68 ? 141  VAL A CG2   1 
ATOM   1175 N N     . TYR A 1 142 ? -2.584  -9.332  -2.650  1.00 10.82 ? 142  TYR A N     1 
ATOM   1176 C CA    . TYR A 1 142 ? -2.994  -10.655 -3.073  1.00 14.72 ? 142  TYR A CA    1 
ATOM   1177 C C     . TYR A 1 142 ? -4.482  -10.883 -3.070  1.00 16.08 ? 142  TYR A C     1 
ATOM   1178 O O     . TYR A 1 142 ? -4.965  -11.689 -3.866  1.00 13.18 ? 142  TYR A O     1 
ATOM   1179 C CB    . TYR A 1 142 ? -2.259  -11.745 -2.292  1.00 10.97 ? 142  TYR A CB    1 
ATOM   1180 C CG    . TYR A 1 142 ? -0.983  -12.128 -2.999  1.00 9.80  ? 142  TYR A CG    1 
ATOM   1181 C CD1   . TYR A 1 142 ? -0.994  -13.051 -4.078  1.00 9.41  ? 142  TYR A CD1   1 
ATOM   1182 C CD2   . TYR A 1 142 ? 0.220   -11.525 -2.655  1.00 12.58 ? 142  TYR A CD2   1 
ATOM   1183 C CE1   . TYR A 1 142 ? 0.178   -13.358 -4.793  1.00 10.80 ? 142  TYR A CE1   1 
ATOM   1184 C CE2   . TYR A 1 142 ? 1.403   -11.805 -3.372  1.00 15.31 ? 142  TYR A CE2   1 
ATOM   1185 C CZ    . TYR A 1 142 ? 1.377   -12.722 -4.435  1.00 10.27 ? 142  TYR A CZ    1 
ATOM   1186 O OH    . TYR A 1 142 ? 2.588   -12.985 -5.079  1.00 11.28 ? 142  TYR A OH    1 
ATOM   1187 N N     . GLU A 1 143 ? -5.223  -10.169 -2.217  1.00 10.31 ? 143  GLU A N     1 
ATOM   1188 C CA    . GLU A 1 143 ? -6.678  -10.318 -2.190  1.00 11.64 ? 143  GLU A CA    1 
ATOM   1189 C C     . GLU A 1 143 ? -7.211  -9.650  -3.474  1.00 16.88 ? 143  GLU A C     1 
ATOM   1190 O O     . GLU A 1 143 ? -8.039  -10.213 -4.188  1.00 12.38 ? 143  GLU A O     1 
ATOM   1191 C CB    . GLU A 1 143 ? -7.271  -9.616  -0.983  1.00 10.50 ? 143  GLU A CB    1 
ATOM   1192 C CG    . GLU A 1 143 ? -8.798  -9.409  -1.096  1.00 13.39 ? 143  GLU A CG    1 
ATOM   1193 C CD    . GLU A 1 143 ? -9.624  -10.726 -1.355  1.00 24.33 ? 143  GLU A CD    1 
ATOM   1194 O OE1   . GLU A 1 143 ? -9.110  -11.880 -1.219  1.00 18.46 ? 143  GLU A OE1   1 
ATOM   1195 O OE2   . GLU A 1 143 ? -10.820 -10.588 -1.698  1.00 17.97 ? 143  GLU A OE2   1 
ATOM   1196 N N     . ALA A 1 144 ? -6.705  -8.457  -3.783  1.00 12.99 ? 144  ALA A N     1 
ATOM   1197 C CA    . ALA A 1 144 ? -7.139  -7.795  -5.031  1.00 13.32 ? 144  ALA A CA    1 
ATOM   1198 C C     . ALA A 1 144 ? -6.788  -8.642  -6.261  1.00 13.23 ? 144  ALA A C     1 
ATOM   1199 O O     . ALA A 1 144 ? -7.620  -8.818  -7.165  1.00 15.61 ? 144  ALA A O     1 
ATOM   1200 C CB    . ALA A 1 144 ? -6.466  -6.405  -5.137  1.00 13.56 ? 144  ALA A CB    1 
ATOM   1201 N N     . TRP A 1 145 ? -5.568  -9.168  -6.309  1.00 10.63 ? 145  TRP A N     1 
ATOM   1202 C CA    . TRP A 1 145 ? -5.137  -9.934  -7.461  1.00 10.36 ? 145  TRP A CA    1 
ATOM   1203 C C     . TRP A 1 145 ? -6.015  -11.202 -7.598  1.00 15.84 ? 145  TRP A C     1 
ATOM   1204 O O     . TRP A 1 145 ? -6.396  -11.614 -8.736  1.00 12.84 ? 145  TRP A O     1 
ATOM   1205 C CB    . TRP A 1 145 ? -3.646  -10.301 -7.304  1.00 11.18 ? 145  TRP A CB    1 
ATOM   1206 C CG    . TRP A 1 145 ? -2.931  -10.557 -8.592  1.00 10.98 ? 145  TRP A CG    1 
ATOM   1207 C CD1   . TRP A 1 145 ? -3.325  -10.139 -9.835  1.00 15.97 ? 145  TRP A CD1   1 
ATOM   1208 C CD2   . TRP A 1 145 ? -1.687  -11.231 -8.780  1.00 9.57  ? 145  TRP A CD2   1 
ATOM   1209 N NE1   . TRP A 1 145 ? -2.404  -10.515 -10.771 1.00 13.03 ? 145  TRP A NE1   1 
ATOM   1210 C CE2   . TRP A 1 145 ? -1.393  -11.189 -10.163 1.00 13.19 ? 145  TRP A CE2   1 
ATOM   1211 C CE3   . TRP A 1 145 ? -0.776  -11.873 -7.906  1.00 12.44 ? 145  TRP A CE3   1 
ATOM   1212 C CZ2   . TRP A 1 145 ? -0.239  -11.766 -10.708 1.00 11.03 ? 145  TRP A CZ2   1 
ATOM   1213 C CZ3   . TRP A 1 145 ? 0.353   -12.428 -8.427  1.00 12.48 ? 145  TRP A CZ3   1 
ATOM   1214 C CH2   . TRP A 1 145 ? 0.627   -12.378 -9.840  1.00 11.29 ? 145  TRP A CH2   1 
ATOM   1215 N N     . ARG A 1 146 ? -6.347  -11.812 -6.465  1.00 14.61 ? 146  ARG A N     1 
ATOM   1216 C CA    . ARG A 1 146 ? -7.201  -13.022 -6.473  1.00 11.93 ? 146  ARG A CA    1 
ATOM   1217 C C     . ARG A 1 146 ? -8.515  -12.626 -7.118  1.00 14.46 ? 146  ARG A C     1 
ATOM   1218 O O     . ARG A 1 146 ? -9.020  -13.327 -8.025  1.00 11.81 ? 146  ARG A O     1 
ATOM   1219 C CB    . ARG A 1 146 ? -7.500  -13.499 -5.036  1.00 13.12 ? 146  ARG A CB    1 
ATOM   1220 C CG    . ARG A 1 146 ? -8.473  -14.719 -5.003  1.00 15.37 ? 146  ARG A CG    1 
ATOM   1221 C CD    . ARG A 1 146 ? -8.912  -15.052 -3.580  1.00 17.33 ? 146  ARG A CD    1 
ATOM   1222 N NE    . ARG A 1 146 ? -9.820  -14.032 -3.045  1.00 14.94 ? 146  ARG A NE    1 
ATOM   1223 C CZ    . ARG A 1 146 ? -11.130 -13.977 -3.289  1.00 20.71 ? 146  ARG A CZ    1 
ATOM   1224 N NH1   . ARG A 1 146 ? -11.707 -14.909 -4.048  1.00 22.31 ? 146  ARG A NH1   1 
ATOM   1225 N NH2   . ARG A 1 146 ? -11.863 -12.967 -2.804  1.00 19.12 ? 146  ARG A NH2   1 
ATOM   1226 N N     . GLN A 1 147 ? -9.091  -11.512 -6.683  1.00 12.84 ? 147  GLN A N     1 
ATOM   1227 C CA    . GLN A 1 147 ? -10.392 -11.104 -7.281  1.00 15.54 ? 147  GLN A CA    1 
ATOM   1228 C C     . GLN A 1 147 ? -10.293 -10.846 -8.777  1.00 15.35 ? 147  GLN A C     1 
ATOM   1229 O O     . GLN A 1 147 ? -11.247 -11.095 -9.531  1.00 18.12 ? 147  GLN A O     1 
ATOM   1230 C CB    . GLN A 1 147 ? -10.952 -9.830  -6.619  1.00 13.06 ? 147  GLN A CB    1 
ATOM   1231 C CG    . GLN A 1 147 ? -11.314 -9.978  -5.137  1.00 14.32 ? 147  GLN A CG    1 
ATOM   1232 C CD    . GLN A 1 147 ? -11.943 -8.683  -4.587  1.00 20.61 ? 147  GLN A CD    1 
ATOM   1233 O OE1   . GLN A 1 147 ? -12.398 -7.836  -5.357  1.00 20.12 ? 147  GLN A OE1   1 
ATOM   1234 N NE2   . GLN A 1 147 ? -11.993 -8.546  -3.264  1.00 19.79 ? 147  GLN A NE2   1 
ATOM   1235 N N     . LEU A 1 148 ? -9.147  -10.352 -9.208  1.00 15.70 ? 148  LEU A N     1 
ATOM   1236 C CA    . LEU A 1 148 ? -8.961  -10.021 -10.597 1.00 17.86 ? 148  LEU A CA    1 
ATOM   1237 C C     . LEU A 1 148 ? -8.403  -11.198 -11.411 1.00 15.40 ? 148  LEU A C     1 
ATOM   1238 O O     . LEU A 1 148 ? -7.970  -11.016 -12.539 1.00 20.73 ? 148  LEU A O     1 
ATOM   1239 C CB    . LEU A 1 148 ? -8.070  -8.788  -10.716 1.00 16.84 ? 148  LEU A CB    1 
ATOM   1240 C CG    . LEU A 1 148 ? -8.735  -7.562  -10.069 1.00 21.30 ? 148  LEU A CG    1 
ATOM   1241 C CD1   . LEU A 1 148 ? -7.683  -6.450  -9.908  1.00 21.43 ? 148  LEU A CD1   1 
ATOM   1242 C CD2   . LEU A 1 148 ? -9.899  -7.091  -10.932 1.00 24.99 ? 148  LEU A CD2   1 
ATOM   1243 N N     . GLY A 1 149 ? -8.408  -12.387 -10.816 1.00 21.45 ? 149  GLY A N     1 
ATOM   1244 C CA    . GLY A 1 149 ? -7.953  -13.586 -11.548 1.00 18.70 ? 149  GLY A CA    1 
ATOM   1245 C C     . GLY A 1 149 ? -6.471  -13.802 -11.762 1.00 19.31 ? 149  GLY A C     1 
ATOM   1246 O O     . GLY A 1 149 ? -6.071  -14.555 -12.665 1.00 18.45 ? 149  GLY A O     1 
ATOM   1247 N N     . TYR A 1 150 ? -5.635  -13.117 -10.973 1.00 14.87 ? 150  TYR A N     1 
ATOM   1248 C CA    . TYR A 1 150 ? -4.211  -13.304 -11.058 1.00 13.90 ? 150  TYR A CA    1 
ATOM   1249 C C     . TYR A 1 150 ? -3.636  -13.094 -12.470 1.00 14.79 ? 150  TYR A C     1 
ATOM   1250 O O     . TYR A 1 150 ? -2.708  -13.809 -12.902 1.00 15.01 ? 150  TYR A O     1 
ATOM   1251 C CB    . TYR A 1 150 ? -3.859  -14.726 -10.539 1.00 14.67 ? 150  TYR A CB    1 
ATOM   1252 C CG    . TYR A 1 150 ? -4.205  -14.988 -9.076  1.00 9.96  ? 150  TYR A CG    1 
ATOM   1253 C CD1   . TYR A 1 150 ? -5.030  -16.062 -8.718  1.00 15.38 ? 150  TYR A CD1   1 
ATOM   1254 C CD2   . TYR A 1 150 ? -3.646  -14.213 -8.040  1.00 11.34 ? 150  TYR A CD2   1 
ATOM   1255 C CE1   . TYR A 1 150 ? -5.298  -16.372 -7.398  1.00 18.27 ? 150  TYR A CE1   1 
ATOM   1256 C CE2   . TYR A 1 150 ? -3.911  -14.523 -6.690  1.00 12.23 ? 150  TYR A CE2   1 
ATOM   1257 C CZ    . TYR A 1 150 ? -4.731  -15.594 -6.387  1.00 15.67 ? 150  TYR A CZ    1 
ATOM   1258 O OH    . TYR A 1 150 ? -5.027  -15.915 -5.122  1.00 14.17 ? 150  TYR A OH    1 
ATOM   1259 N N     . LYS A 1 151 ? -4.175  -12.103 -13.180 1.00 15.71 ? 151  LYS A N     1 
ATOM   1260 C CA    . LYS A 1 151 ? -3.679  -11.841 -14.531 1.00 20.42 ? 151  LYS A CA    1 
ATOM   1261 C C     . LYS A 1 151 ? -2.185  -11.561 -14.485 1.00 20.72 ? 151  LYS A C     1 
ATOM   1262 O O     . LYS A 1 151 ? -1.717  -10.785 -13.644 1.00 18.56 ? 151  LYS A O     1 
ATOM   1263 C CB    . LYS A 1 151 ? -4.400  -10.629 -15.131 1.00 20.93 ? 151  LYS A CB    1 
ATOM   1264 C CG    . LYS A 1 151 ? -5.905  -10.794 -15.207 1.00 33.26 ? 151  LYS A CG    1 
ATOM   1265 C CD    . LYS A 1 151 ? -6.306  -12.057 -15.959 1.00 31.52 ? 151  LYS A CD    1 
ATOM   1266 C CE    . LYS A 1 151 ? -7.833  -12.121 -16.119 1.00 35.84 ? 151  LYS A CE    1 
ATOM   1267 N NZ    . LYS A 1 151 ? -8.224  -13.401 -16.762 1.00 39.83 ? 151  LYS A NZ    1 
ATOM   1268 N N     . GLY A 1 152 ? -1.434  -12.212 -15.365 1.00 20.72 ? 152  GLY A N     1 
ATOM   1269 C CA    . GLY A 1 152 ? 0.004   -11.996 -15.391 1.00 20.72 ? 152  GLY A CA    1 
ATOM   1270 C C     . GLY A 1 152 ? 0.823   -13.033 -14.653 1.00 19.48 ? 152  GLY A C     1 
ATOM   1271 O O     . GLY A 1 152 ? 2.046   -13.089 -14.806 1.00 22.00 ? 152  GLY A O     1 
ATOM   1272 N N     . ALA A 1 153 ? 0.186   -13.863 -13.838 1.00 14.65 ? 153  ALA A N     1 
ATOM   1273 C CA    . ALA A 1 153 ? 0.963   -14.880 -13.132 1.00 12.84 ? 153  ALA A CA    1 
ATOM   1274 C C     . ALA A 1 153 ? 1.437   -15.969 -14.052 1.00 17.52 ? 153  ALA A C     1 
ATOM   1275 O O     . ALA A 1 153 ? 0.770   -16.304 -15.048 1.00 19.31 ? 153  ALA A O     1 
ATOM   1276 C CB    . ALA A 1 153 ? 0.159   -15.495 -12.019 1.00 14.96 ? 153  ALA A CB    1 
ATOM   1277 N N     . VAL A 1 154 ? 2.581   -16.539 -13.727 1.00 16.52 ? 154  VAL A N     1 
ATOM   1278 C CA    . VAL A 1 154 ? 3.069   -17.651 -14.538 1.00 21.06 ? 154  VAL A CA    1 
ATOM   1279 C C     . VAL A 1 154 ? 3.589   -18.732 -13.640 1.00 22.71 ? 154  VAL A C     1 
ATOM   1280 O O     . VAL A 1 154 ? 4.113   -18.454 -12.542 1.00 19.81 ? 154  VAL A O     1 
ATOM   1281 C CB    . VAL A 1 154 ? 4.186   -17.226 -15.530 1.00 31.44 ? 154  VAL A CB    1 
ATOM   1282 C CG1   . VAL A 1 154 ? 3.778   -15.915 -16.235 1.00 42.84 ? 154  VAL A CG1   1 
ATOM   1283 C CG2   . VAL A 1 154 ? 5.503   -17.095 -14.825 1.00 35.56 ? 154  VAL A CG2   1 
ATOM   1284 N N     . ASN A 1 155 ? 3.432   -19.978 -14.087 1.00 23.06 ? 155  ASN A N     1 
ATOM   1285 C CA    . ASN A 1 155 ? 3.903   -21.131 -13.328 1.00 27.69 ? 155  ASN A CA    1 
ATOM   1286 C C     . ASN A 1 155 ? 5.419   -21.159 -13.503 1.00 38.82 ? 155  ASN A C     1 
ATOM   1287 O O     . ASN A 1 155 ? 5.920   -20.811 -14.569 1.00 37.38 ? 155  ASN A O     1 
ATOM   1288 C CB    . ASN A 1 155 ? 3.263   -22.399 -13.903 1.00 31.68 ? 155  ASN A CB    1 
ATOM   1289 C CG    . ASN A 1 155 ? 1.751   -22.403 -13.746 1.00 40.26 ? 155  ASN A CG    1 
ATOM   1290 O OD1   . ASN A 1 155 ? 1.244   -22.529 -12.638 1.00 49.49 ? 155  ASN A OD1   1 
ATOM   1291 N ND2   . ASN A 1 155 ? 1.030   -22.242 -14.851 1.00 41.05 ? 155  ASN A ND2   1 
ATOM   1292 N N     . LEU A 1 156 ? 6.150   -21.573 -12.473 1.00 35.72 ? 156  LEU A N     1 
ATOM   1293 C CA    . LEU A 1 156 ? 7.613   -21.593 -12.545 1.00 48.71 ? 156  LEU A CA    1 
ATOM   1294 C C     . LEU A 1 156 ? 8.249   -22.817 -13.227 1.00 54.01 ? 156  LEU A C     1 
ATOM   1295 O O     . LEU A 1 156 ? 7.512   -23.754 -13.613 1.00 46.95 ? 156  LEU A O     1 
ATOM   1296 C CB    . LEU A 1 156 ? 8.193   -21.430 -11.136 1.00 45.72 ? 156  LEU A CB    1 
ATOM   1297 C CG    . LEU A 1 156 ? 8.093   -20.034 -10.500 1.00 47.41 ? 156  LEU A CG    1 
ATOM   1298 C CD1   . LEU A 1 156 ? 6.675   -19.478 -10.593 1.00 51.55 ? 156  LEU A CD1   1 
ATOM   1299 C CD2   . LEU A 1 156 ? 8.537   -20.125 -9.038  1.00 55.78 ? 156  LEU A CD2   1 
HETATM 1300 I I     . IOD B 2 .   ? 0.729   -9.038  11.116  1.00 30.27 ? 2001 IOD A I     1 
HETATM 1301 N N     . SAH C 3 .   ? -1.970  3.372   12.342  1.00 75.20 ? 302  SAH A N     1 
HETATM 1302 C CA    . SAH C 3 .   ? -1.495  2.177   13.054  1.00 68.96 ? 302  SAH A CA    1 
HETATM 1303 C CB    . SAH C 3 .   ? -0.004  1.895   12.751  1.00 58.62 ? 302  SAH A CB    1 
HETATM 1304 C CG    . SAH C 3 .   ? 0.310   1.788   11.237  1.00 42.96 ? 302  SAH A CG    1 
HETATM 1305 S SD    . SAH C 3 .   ? 0.518   0.178   10.431  1.00 23.10 ? 302  SAH A SD    1 
HETATM 1306 C C     . SAH C 3 .   ? -1.713  2.314   14.584  1.00 75.65 ? 302  SAH A C     1 
HETATM 1307 O O     . SAH C 3 .   ? -2.233  3.390   14.994  1.00 69.69 ? 302  SAH A O     1 
HETATM 1308 O OXT   . SAH C 3 .   ? -1.361  1.373   15.352  1.00 72.95 ? 302  SAH A OXT   1 
HETATM 1309 C "C5'" . SAH C 3 .   ? 0.884   0.843   8.771   1.00 15.48 ? 302  SAH A "C5'" 1 
HETATM 1310 C "C4'" . SAH C 3 .   ? -0.260  0.726   7.811   1.00 22.21 ? 302  SAH A "C4'" 1 
HETATM 1311 O "O4'" . SAH C 3 .   ? -0.508  -0.671  7.669   1.00 18.12 ? 302  SAH A "O4'" 1 
HETATM 1312 C "C3'" . SAH C 3 .   ? -1.608  1.338   8.299   1.00 19.93 ? 302  SAH A "C3'" 1 
HETATM 1313 O "O3'" . SAH C 3 .   ? -1.536  2.817   8.181   1.00 19.87 ? 302  SAH A "O3'" 1 
HETATM 1314 C "C2'" . SAH C 3 .   ? -2.489  0.684   7.236   1.00 15.53 ? 302  SAH A "C2'" 1 
HETATM 1315 O "O2'" . SAH C 3 .   ? -2.452  1.296   5.934   1.00 15.16 ? 302  SAH A "O2'" 1 
HETATM 1316 C "C1'" . SAH C 3 .   ? -1.925  -0.750  7.313   1.00 15.47 ? 302  SAH A "C1'" 1 
HETATM 1317 N N9    . SAH C 3 .   ? -2.549  -1.661  8.267   1.00 18.79 ? 302  SAH A N9    1 
HETATM 1318 C C8    . SAH C 3 .   ? -1.969  -2.347  9.371   1.00 17.36 ? 302  SAH A C8    1 
HETATM 1319 N N7    . SAH C 3 .   ? -2.889  -3.114  9.955   1.00 26.44 ? 302  SAH A N7    1 
HETATM 1320 C C5    . SAH C 3 .   ? -4.084  -2.940  9.235   1.00 19.46 ? 302  SAH A C5    1 
HETATM 1321 C C6    . SAH C 3 .   ? -5.435  -3.471  9.317   1.00 19.49 ? 302  SAH A C6    1 
HETATM 1322 N N6    . SAH C 3 .   ? -5.816  -4.376  10.246  1.00 19.12 ? 302  SAH A N6    1 
HETATM 1323 N N1    . SAH C 3 .   ? -6.389  -3.054  8.418   1.00 22.16 ? 302  SAH A N1    1 
HETATM 1324 C C2    . SAH C 3 .   ? -6.038  -2.175  7.501   1.00 21.85 ? 302  SAH A C2    1 
HETATM 1325 N N3    . SAH C 3 .   ? -4.865  -1.627  7.296   1.00 23.00 ? 302  SAH A N3    1 
HETATM 1326 C C4    . SAH C 3 .   ? -3.898  -2.036  8.200   1.00 23.46 ? 302  SAH A C4    1 
HETATM 1327 O O     . HOH D 4 .   ? -4.310  2.000   10.749  1.00 15.45 ? 1001 HOH A O     1 
HETATM 1328 O O     . HOH D 4 .   ? -4.114  3.844   7.972   1.00 16.37 ? 1002 HOH A O     1 
HETATM 1329 O O     . HOH D 4 .   ? -5.556  -0.626  -12.695 1.00 18.31 ? 1003 HOH A O     1 
HETATM 1330 O O     . HOH D 4 .   ? -5.030  1.024   -10.861 1.00 17.94 ? 1004 HOH A O     1 
HETATM 1331 O O     . HOH D 4 .   ? -13.168 7.286   9.389   1.00 27.84 ? 1005 HOH A O     1 
HETATM 1332 O O     . HOH D 4 .   ? 3.347   4.144   4.218   1.00 13.79 ? 1006 HOH A O     1 
HETATM 1333 O O     . HOH D 4 .   ? 2.889   -18.377 -10.089 1.00 23.65 ? 1007 HOH A O     1 
HETATM 1334 O O     . HOH D 4 .   ? 4.382   -12.428 -15.733 1.00 23.61 ? 1008 HOH A O     1 
HETATM 1335 O O     . HOH D 4 .   ? -11.635 1.970   -10.326 1.00 23.99 ? 1009 HOH A O     1 
HETATM 1336 O O     . HOH D 4 .   ? -3.566  -16.406 -13.736 1.00 23.80 ? 1010 HOH A O     1 
HETATM 1337 O O     . HOH D 4 .   ? -14.768 -11.765 2.649   1.00 19.67 ? 1011 HOH A O     1 
HETATM 1338 O O     . HOH D 4 .   ? 8.397   1.552   4.747   1.00 23.96 ? 1012 HOH A O     1 
HETATM 1339 O O     . HOH D 4 .   ? 15.161  -1.230  7.801   1.00 33.70 ? 1013 HOH A O     1 
HETATM 1340 O O     . HOH D 4 .   ? -16.940 -2.711  -3.667  1.00 28.38 ? 1014 HOH A O     1 
HETATM 1341 O O     . HOH D 4 .   ? 0.281   -8.900  -12.846 1.00 21.58 ? 1015 HOH A O     1 
HETATM 1342 O O     . HOH D 4 .   ? 3.095   13.795  -8.496  1.00 27.18 ? 1016 HOH A O     1 
HETATM 1343 O O     . HOH D 4 .   ? -15.561 2.631   6.714   1.00 23.83 ? 1017 HOH A O     1 
HETATM 1344 O O     . HOH D 4 .   ? 5.074   -12.052 -3.829  1.00 28.21 ? 1018 HOH A O     1 
HETATM 1345 O O     . HOH D 4 .   ? -19.571 4.814   1.261   1.00 33.21 ? 1019 HOH A O     1 
HETATM 1346 O O     . HOH D 4 .   ? 1.128   15.333  1.719   1.00 36.07 ? 1020 HOH A O     1 
HETATM 1347 O O     . HOH D 4 .   ? -17.280 -5.539  7.635   1.00 25.00 ? 1021 HOH A O     1 
HETATM 1348 O O     . HOH D 4 .   ? 4.788   -1.656  10.322  1.00 31.62 ? 1022 HOH A O     1 
HETATM 1349 O O     . HOH D 4 .   ? -10.833 -17.514 -5.094  1.00 25.85 ? 1023 HOH A O     1 
HETATM 1350 O O     . HOH D 4 .   ? -1.013  17.607  -0.090  1.00 30.52 ? 1024 HOH A O     1 
HETATM 1351 O O     . HOH D 4 .   ? 5.229   -4.138  -11.075 1.00 34.43 ? 1025 HOH A O     1 
HETATM 1352 O O     . HOH D 4 .   ? -8.863  -15.996 -8.635  1.00 22.14 ? 1026 HOH A O     1 
HETATM 1353 O O     . HOH D 4 .   ? 3.514   -0.546  12.612  1.00 28.78 ? 1027 HOH A O     1 
HETATM 1354 O O     . HOH D 4 .   ? 4.734   13.711  8.712   1.00 28.58 ? 1028 HOH A O     1 
HETATM 1355 O O     . HOH D 4 .   ? -4.981  14.763  10.605  1.00 34.03 ? 1029 HOH A O     1 
HETATM 1356 O O     . HOH D 4 .   ? -4.907  -10.092 19.260  1.00 39.97 ? 1030 HOH A O     1 
HETATM 1357 O O     . HOH D 4 .   ? -7.439  5.285   -12.142 1.00 26.07 ? 1031 HOH A O     1 
HETATM 1358 O O     . HOH D 4 .   ? -9.093  -4.287  11.967  1.00 37.13 ? 1032 HOH A O     1 
HETATM 1359 O O     . HOH D 4 .   ? -17.246 2.410   -6.423  1.00 37.94 ? 1033 HOH A O     1 
HETATM 1360 O O     . HOH D 4 .   ? 6.324   -6.673  -12.313 1.00 36.14 ? 1034 HOH A O     1 
HETATM 1361 O O     . HOH D 4 .   ? -6.867  -11.924 2.201   1.00 27.32 ? 1035 HOH A O     1 
HETATM 1362 O O     . HOH D 4 .   ? -7.001  -15.406 -14.896 1.00 32.56 ? 1036 HOH A O     1 
HETATM 1363 O O     . HOH D 4 .   ? -2.694  -14.141 -17.085 1.00 30.90 ? 1037 HOH A O     1 
HETATM 1364 O O     . HOH D 4 .   ? 5.031   15.274  -7.229  1.00 28.84 ? 1038 HOH A O     1 
HETATM 1365 O O     . HOH D 4 .   ? 11.688  11.781  1.517   1.00 30.62 ? 1039 HOH A O     1 
HETATM 1366 O O     . HOH D 4 .   ? -16.170 0.171   -2.048  1.00 28.98 ? 1040 HOH A O     1 
HETATM 1367 O O     . HOH D 4 .   ? -13.539 -5.723  -11.246 1.00 30.93 ? 1041 HOH A O     1 
HETATM 1368 O O     . HOH D 4 .   ? -11.953 7.816   -4.803  1.00 28.81 ? 1042 HOH A O     1 
HETATM 1369 O O     . HOH D 4 .   ? 9.249   9.298   -9.527  1.00 38.54 ? 1043 HOH A O     1 
HETATM 1370 O O     . HOH D 4 .   ? -16.919 -9.354  -2.074  1.00 43.13 ? 1044 HOH A O     1 
HETATM 1371 O O     . HOH D 4 .   ? -5.134  6.944   -13.288 1.00 31.96 ? 1045 HOH A O     1 
HETATM 1372 O O     . HOH D 4 .   ? 7.667   9.937   6.639   1.00 32.56 ? 1046 HOH A O     1 
HETATM 1373 O O     . HOH D 4 .   ? -7.603  -11.907 21.010  1.00 34.63 ? 1047 HOH A O     1 
HETATM 1374 O O     . HOH D 4 .   ? -13.458 -7.757  -8.075  1.00 33.55 ? 1048 HOH A O     1 
HETATM 1375 O O     . HOH D 4 .   ? -11.537 -14.258 -12.003 1.00 46.00 ? 1049 HOH A O     1 
HETATM 1376 O O     . HOH D 4 .   ? -1.027  15.308  3.318   1.00 34.78 ? 1050 HOH A O     1 
HETATM 1377 O O     . HOH D 4 .   ? -17.207 3.540   -3.334  1.00 53.12 ? 1051 HOH A O     1 
HETATM 1378 O O     . HOH D 4 .   ? -5.480  6.771   11.094  1.00 53.23 ? 1052 HOH A O     1 
HETATM 1379 O O     . HOH D 4 .   ? 5.747   9.367   8.104   1.00 33.02 ? 1053 HOH A O     1 
HETATM 1380 O O     . HOH D 4 .   ? -4.705  12.330  12.180  1.00 43.03 ? 1054 HOH A O     1 
HETATM 1381 O O     . HOH D 4 .   ? -6.745  -13.850 -18.908 1.00 45.08 ? 1055 HOH A O     1 
HETATM 1382 O O     . HOH D 4 .   ? 2.015   10.886  -12.175 1.00 52.24 ? 1056 HOH A O     1 
HETATM 1383 O O     . HOH D 4 .   ? 1.116   14.174  7.032   1.00 39.37 ? 1057 HOH A O     1 
HETATM 1384 O O     . HOH D 4 .   ? -16.965 -2.045  -6.329  1.00 34.12 ? 1058 HOH A O     1 
HETATM 1385 O O     . HOH D 4 .   ? -3.617  -4.350  22.065  1.00 34.51 ? 1059 HOH A O     1 
HETATM 1386 O O     . HOH D 4 .   ? -12.654 -0.053  -14.234 1.00 31.73 ? 1060 HOH A O     1 
HETATM 1387 O O     . HOH D 4 .   ? -6.927  17.465  -4.150  1.00 45.25 ? 1061 HOH A O     1 
HETATM 1388 O O     . HOH D 4 .   ? -9.345  -5.849  16.916  1.00 35.22 ? 1062 HOH A O     1 
HETATM 1389 O O     . HOH D 4 .   ? -11.770 -4.500  -13.496 1.00 33.20 ? 1063 HOH A O     1 
HETATM 1390 O O     . HOH D 4 .   ? -15.212 -9.241  -3.926  1.00 43.00 ? 1064 HOH A O     1 
HETATM 1391 O O     . HOH D 4 .   ? 2.000   -20.291 -16.465 1.00 41.06 ? 1065 HOH A O     1 
HETATM 1392 O O     . HOH D 4 .   ? -12.711 -13.736 -9.647  1.00 45.21 ? 1066 HOH A O     1 
HETATM 1393 O O     . HOH D 4 .   ? 0.095   20.450  -6.454  1.00 50.43 ? 1067 HOH A O     1 
HETATM 1394 O O     . HOH D 4 .   ? 8.428   -2.941  -7.641  1.00 31.44 ? 1068 HOH A O     1 
HETATM 1395 O O     . HOH D 4 .   ? -14.071 4.381   8.430   1.00 32.97 ? 1069 HOH A O     1 
HETATM 1396 O O     . HOH D 4 .   ? -10.237 9.850   -12.790 1.00 46.15 ? 1070 HOH A O     1 
HETATM 1397 O O     . HOH D 4 .   ? 11.465  15.858  -3.170  1.00 44.26 ? 1071 HOH A O     1 
HETATM 1398 O O     . HOH D 4 .   ? -10.561 17.493  5.566   1.00 51.94 ? 1072 HOH A O     1 
HETATM 1399 O O     . HOH D 4 .   ? -19.572 8.004   3.197   1.00 35.25 ? 1073 HOH A O     1 
HETATM 1400 O O     . HOH D 4 .   ? -9.727  -4.825  19.816  1.00 39.57 ? 1074 HOH A O     1 
HETATM 1401 O O     . HOH D 4 .   ? 18.396  -10.911 -3.680  1.00 48.29 ? 1075 HOH A O     1 
HETATM 1402 O O     . HOH D 4 .   ? 11.456  6.194   -10.489 1.00 67.79 ? 1076 HOH A O     1 
HETATM 1403 O O     . HOH D 4 .   ? -1.452  -17.772 -14.780 1.00 42.98 ? 1077 HOH A O     1 
HETATM 1404 O O     . HOH D 4 .   ? 11.732  6.262   -8.095  1.00 43.78 ? 1078 HOH A O     1 
HETATM 1405 O O     . HOH D 4 .   ? 0.252   4.595   -12.217 1.00 32.94 ? 1079 HOH A O     1 
HETATM 1406 O O     . HOH D 4 .   ? 9.328   13.852  -5.528  1.00 49.35 ? 1080 HOH A O     1 
HETATM 1407 O O     . HOH D 4 .   ? -11.339 -6.942  -14.755 1.00 41.62 ? 1081 HOH A O     1 
HETATM 1408 O O     . HOH D 4 .   ? 4.133   3.598   -10.505 1.00 36.47 ? 1082 HOH A O     1 
HETATM 1409 O O     . HOH D 4 .   ? 9.250   6.526   -12.371 1.00 37.81 ? 1083 HOH A O     1 
HETATM 1410 O O     . HOH D 4 .   ? 5.726   16.152  8.155   1.00 31.29 ? 1084 HOH A O     1 
HETATM 1411 O O     . HOH D 4 .   ? 8.635   17.807  3.112   1.00 41.56 ? 1085 HOH A O     1 
HETATM 1412 O O     . HOH D 4 .   ? -14.361 2.237   -10.694 1.00 28.16 ? 1086 HOH A O     1 
HETATM 1413 O O     . HOH D 4 .   ? -7.770  16.272  11.610  1.00 33.87 ? 1087 HOH A O     1 
HETATM 1414 O O     . HOH D 4 .   ? 3.255   14.376  2.484   1.00 40.13 ? 1088 HOH A O     1 
HETATM 1415 O O     . HOH D 4 .   ? 13.796  10.196  0.333   1.00 35.53 ? 1089 HOH A O     1 
HETATM 1416 O O     . HOH D 4 .   ? 18.382  6.636   4.714   1.00 38.82 ? 1090 HOH A O     1 
HETATM 1417 O O     . HOH D 4 .   ? 0.169   12.573  -14.660 1.00 37.70 ? 1091 HOH A O     1 
HETATM 1418 O O     . HOH D 4 .   ? -17.263 -11.001 1.762   1.00 34.43 ? 1092 HOH A O     1 
HETATM 1419 O O     . HOH D 4 .   ? -11.304 -15.731 -9.145  1.00 48.64 ? 1093 HOH A O     1 
HETATM 1420 O O     . HOH D 4 .   ? -4.942  -17.871 -11.722 1.00 40.57 ? 1094 HOH A O     1 
HETATM 1421 O O     . HOH D 4 .   ? 3.904   -12.508 9.021   1.00 33.26 ? 1095 HOH A O     1 
HETATM 1422 O O     . HOH D 4 .   ? 10.153  -5.453  8.220   1.00 47.40 ? 1096 HOH A O     1 
HETATM 1423 O O     . HOH D 4 .   ? 3.023   3.876   -12.674 1.00 51.79 ? 1097 HOH A O     1 
HETATM 1424 O O     . HOH D 4 .   ? -4.915  3.064   -13.251 1.00 44.97 ? 1098 HOH A O     1 
HETATM 1425 O O     . HOH D 4 .   ? -23.040 3.833   2.159   1.00 44.16 ? 1099 HOH A O     1 
HETATM 1426 O O     . HOH D 4 .   ? -8.413  4.944   -14.720 1.00 38.68 ? 1100 HOH A O     1 
HETATM 1427 O O     . HOH D 4 .   ? -14.495 -9.915  -8.760  1.00 46.34 ? 1101 HOH A O     1 
HETATM 1428 O O     . HOH D 4 .   ? 1.540   16.724  -9.763  1.00 39.40 ? 1102 HOH A O     1 
HETATM 1429 O O     . HOH D 4 .   ? 18.253  6.040   7.526   1.00 52.03 ? 1103 HOH A O     1 
HETATM 1430 O O     . HOH D 4 .   ? 11.060  -9.778  -8.100  1.00 43.69 ? 1104 HOH A O     1 
HETATM 1431 O O     . HOH D 4 .   ? -12.962 -9.337  -11.218 1.00 43.81 ? 1105 HOH A O     1 
HETATM 1432 O O     . HOH D 4 .   ? -19.681 10.030  1.437   1.00 53.99 ? 1106 HOH A O     1 
HETATM 1433 O O     . HOH D 4 .   ? 18.229  2.338   -13.401 1.00 50.51 ? 1107 HOH A O     1 
HETATM 1434 O O     . HOH D 4 .   ? 3.266   -10.489 -17.190 1.00 43.77 ? 1108 HOH A O     1 
HETATM 1435 O O     . HOH D 4 .   ? -9.137  1.786   -15.658 1.00 39.28 ? 1109 HOH A O     1 
HETATM 1436 O O     . HOH D 4 .   ? -6.770  -6.659  -17.408 1.00 41.07 ? 1110 HOH A O     1 
HETATM 1437 O O     . HOH D 4 .   ? 3.926   16.262  6.039   1.00 37.39 ? 1111 HOH A O     1 
HETATM 1438 O O     . HOH D 4 .   ? 4.662   0.990   -14.727 1.00 45.03 ? 1112 HOH A O     1 
HETATM 1439 O O     . HOH D 4 .   ? -5.620  0.380   -15.226 1.00 44.82 ? 1113 HOH A O     1 
HETATM 1440 O O     . HOH D 4 .   ? 6.370   10.611  -10.496 1.00 51.96 ? 1114 HOH A O     1 
HETATM 1441 O O     . HOH D 4 .   ? -14.916 -13.281 -10.575 1.00 48.43 ? 1115 HOH A O     1 
HETATM 1442 O O     . HOH D 4 .   ? 21.179  -7.141  -5.671  1.00 46.96 ? 1116 HOH A O     1 
HETATM 1443 O O     . HOH D 4 .   ? -11.706 10.103  -2.050  1.00 35.77 ? 1117 HOH A O     1 
HETATM 1444 O O     . HOH D 4 .   ? -0.796  10.191  10.073  1.00 42.68 ? 1118 HOH A O     1 
HETATM 1445 O O     . HOH D 4 .   ? -2.803  -9.773  20.653  1.00 47.00 ? 1119 HOH A O     1 
HETATM 1446 O O     . HOH D 4 .   ? -11.309 -19.269 -2.943  1.00 50.00 ? 1120 HOH A O     1 
HETATM 1447 O O     . HOH D 4 .   ? 13.008  -10.567 2.807   1.00 47.15 ? 1121 HOH A O     1 
HETATM 1448 O O     . HOH D 4 .   ? -0.312  20.321  -1.061  1.00 45.03 ? 1122 HOH A O     1 
HETATM 1449 O O     . HOH D 4 .   ? 11.537  -9.399  0.136   1.00 52.10 ? 1123 HOH A O     1 
HETATM 1450 O O     . HOH D 4 .   ? -16.372 12.046  0.861   1.00 39.18 ? 1124 HOH A O     1 
HETATM 1451 O O     . HOH D 4 .   ? 2.743   -8.597  -14.905 1.00 36.94 ? 1125 HOH A O     1 
HETATM 1452 O O     . HOH D 4 .   ? -21.213 7.759   5.580   1.00 44.33 ? 1126 HOH A O     1 
HETATM 1453 O O     . HOH D 4 .   ? -11.450 -12.554 -13.680 1.00 46.71 ? 1127 HOH A O     1 
HETATM 1454 O O     . HOH D 4 .   ? 2.862   16.133  -11.908 1.00 45.20 ? 1128 HOH A O     1 
HETATM 1455 O O     . HOH D 4 .   ? 16.274  9.428   8.177   1.00 53.93 ? 1129 HOH A O     1 
HETATM 1456 O O     . HOH D 4 .   ? -10.905 -14.993 -16.454 1.00 57.94 ? 1130 HOH A O     1 
HETATM 1457 O O     . HOH D 4 .   ? -3.101  19.870  -11.551 1.00 49.75 ? 1131 HOH A O     1 
HETATM 1458 O O     . HOH D 4 .   ? 12.631  -12.148 -0.043  1.00 44.52 ? 1132 HOH A O     1 
HETATM 1459 O O     . HOH D 4 .   ? -16.735 -3.812  -8.955  1.00 49.98 ? 1133 HOH A O     1 
HETATM 1460 O O     . HOH D 4 .   ? 6.410   9.956   -13.718 1.00 60.74 ? 1134 HOH A O     1 
HETATM 1461 O O     . HOH D 4 .   ? -10.889 -9.436  -14.134 1.00 45.14 ? 1135 HOH A O     1 
HETATM 1462 O O     . HOH D 4 .   ? 9.625   -5.194  -12.184 1.00 47.14 ? 1136 HOH A O     1 
HETATM 1463 O O     . HOH D 4 .   ? -1.448  13.279  11.749  1.00 50.88 ? 1137 HOH A O     1 
HETATM 1464 O O     . HOH D 4 .   ? 4.839   -22.713 -10.045 1.00 39.75 ? 1138 HOH A O     1 
HETATM 1465 O O     . HOH D 4 .   ? 8.347   8.822   -12.771 1.00 54.03 ? 1139 HOH A O     1 
HETATM 1466 O O     . HOH D 4 .   ? -2.368  -18.422 -11.398 1.00 35.71 ? 1140 HOH A O     1 
HETATM 1467 O O     . HOH D 4 .   ? 11.308  15.056  1.273   1.00 35.10 ? 1141 HOH A O     1 
HETATM 1468 O O     . HOH D 4 .   ? 22.192  4.121   9.945   1.00 55.02 ? 1142 HOH A O     1 
HETATM 1469 O O     . HOH D 4 .   ? -0.520  -20.280 -13.915 1.00 51.31 ? 1143 HOH A O     1 
HETATM 1470 O O     . HOH D 4 .   ? -15.130 -10.781 -6.147  1.00 50.54 ? 1144 HOH A O     1 
HETATM 1471 O O     . HOH D 4 .   ? -3.396  -12.857 -19.224 1.00 55.96 ? 1145 HOH A O     1 
HETATM 1472 O O     . HOH D 4 .   ? -17.312 -0.918  -13.331 1.00 50.14 ? 1146 HOH A O     1 
HETATM 1473 O O     . HOH D 4 .   ? -7.668  9.152   -14.433 1.00 44.40 ? 1147 HOH A O     1 
HETATM 1474 O O     . HOH D 4 .   ? 12.490  -9.038  4.682   1.00 49.13 ? 1148 HOH A O     1 
HETATM 1475 O O     . HOH D 4 .   ? -18.994 -0.007  -10.612 1.00 49.21 ? 1149 HOH A O     1 
HETATM 1476 O O     . HOH D 4 .   ? -4.525  -14.989 -20.583 1.00 56.86 ? 1150 HOH A O     1 
HETATM 1477 O O     . HOH D 4 .   ? -14.348 -2.386  -14.415 1.00 47.60 ? 1151 HOH A O     1 
HETATM 1478 O O     . HOH D 4 .   ? 13.782  14.880  -2.210  1.00 55.67 ? 1152 HOH A O     1 
HETATM 1479 O O     . HOH D 4 .   ? 0.503   19.183  -8.578  1.00 56.64 ? 1153 HOH A O     1 
# 
